data_7SDG
# 
_entry.id   7SDG 
# 
_audit_conform.dict_name       mmcif_pdbx.dic 
_audit_conform.dict_version    5.392 
_audit_conform.dict_location   http://mmcif.pdb.org/dictionaries/ascii/mmcif_pdbx.dic 
# 
loop_
_database_2.database_id 
_database_2.database_code 
_database_2.pdbx_database_accession 
_database_2.pdbx_DOI 
PDB   7SDG         pdb_00007sdg 10.2210/pdb7sdg/pdb 
WWPDB D_1000259464 ?            ?                   
# 
loop_
_pdbx_audit_revision_history.ordinal 
_pdbx_audit_revision_history.data_content_type 
_pdbx_audit_revision_history.major_revision 
_pdbx_audit_revision_history.minor_revision 
_pdbx_audit_revision_history.revision_date 
1 'Structure model' 1 0 2022-10-05 
2 'Structure model' 1 1 2023-04-05 
3 'Structure model' 1 2 2024-05-22 
# 
_pdbx_audit_revision_details.ordinal             1 
_pdbx_audit_revision_details.revision_ordinal    1 
_pdbx_audit_revision_details.data_content_type   'Structure model' 
_pdbx_audit_revision_details.provider            repository 
_pdbx_audit_revision_details.type                'Initial release' 
_pdbx_audit_revision_details.description         ? 
_pdbx_audit_revision_details.details             ? 
# 
loop_
_pdbx_audit_revision_group.ordinal 
_pdbx_audit_revision_group.revision_ordinal 
_pdbx_audit_revision_group.data_content_type 
_pdbx_audit_revision_group.group 
1 2 'Structure model' 'Database references' 
2 3 'Structure model' 'Data collection'     
# 
loop_
_pdbx_audit_revision_category.ordinal 
_pdbx_audit_revision_category.revision_ordinal 
_pdbx_audit_revision_category.data_content_type 
_pdbx_audit_revision_category.category 
1 2 'Structure model' citation        
2 2 'Structure model' citation_author 
3 3 'Structure model' chem_comp_atom  
4 3 'Structure model' chem_comp_bond  
# 
loop_
_pdbx_audit_revision_item.ordinal 
_pdbx_audit_revision_item.revision_ordinal 
_pdbx_audit_revision_item.data_content_type 
_pdbx_audit_revision_item.item 
1 2 'Structure model' '_citation.journal_abbrev'          
2 2 'Structure model' '_citation.journal_id_CSD'          
3 2 'Structure model' '_citation.journal_id_ISSN'         
4 2 'Structure model' '_citation.page_first'              
5 2 'Structure model' '_citation.page_last'               
6 2 'Structure model' '_citation.pdbx_database_id_DOI'    
7 2 'Structure model' '_citation.pdbx_database_id_PubMed' 
8 2 'Structure model' '_citation.title'                   
9 2 'Structure model' '_citation.year'                    
# 
_pdbx_database_status.status_code                     REL 
_pdbx_database_status.status_code_sf                  REL 
_pdbx_database_status.status_code_mr                  ? 
_pdbx_database_status.entry_id                        7SDG 
_pdbx_database_status.recvd_initial_deposition_date   2021-09-29 
_pdbx_database_status.SG_entry                        N 
_pdbx_database_status.deposit_site                    RCSB 
_pdbx_database_status.process_site                    RCSB 
_pdbx_database_status.status_code_cs                  ? 
_pdbx_database_status.status_code_nmr_data            ? 
_pdbx_database_status.methods_development_category    ? 
_pdbx_database_status.pdb_format_compatible           Y 
# 
_pdbx_database_related.db_name        PDB 
_pdbx_database_related.details        'Contains a different base pair in the same motif.' 
_pdbx_database_related.db_id          7SD6 
_pdbx_database_related.content_type   unspecified 
# 
_pdbx_contact_author.id                 3 
_pdbx_contact_author.email              ncs01@nyu.edu 
_pdbx_contact_author.name_first         Nadrian 
_pdbx_contact_author.name_last          Seeman 
_pdbx_contact_author.name_mi            ? 
_pdbx_contact_author.role               'principal investigator/group leader' 
_pdbx_contact_author.identifier_ORCID   0000-0002-9680-4649 
# 
loop_
_audit_author.name 
_audit_author.pdbx_ordinal 
_audit_author.identifier_ORCID 
'Vecchioni, S.' 1 0000-0001-8243-650X 
'Lu, B.'        2 0000-0001-6424-2197 
'Seeman, N.C.'  3 0000-0002-9680-4649 
'Sha, R.'       4 0000-0002-0807-734X 
'Ohayon, Y.P.'  5 0000-0001-7500-4282 
# 
_citation.abstract                  ? 
_citation.abstract_id_CAS           ? 
_citation.book_id_ISBN              ? 
_citation.book_publisher            ? 
_citation.book_publisher_city       ? 
_citation.book_title                ? 
_citation.coordinate_linkage        ? 
_citation.country                   ? 
_citation.database_id_Medline       ? 
_citation.details                   ? 
_citation.id                        primary 
_citation.journal_abbrev            'Adv Mater' 
_citation.journal_id_ASTM           ? 
_citation.journal_id_CSD            ? 
_citation.journal_id_ISSN           1521-4095 
_citation.journal_full              ? 
_citation.journal_issue             ? 
_citation.journal_volume            ? 
_citation.language                  ? 
_citation.page_first                e2201938 
_citation.page_last                 e2201938 
_citation.title                     'Metal-Mediated DNA Nanotechnology in 3D: Structural Library by Templated Diffraction.' 
_citation.year                      2023 
_citation.database_id_CSD           ? 
_citation.pdbx_database_id_DOI      10.1002/adma.202201938 
_citation.pdbx_database_id_PubMed   36939292 
_citation.pdbx_database_id_patent   ? 
_citation.unpublished_flag          ? 
# 
loop_
_citation_author.citation_id 
_citation_author.name 
_citation_author.ordinal 
_citation_author.identifier_ORCID 
primary 'Vecchioni, S.'     1  ? 
primary 'Lu, B.'            2  ? 
primary 'Livernois, W.'     3  ? 
primary 'Ohayon, Y.P.'      4  ? 
primary 'Yoder, J.B.'       5  ? 
primary 'Yang, C.F.'        6  ? 
primary 'Woloszyn, K.'      7  ? 
primary 'Bernfeld, W.'      8  ? 
primary 'Anantram, M.P.'    9  ? 
primary 'Canary, J.W.'      10 ? 
primary 'Hendrickson, W.A.' 11 ? 
primary 'Rothschild, L.J.'  12 ? 
primary 'Mao, C.'           13 ? 
primary 'Wind, S.J.'        14 ? 
primary 'Seeman, N.C.'      15 ? 
primary 'Sha, R.'           16 ? 
# 
loop_
_entity.id 
_entity.type 
_entity.src_method 
_entity.pdbx_description 
_entity.formula_weight 
_entity.pdbx_number_of_molecules 
_entity.pdbx_ec 
_entity.pdbx_mutation 
_entity.pdbx_fragment 
_entity.details 
1 polymer     syn 
;DNA (5'-D(*GP*AP*GP*CP*AP*GP*CP*CP*TP*GP*TP*CP*TP*GP*GP*AP*CP*AP*TP*CP*A)-3')
;
6448.173 1 ? ? ? ? 
2 polymer     syn 
;DNA (5'-D(P*CP*CP*AP*CP*AP*CP*A)-3')
;
2051.390 1 ? ? ? ? 
3 polymer     syn 
;DNA (5'-D(P*GP*GP*CP*TP*GP*CP*T)-3')
;
2129.409 1 ? ? ? ? 
4 polymer     syn 
;DNA (5'-D(P*CP*TP*GP*AP*TP*GP*T)-3')
;
2128.421 1 ? ? ? ? 
5 non-polymer syn 'SILVER ION'                                                                    107.868  2 ? ? ? ? 
# 
loop_
_entity_poly.entity_id 
_entity_poly.type 
_entity_poly.nstd_linkage 
_entity_poly.nstd_monomer 
_entity_poly.pdbx_seq_one_letter_code 
_entity_poly.pdbx_seq_one_letter_code_can 
_entity_poly.pdbx_strand_id 
_entity_poly.pdbx_target_identifier 
1 polydeoxyribonucleotide no no 
;(DG)(DA)(DG)(DC)(DA)(DG)(DC)(DC)(DT)(DG)(DT)(DC)(DT)(DG)(DG)(DA)(DC)(DA)(DT)(DC)
(DA)
;
GAGCAGCCTGTCTGGACATCA A ? 
2 polydeoxyribonucleotide no no '(DC)(DC)(DA)(DC)(DA)(DC)(DA)'                                                          CCACACA B 
? 
3 polydeoxyribonucleotide no no '(DG)(DG)(DC)(DT)(DG)(DC)(DT)'                                                          GGCTGCT C 
? 
4 polydeoxyribonucleotide no no '(DC)(DT)(DG)(DA)(DT)(DG)(DT)'                                                          CTGATGT D 
? 
# 
_pdbx_entity_nonpoly.entity_id   5 
_pdbx_entity_nonpoly.name        'SILVER ION' 
_pdbx_entity_nonpoly.comp_id     AG 
# 
loop_
_entity_poly_seq.entity_id 
_entity_poly_seq.num 
_entity_poly_seq.mon_id 
_entity_poly_seq.hetero 
1 1  DG n 
1 2  DA n 
1 3  DG n 
1 4  DC n 
1 5  DA n 
1 6  DG n 
1 7  DC n 
1 8  DC n 
1 9  DT n 
1 10 DG n 
1 11 DT n 
1 12 DC n 
1 13 DT n 
1 14 DG n 
1 15 DG n 
1 16 DA n 
1 17 DC n 
1 18 DA n 
1 19 DT n 
1 20 DC n 
1 21 DA n 
2 1  DC n 
2 2  DC n 
2 3  DA n 
2 4  DC n 
2 5  DA n 
2 6  DC n 
2 7  DA n 
3 1  DG n 
3 2  DG n 
3 3  DC n 
3 4  DT n 
3 5  DG n 
3 6  DC n 
3 7  DT n 
4 1  DC n 
4 2  DT n 
4 3  DG n 
4 4  DA n 
4 5  DT n 
4 6  DG n 
4 7  DT n 
# 
loop_
_pdbx_entity_src_syn.entity_id 
_pdbx_entity_src_syn.pdbx_src_id 
_pdbx_entity_src_syn.pdbx_alt_source_flag 
_pdbx_entity_src_syn.pdbx_beg_seq_num 
_pdbx_entity_src_syn.pdbx_end_seq_num 
_pdbx_entity_src_syn.organism_scientific 
_pdbx_entity_src_syn.organism_common_name 
_pdbx_entity_src_syn.ncbi_taxonomy_id 
_pdbx_entity_src_syn.details 
1 1 sample 1 21 'synthetic construct' ? 32630 ? 
2 1 sample 1 7  'synthetic construct' ? 32630 ? 
3 1 sample 1 7  'synthetic construct' ? 32630 ? 
4 1 sample 1 7  'synthetic construct' ? 32630 ? 
# 
loop_
_chem_comp.id 
_chem_comp.type 
_chem_comp.mon_nstd_flag 
_chem_comp.name 
_chem_comp.pdbx_synonyms 
_chem_comp.formula 
_chem_comp.formula_weight 
AG non-polymer   . 'SILVER ION'                         ? 'Ag 1'            107.868 
DA 'DNA linking' y "2'-DEOXYADENOSINE-5'-MONOPHOSPHATE" ? 'C10 H14 N5 O6 P' 331.222 
DC 'DNA linking' y "2'-DEOXYCYTIDINE-5'-MONOPHOSPHATE"  ? 'C9 H14 N3 O7 P'  307.197 
DG 'DNA linking' y "2'-DEOXYGUANOSINE-5'-MONOPHOSPHATE" ? 'C10 H14 N5 O7 P' 347.221 
DT 'DNA linking' y "THYMIDINE-5'-MONOPHOSPHATE"         ? 'C10 H15 N2 O8 P' 322.208 
# 
loop_
_pdbx_poly_seq_scheme.asym_id 
_pdbx_poly_seq_scheme.entity_id 
_pdbx_poly_seq_scheme.seq_id 
_pdbx_poly_seq_scheme.mon_id 
_pdbx_poly_seq_scheme.ndb_seq_num 
_pdbx_poly_seq_scheme.pdb_seq_num 
_pdbx_poly_seq_scheme.auth_seq_num 
_pdbx_poly_seq_scheme.pdb_mon_id 
_pdbx_poly_seq_scheme.auth_mon_id 
_pdbx_poly_seq_scheme.pdb_strand_id 
_pdbx_poly_seq_scheme.pdb_ins_code 
_pdbx_poly_seq_scheme.hetero 
A 1 1  DG 1  1  1  DG DG A . n 
A 1 2  DA 2  2  2  DA DA A . n 
A 1 3  DG 3  3  3  DG DG A . n 
A 1 4  DC 4  4  4  DC DC A . n 
A 1 5  DA 5  5  5  DA DA A . n 
A 1 6  DG 6  6  6  DG DG A . n 
A 1 7  DC 7  7  7  DC DC A . n 
A 1 8  DC 8  8  8  DC DC A . n 
A 1 9  DT 9  9  9  DT DT A . n 
A 1 10 DG 10 10 10 DG DG A . n 
A 1 11 DT 11 11 11 DT DT A . n 
A 1 12 DC 12 12 12 DC DC A . n 
A 1 13 DT 13 13 13 DT DT A . n 
A 1 14 DG 14 14 14 DG DG A . n 
A 1 15 DG 15 15 15 DG DG A . n 
A 1 16 DA 16 16 16 DA DA A . n 
A 1 17 DC 17 17 17 DC DC A . n 
A 1 18 DA 18 18 18 DA DA A . n 
A 1 19 DT 19 19 19 DT DT A . n 
A 1 20 DC 20 20 20 DC DC A . n 
A 1 21 DA 21 21 21 DA DA A . n 
B 2 1  DC 1  1  1  DC DC B . n 
B 2 2  DC 2  2  2  DC DC B . n 
B 2 3  DA 3  3  3  DA DA B . n 
B 2 4  DC 4  4  4  DC DC B . n 
B 2 5  DA 5  5  5  DA DA B . n 
B 2 6  DC 6  6  6  DC DC B . n 
B 2 7  DA 7  7  7  DA DA B . n 
C 3 1  DG 1  8  8  DG DG C . n 
C 3 2  DG 2  9  9  DG DG C . n 
C 3 3  DC 3  10 10 DC DC C . n 
C 3 4  DT 4  11 11 DT DT C . n 
C 3 5  DG 5  12 12 DG DG C . n 
C 3 6  DC 6  13 13 DC DC C . n 
C 3 7  DT 7  14 14 DT DT C . n 
D 4 1  DC 1  1  1  DC DC D . n 
D 4 2  DT 2  2  2  DT DT D . n 
D 4 3  DG 3  3  3  DG DG D . n 
D 4 4  DA 4  4  4  DA DA D . n 
D 4 5  DT 5  5  5  DT DT D . n 
D 4 6  DG 6  6  6  DG DG D . n 
D 4 7  DT 7  7  7  DT DT D . n 
# 
loop_
_pdbx_nonpoly_scheme.asym_id 
_pdbx_nonpoly_scheme.entity_id 
_pdbx_nonpoly_scheme.mon_id 
_pdbx_nonpoly_scheme.ndb_seq_num 
_pdbx_nonpoly_scheme.pdb_seq_num 
_pdbx_nonpoly_scheme.auth_seq_num 
_pdbx_nonpoly_scheme.pdb_mon_id 
_pdbx_nonpoly_scheme.auth_mon_id 
_pdbx_nonpoly_scheme.pdb_strand_id 
_pdbx_nonpoly_scheme.pdb_ins_code 
E 5 AG 1 101 1 AG AG B . 
F 5 AG 1 102 2 AG AG B . 
# 
loop_
_software.citation_id 
_software.classification 
_software.compiler_name 
_software.compiler_version 
_software.contact_author 
_software.contact_author_email 
_software.date 
_software.description 
_software.dependencies 
_software.hardware 
_software.language 
_software.location 
_software.mods 
_software.name 
_software.os 
_software.os_version 
_software.type 
_software.version 
_software.pdbx_ordinal 
? refinement       ? ? ? ? ? ? ? ? ? ? ? PHENIX    ? ? ? 1.18.2_3874 1 
? 'data reduction' ? ? ? ? ? ? ? ? ? ? ? autoPROC  ? ? ? .           2 
? 'data scaling'   ? ? ? ? ? ? ? ? ? ? ? STARANISO ? ? ? .           3 
? phasing          ? ? ? ? ? ? ? ? ? ? ? AutoSol   ? ? ? .           4 
# 
_cell.angle_alpha                  90.000 
_cell.angle_alpha_esd              ? 
_cell.angle_beta                   90.000 
_cell.angle_beta_esd               ? 
_cell.angle_gamma                  120.000 
_cell.angle_gamma_esd              ? 
_cell.entry_id                     7SDG 
_cell.details                      ? 
_cell.formula_units_Z              ? 
_cell.length_a                     105.984 
_cell.length_a_esd                 ? 
_cell.length_b                     105.984 
_cell.length_b_esd                 ? 
_cell.length_c                     90.264 
_cell.length_c_esd                 ? 
_cell.volume                       878063.288 
_cell.volume_esd                   ? 
_cell.Z_PDB                        9 
_cell.reciprocal_angle_alpha       ? 
_cell.reciprocal_angle_beta        ? 
_cell.reciprocal_angle_gamma       ? 
_cell.reciprocal_angle_alpha_esd   ? 
_cell.reciprocal_angle_beta_esd    ? 
_cell.reciprocal_angle_gamma_esd   ? 
_cell.reciprocal_length_a          ? 
_cell.reciprocal_length_b          ? 
_cell.reciprocal_length_c          ? 
_cell.reciprocal_length_a_esd      ? 
_cell.reciprocal_length_b_esd      ? 
_cell.reciprocal_length_c_esd      ? 
_cell.pdbx_unique_axis             ? 
# 
_symmetry.entry_id                         7SDG 
_symmetry.cell_setting                     ? 
_symmetry.Int_Tables_number                146 
_symmetry.space_group_name_Hall            'R 3' 
_symmetry.space_group_name_H-M             'H 3' 
_symmetry.pdbx_full_space_group_name_H-M   ? 
# 
_exptl.absorpt_coefficient_mu     ? 
_exptl.absorpt_correction_T_max   ? 
_exptl.absorpt_correction_T_min   ? 
_exptl.absorpt_correction_type    ? 
_exptl.absorpt_process_details    ? 
_exptl.entry_id                   7SDG 
_exptl.crystals_number            1 
_exptl.details                    ? 
_exptl.method                     'X-RAY DIFFRACTION' 
_exptl.method_details             ? 
# 
_exptl_crystal.colour                      ? 
_exptl_crystal.density_diffrn              ? 
_exptl_crystal.density_Matthews            8.41 
_exptl_crystal.density_method              ? 
_exptl_crystal.density_percent_sol         ? 
_exptl_crystal.description                 Rhombohedral 
_exptl_crystal.F_000                       ? 
_exptl_crystal.id                          1 
_exptl_crystal.preparation                 ? 
_exptl_crystal.size_max                    ? 
_exptl_crystal.size_mid                    ? 
_exptl_crystal.size_min                    ? 
_exptl_crystal.size_rad                    ? 
_exptl_crystal.colour_lustre               ? 
_exptl_crystal.colour_modifier             ? 
_exptl_crystal.colour_primary              ? 
_exptl_crystal.density_meas                ? 
_exptl_crystal.density_meas_esd            ? 
_exptl_crystal.density_meas_gt             ? 
_exptl_crystal.density_meas_lt             ? 
_exptl_crystal.density_meas_temp           ? 
_exptl_crystal.density_meas_temp_esd       ? 
_exptl_crystal.density_meas_temp_gt        ? 
_exptl_crystal.density_meas_temp_lt        ? 
_exptl_crystal.pdbx_crystal_image_url      ? 
_exptl_crystal.pdbx_crystal_image_format   ? 
_exptl_crystal.pdbx_mosaicity              ? 
_exptl_crystal.pdbx_mosaicity_esd          ? 
# 
_exptl_crystal_grow.apparatus       ? 
_exptl_crystal_grow.atmosphere      ? 
_exptl_crystal_grow.crystal_id      1 
_exptl_crystal_grow.details         ? 
_exptl_crystal_grow.method          'VAPOR DIFFUSION, HANGING DROP' 
_exptl_crystal_grow.method_ref      ? 
_exptl_crystal_grow.pH              7.8 
_exptl_crystal_grow.pressure        ? 
_exptl_crystal_grow.pressure_esd    ? 
_exptl_crystal_grow.seeding         ? 
_exptl_crystal_grow.seeding_ref     ? 
_exptl_crystal_grow.temp            293 
_exptl_crystal_grow.temp_details    '338-293 at 0.4/hr' 
_exptl_crystal_grow.temp_esd        ? 
_exptl_crystal_grow.time            ? 
_exptl_crystal_grow.pdbx_details    'MOPS, Magnesium sulfate, Silver nitrate' 
_exptl_crystal_grow.pdbx_pH_range   ? 
# 
_diffrn.ambient_environment              ? 
_diffrn.ambient_temp                     100 
_diffrn.ambient_temp_details             ? 
_diffrn.ambient_temp_esd                 ? 
_diffrn.crystal_id                       1 
_diffrn.crystal_support                  ? 
_diffrn.crystal_treatment                ? 
_diffrn.details                          ? 
_diffrn.id                               1 
_diffrn.ambient_pressure                 ? 
_diffrn.ambient_pressure_esd             ? 
_diffrn.ambient_pressure_gt              ? 
_diffrn.ambient_pressure_lt              ? 
_diffrn.ambient_temp_gt                  ? 
_diffrn.ambient_temp_lt                  ? 
_diffrn.pdbx_serial_crystal_experiment   N 
# 
_diffrn_detector.details                      ? 
_diffrn_detector.detector                     PIXEL 
_diffrn_detector.diffrn_id                    1 
_diffrn_detector.type                         'DECTRIS EIGER2 X 9M' 
_diffrn_detector.area_resol_mean              ? 
_diffrn_detector.dtime                        ? 
_diffrn_detector.pdbx_frames_total            ? 
_diffrn_detector.pdbx_collection_time_total   ? 
_diffrn_detector.pdbx_collection_date         2020-11-14 
_diffrn_detector.pdbx_frequency               ? 
# 
_diffrn_radiation.collimation                      ? 
_diffrn_radiation.diffrn_id                        1 
_diffrn_radiation.filter_edge                      ? 
_diffrn_radiation.inhomogeneity                    ? 
_diffrn_radiation.monochromator                    ? 
_diffrn_radiation.polarisn_norm                    ? 
_diffrn_radiation.polarisn_ratio                   ? 
_diffrn_radiation.probe                            ? 
_diffrn_radiation.type                             ? 
_diffrn_radiation.xray_symbol                      ? 
_diffrn_radiation.wavelength_id                    1 
_diffrn_radiation.pdbx_monochromatic_or_laue_m_l   M 
_diffrn_radiation.pdbx_wavelength_list             ? 
_diffrn_radiation.pdbx_wavelength                  ? 
_diffrn_radiation.pdbx_diffrn_protocol             'SINGLE WAVELENGTH' 
_diffrn_radiation.pdbx_analyzer                    ? 
_diffrn_radiation.pdbx_scattering_type             x-ray 
# 
_diffrn_radiation_wavelength.id           1 
_diffrn_radiation_wavelength.wavelength   1.00743 
_diffrn_radiation_wavelength.wt           1.0 
# 
_diffrn_source.current                     ? 
_diffrn_source.details                     ? 
_diffrn_source.diffrn_id                   1 
_diffrn_source.power                       ? 
_diffrn_source.size                        ? 
_diffrn_source.source                      SYNCHROTRON 
_diffrn_source.target                      ? 
_diffrn_source.type                        'APS BEAMLINE 17-ID' 
_diffrn_source.voltage                     ? 
_diffrn_source.take-off_angle              ? 
_diffrn_source.pdbx_wavelength_list        1.00743 
_diffrn_source.pdbx_wavelength             ? 
_diffrn_source.pdbx_synchrotron_beamline   17-ID 
_diffrn_source.pdbx_synchrotron_site       APS 
# 
_reflns.B_iso_Wilson_estimate                          281.20 
_reflns.entry_id                                       7SDG 
_reflns.data_reduction_details                         ? 
_reflns.data_reduction_method                          ? 
_reflns.d_resolution_high                              3.627 
_reflns.d_resolution_low                               64.357 
_reflns.details                                        ? 
_reflns.limit_h_max                                    ? 
_reflns.limit_h_min                                    ? 
_reflns.limit_k_max                                    ? 
_reflns.limit_k_min                                    ? 
_reflns.limit_l_max                                    ? 
_reflns.limit_l_min                                    ? 
_reflns.number_all                                     ? 
_reflns.number_obs                                     2608 
_reflns.observed_criterion                             ? 
_reflns.observed_criterion_F_max                       ? 
_reflns.observed_criterion_F_min                       ? 
_reflns.observed_criterion_I_max                       ? 
_reflns.observed_criterion_I_min                       ? 
_reflns.observed_criterion_sigma_F                     ? 
_reflns.observed_criterion_sigma_I                     ? 
_reflns.percent_possible_obs                           84.7 
_reflns.R_free_details                                 ? 
_reflns.Rmerge_F_all                                   ? 
_reflns.Rmerge_F_obs                                   ? 
_reflns.Friedel_coverage                               ? 
_reflns.number_gt                                      ? 
_reflns.threshold_expression                           ? 
_reflns.pdbx_redundancy                                10.8 
_reflns.pdbx_Rmerge_I_obs                              ? 
_reflns.pdbx_Rmerge_I_all                              ? 
_reflns.pdbx_Rsym_value                                ? 
_reflns.pdbx_netI_over_av_sigmaI                       ? 
_reflns.pdbx_netI_over_sigmaI                          9.5 
_reflns.pdbx_res_netI_over_av_sigmaI_2                 ? 
_reflns.pdbx_res_netI_over_sigmaI_2                    ? 
_reflns.pdbx_chi_squared                               ? 
_reflns.pdbx_scaling_rejects                           ? 
_reflns.pdbx_d_res_high_opt                            ? 
_reflns.pdbx_d_res_low_opt                             ? 
_reflns.pdbx_d_res_opt_method                          ? 
_reflns.phase_calculation_details                      ? 
_reflns.pdbx_Rrim_I_all                                ? 
_reflns.pdbx_Rpim_I_all                                ? 
_reflns.pdbx_d_opt                                     ? 
_reflns.pdbx_number_measured_all                       ? 
_reflns.pdbx_diffrn_id                                 1 
_reflns.pdbx_ordinal                                   1 
_reflns.pdbx_CC_half                                   1.000 
_reflns.pdbx_CC_star                                   ? 
_reflns.pdbx_R_split                                   ? 
_reflns.pdbx_aniso_diffraction_limit_axis_1_ortho[1]   ? 
_reflns.pdbx_aniso_diffraction_limit_axis_1_ortho[2]   ? 
_reflns.pdbx_aniso_diffraction_limit_axis_1_ortho[3]   ? 
_reflns.pdbx_aniso_diffraction_limit_axis_2_ortho[1]   ? 
_reflns.pdbx_aniso_diffraction_limit_axis_2_ortho[2]   ? 
_reflns.pdbx_aniso_diffraction_limit_axis_2_ortho[3]   ? 
_reflns.pdbx_aniso_diffraction_limit_axis_3_ortho[1]   ? 
_reflns.pdbx_aniso_diffraction_limit_axis_3_ortho[2]   ? 
_reflns.pdbx_aniso_diffraction_limit_axis_3_ortho[3]   ? 
_reflns.pdbx_aniso_diffraction_limit_1                 ? 
_reflns.pdbx_aniso_diffraction_limit_2                 ? 
_reflns.pdbx_aniso_diffraction_limit_3                 ? 
_reflns.pdbx_aniso_B_tensor_eigenvector_1_ortho[1]     ? 
_reflns.pdbx_aniso_B_tensor_eigenvector_1_ortho[2]     ? 
_reflns.pdbx_aniso_B_tensor_eigenvector_1_ortho[3]     ? 
_reflns.pdbx_aniso_B_tensor_eigenvector_2_ortho[1]     ? 
_reflns.pdbx_aniso_B_tensor_eigenvector_2_ortho[2]     ? 
_reflns.pdbx_aniso_B_tensor_eigenvector_2_ortho[3]     ? 
_reflns.pdbx_aniso_B_tensor_eigenvector_3_ortho[1]     ? 
_reflns.pdbx_aniso_B_tensor_eigenvector_3_ortho[2]     ? 
_reflns.pdbx_aniso_B_tensor_eigenvector_3_ortho[3]     ? 
_reflns.pdbx_aniso_B_tensor_eigenvalue_1               ? 
_reflns.pdbx_aniso_B_tensor_eigenvalue_2               ? 
_reflns.pdbx_aniso_B_tensor_eigenvalue_3               ? 
_reflns.pdbx_orthogonalization_convention              ? 
_reflns.pdbx_percent_possible_ellipsoidal              ? 
_reflns.pdbx_percent_possible_spherical                ? 
_reflns.pdbx_percent_possible_ellipsoidal_anomalous    ? 
_reflns.pdbx_percent_possible_spherical_anomalous      ? 
_reflns.pdbx_redundancy_anomalous                      ? 
_reflns.pdbx_CC_half_anomalous                         ? 
_reflns.pdbx_absDiff_over_sigma_anomalous              ? 
_reflns.pdbx_percent_possible_anomalous                ? 
_reflns.pdbx_observed_signal_threshold                 ? 
_reflns.pdbx_signal_type                               ? 
_reflns.pdbx_signal_details                            ? 
_reflns.pdbx_signal_software_id                        ? 
# 
loop_
_reflns_shell.d_res_high 
_reflns_shell.d_res_low 
_reflns_shell.meanI_over_sigI_all 
_reflns_shell.meanI_over_sigI_obs 
_reflns_shell.number_measured_all 
_reflns_shell.number_measured_obs 
_reflns_shell.number_possible 
_reflns_shell.number_unique_all 
_reflns_shell.number_unique_obs 
_reflns_shell.percent_possible_all 
_reflns_shell.percent_possible_obs 
_reflns_shell.Rmerge_F_all 
_reflns_shell.Rmerge_F_obs 
_reflns_shell.Rmerge_I_all 
_reflns_shell.Rmerge_I_obs 
_reflns_shell.meanI_over_sigI_gt 
_reflns_shell.meanI_over_uI_all 
_reflns_shell.meanI_over_uI_gt 
_reflns_shell.number_measured_gt 
_reflns_shell.number_unique_gt 
_reflns_shell.percent_possible_gt 
_reflns_shell.Rmerge_F_gt 
_reflns_shell.Rmerge_I_gt 
_reflns_shell.pdbx_redundancy 
_reflns_shell.pdbx_Rsym_value 
_reflns_shell.pdbx_chi_squared 
_reflns_shell.pdbx_netI_over_sigmaI_all 
_reflns_shell.pdbx_netI_over_sigmaI_obs 
_reflns_shell.pdbx_Rrim_I_all 
_reflns_shell.pdbx_Rpim_I_all 
_reflns_shell.pdbx_rejects 
_reflns_shell.pdbx_ordinal 
_reflns_shell.pdbx_diffrn_id 
_reflns_shell.pdbx_CC_half 
_reflns_shell.pdbx_CC_star 
_reflns_shell.pdbx_R_split 
_reflns_shell.pdbx_percent_possible_ellipsoidal 
_reflns_shell.pdbx_percent_possible_spherical 
_reflns_shell.pdbx_percent_possible_ellipsoidal_anomalous 
_reflns_shell.pdbx_percent_possible_spherical_anomalous 
_reflns_shell.pdbx_redundancy_anomalous 
_reflns_shell.pdbx_CC_half_anomalous 
_reflns_shell.pdbx_absDiff_over_sigma_anomalous 
_reflns_shell.pdbx_percent_possible_anomalous 
3.627  4.056  ? 0.6  ? ? ? ? 199 44.0  ? ? ? ? ? ? ? ? ? ? ? ? ? 10.2 ? ? ? ? ? ? ? 1 1 0.082 ? ? ? ? ? ? ? ? ? ? 
10.066 64.357 ? 27.4 ? ? ? ? 200 100.0 ? ? ? ? ? ? ? ? ? ? ? ? ? 11.6 ? ? ? ? ? ? ? 2 1 1.000 ? ? ? ? ? ? ? ? ? ? 
# 
_refine.aniso_B[1][1]                            ? 
_refine.aniso_B[1][2]                            ? 
_refine.aniso_B[1][3]                            ? 
_refine.aniso_B[2][2]                            ? 
_refine.aniso_B[2][3]                            ? 
_refine.aniso_B[3][3]                            ? 
_refine.B_iso_max                                ? 
_refine.B_iso_mean                               291.33 
_refine.B_iso_min                                ? 
_refine.correlation_coeff_Fo_to_Fc               ? 
_refine.correlation_coeff_Fo_to_Fc_free          ? 
_refine.details                                  ? 
_refine.diff_density_max                         ? 
_refine.diff_density_max_esd                     ? 
_refine.diff_density_min                         ? 
_refine.diff_density_min_esd                     ? 
_refine.diff_density_rms                         ? 
_refine.diff_density_rms_esd                     ? 
_refine.entry_id                                 7SDG 
_refine.pdbx_refine_id                           'X-RAY DIFFRACTION' 
_refine.ls_abs_structure_details                 ? 
_refine.ls_abs_structure_Flack                   ? 
_refine.ls_abs_structure_Flack_esd               ? 
_refine.ls_abs_structure_Rogers                  ? 
_refine.ls_abs_structure_Rogers_esd              ? 
_refine.ls_d_res_high                            3.63 
_refine.ls_d_res_low                             32.38 
_refine.ls_extinction_coef                       ? 
_refine.ls_extinction_coef_esd                   ? 
_refine.ls_extinction_expression                 ? 
_refine.ls_extinction_method                     ? 
_refine.ls_goodness_of_fit_all                   ? 
_refine.ls_goodness_of_fit_all_esd               ? 
_refine.ls_goodness_of_fit_obs                   ? 
_refine.ls_goodness_of_fit_obs_esd               ? 
_refine.ls_hydrogen_treatment                    ? 
_refine.ls_matrix_type                           ? 
_refine.ls_number_constraints                    ? 
_refine.ls_number_parameters                     ? 
_refine.ls_number_reflns_all                     ? 
_refine.ls_number_reflns_obs                     2602 
_refine.ls_number_reflns_R_free                  254 
_refine.ls_number_reflns_R_work                  4950 
_refine.ls_number_restraints                     ? 
_refine.ls_percent_reflns_obs                    60.64 
_refine.ls_percent_reflns_R_free                 4.88 
_refine.ls_R_factor_all                          ? 
_refine.ls_R_factor_obs                          0.1888 
_refine.ls_R_factor_R_free                       0.2070 
_refine.ls_R_factor_R_free_error                 ? 
_refine.ls_R_factor_R_free_error_details         ? 
_refine.ls_R_factor_R_work                       0.1875 
_refine.ls_R_Fsqd_factor_obs                     ? 
_refine.ls_R_I_factor_obs                        ? 
_refine.ls_redundancy_reflns_all                 ? 
_refine.ls_redundancy_reflns_obs                 ? 
_refine.ls_restrained_S_all                      ? 
_refine.ls_restrained_S_obs                      ? 
_refine.ls_shift_over_esd_max                    ? 
_refine.ls_shift_over_esd_mean                   ? 
_refine.ls_structure_factor_coef                 ? 
_refine.ls_weighting_details                     ? 
_refine.ls_weighting_scheme                      ? 
_refine.ls_wR_factor_all                         ? 
_refine.ls_wR_factor_obs                         ? 
_refine.ls_wR_factor_R_free                      ? 
_refine.ls_wR_factor_R_work                      ? 
_refine.occupancy_max                            ? 
_refine.occupancy_min                            ? 
_refine.solvent_model_details                    'FLAT BULK SOLVENT MODEL' 
_refine.solvent_model_param_bsol                 ? 
_refine.solvent_model_param_ksol                 ? 
_refine.pdbx_R_complete                          ? 
_refine.ls_R_factor_gt                           ? 
_refine.ls_goodness_of_fit_gt                    ? 
_refine.ls_goodness_of_fit_ref                   ? 
_refine.ls_shift_over_su_max                     ? 
_refine.ls_shift_over_su_max_lt                  ? 
_refine.ls_shift_over_su_mean                    ? 
_refine.ls_shift_over_su_mean_lt                 ? 
_refine.pdbx_ls_sigma_I                          ? 
_refine.pdbx_ls_sigma_F                          1.91 
_refine.pdbx_ls_sigma_Fsqd                       ? 
_refine.pdbx_data_cutoff_high_absF               ? 
_refine.pdbx_data_cutoff_high_rms_absF           ? 
_refine.pdbx_data_cutoff_low_absF                ? 
_refine.pdbx_isotropic_thermal_model             ? 
_refine.pdbx_ls_cross_valid_method               'FREE R-VALUE' 
_refine.pdbx_method_to_determine_struct          SAD 
_refine.pdbx_starting_model                      ? 
_refine.pdbx_stereochemistry_target_values       'GeoStd + Monomer Library + CDL v1.2' 
_refine.pdbx_R_Free_selection_details            ? 
_refine.pdbx_stereochem_target_val_spec_case     ? 
_refine.pdbx_overall_ESU_R                       ? 
_refine.pdbx_overall_ESU_R_Free                  ? 
_refine.pdbx_solvent_vdw_probe_radii             1.1100 
_refine.pdbx_solvent_ion_probe_radii             ? 
_refine.pdbx_solvent_shrinkage_radii             0.9000 
_refine.pdbx_real_space_R                        ? 
_refine.pdbx_density_correlation                 ? 
_refine.pdbx_pd_number_of_powder_patterns        ? 
_refine.pdbx_pd_number_of_points                 ? 
_refine.pdbx_pd_meas_number_of_points            ? 
_refine.pdbx_pd_proc_ls_prof_R_factor            ? 
_refine.pdbx_pd_proc_ls_prof_wR_factor           ? 
_refine.pdbx_pd_Marquardt_correlation_coeff      ? 
_refine.pdbx_pd_Fsqrd_R_factor                   ? 
_refine.pdbx_pd_ls_matrix_band_width             ? 
_refine.pdbx_overall_phase_error                 44.7372 
_refine.pdbx_overall_SU_R_free_Cruickshank_DPI   ? 
_refine.pdbx_overall_SU_R_free_Blow_DPI          ? 
_refine.pdbx_overall_SU_R_Blow_DPI               ? 
_refine.pdbx_TLS_residual_ADP_flag               ? 
_refine.pdbx_diffrn_id                           1 
_refine.overall_SU_B                             ? 
_refine.overall_SU_ML                            0.2004 
_refine.overall_SU_R_Cruickshank_DPI             ? 
_refine.overall_SU_R_free                        ? 
_refine.overall_FOM_free_R_set                   ? 
_refine.overall_FOM_work_R_set                   ? 
_refine.pdbx_average_fsc_overall                 ? 
_refine.pdbx_average_fsc_work                    ? 
_refine.pdbx_average_fsc_free                    ? 
# 
_refine_hist.pdbx_refine_id                   'X-RAY DIFFRACTION' 
_refine_hist.cycle_id                         LAST 
_refine_hist.details                          ? 
_refine_hist.d_res_high                       3.63 
_refine_hist.d_res_low                        32.38 
_refine_hist.number_atoms_solvent             0 
_refine_hist.number_atoms_total               858 
_refine_hist.number_reflns_all                ? 
_refine_hist.number_reflns_obs                ? 
_refine_hist.number_reflns_R_free             ? 
_refine_hist.number_reflns_R_work             ? 
_refine_hist.R_factor_all                     ? 
_refine_hist.R_factor_obs                     ? 
_refine_hist.R_factor_R_free                  ? 
_refine_hist.R_factor_R_work                  ? 
_refine_hist.pdbx_number_residues_total       ? 
_refine_hist.pdbx_B_iso_mean_ligand           ? 
_refine_hist.pdbx_B_iso_mean_solvent          ? 
_refine_hist.pdbx_number_atoms_protein        0 
_refine_hist.pdbx_number_atoms_nucleic_acid   856 
_refine_hist.pdbx_number_atoms_ligand         2 
_refine_hist.pdbx_number_atoms_lipid          ? 
_refine_hist.pdbx_number_atoms_carb           ? 
_refine_hist.pdbx_pseudo_atom_details         ? 
# 
loop_
_refine_ls_restr.pdbx_refine_id 
_refine_ls_restr.criterion 
_refine_ls_restr.dev_ideal 
_refine_ls_restr.dev_ideal_target 
_refine_ls_restr.number 
_refine_ls_restr.rejects 
_refine_ls_restr.type 
_refine_ls_restr.weight 
_refine_ls_restr.pdbx_restraint_function 
'X-RAY DIFFRACTION' ? 0.0117  ? 956  ? f_bond_d           ? ? 
'X-RAY DIFFRACTION' ? 1.2316  ? 1467 ? f_angle_d          ? ? 
'X-RAY DIFFRACTION' ? 0.0649  ? 167  ? f_chiral_restr     ? ? 
'X-RAY DIFFRACTION' ? 0.0075  ? 42   ? f_plane_restr      ? ? 
'X-RAY DIFFRACTION' ? 39.2534 ? 407  ? f_dihedral_angle_d ? ? 
# 
loop_
_refine_ls_shell.pdbx_refine_id 
_refine_ls_shell.d_res_high 
_refine_ls_shell.d_res_low 
_refine_ls_shell.number_reflns_all 
_refine_ls_shell.number_reflns_obs 
_refine_ls_shell.number_reflns_R_free 
_refine_ls_shell.number_reflns_R_work 
_refine_ls_shell.percent_reflns_obs 
_refine_ls_shell.percent_reflns_R_free 
_refine_ls_shell.R_factor_all 
_refine_ls_shell.R_factor_obs 
_refine_ls_shell.R_factor_R_free 
_refine_ls_shell.R_factor_R_free_error 
_refine_ls_shell.R_factor_R_work 
_refine_ls_shell.redundancy_reflns_all 
_refine_ls_shell.redundancy_reflns_obs 
_refine_ls_shell.wR_factor_all 
_refine_ls_shell.wR_factor_obs 
_refine_ls_shell.wR_factor_R_free 
_refine_ls_shell.wR_factor_R_work 
_refine_ls_shell.pdbx_R_complete 
_refine_ls_shell.pdbx_total_number_of_bins_used 
_refine_ls_shell.pdbx_phase_error 
_refine_ls_shell.pdbx_fsc_work 
_refine_ls_shell.pdbx_fsc_free 
'X-RAY DIFFRACTION' 3.63 4.57  . . 70  619  30.43 . . . 0.4041 . 0.4064 . . . . . . . . . . . 
'X-RAY DIFFRACTION' 4.57 32.38 . . 184 3712 91.28 . . . 0.2004 . 0.1786 . . . . . . . . . . . 
# 
_struct.entry_id                     7SDG 
_struct.title                        '[C:Ag+:C] Metal-mediated DNA base pair in a self-assembling rhombohedral lattice' 
_struct.pdbx_model_details           ? 
_struct.pdbx_formula_weight          ? 
_struct.pdbx_formula_weight_method   ? 
_struct.pdbx_model_type_details      ? 
_struct.pdbx_CASP_flag               N 
# 
_struct_keywords.entry_id        7SDG 
_struct_keywords.text            'Tensegrity triangle, self-assembling crystal, metal-mediated mismatch, DNA' 
_struct_keywords.pdbx_keywords   DNA 
# 
loop_
_struct_asym.id 
_struct_asym.pdbx_blank_PDB_chainid_flag 
_struct_asym.pdbx_modified 
_struct_asym.entity_id 
_struct_asym.details 
A N N 1 ? 
B N N 2 ? 
C N N 3 ? 
D N N 4 ? 
E N N 5 ? 
F N N 5 ? 
# 
loop_
_struct_ref.id 
_struct_ref.db_name 
_struct_ref.db_code 
_struct_ref.pdbx_db_accession 
_struct_ref.pdbx_db_isoform 
_struct_ref.entity_id 
_struct_ref.pdbx_seq_one_letter_code 
_struct_ref.pdbx_align_begin 
1 PDB 7SDG 7SDG ? 1 ? 1 
2 PDB 7SDG 7SDG ? 2 ? 1 
3 PDB 7SDG 7SDG ? 3 ? 1 
4 PDB 7SDG 7SDG ? 4 ? 1 
# 
loop_
_struct_ref_seq.align_id 
_struct_ref_seq.ref_id 
_struct_ref_seq.pdbx_PDB_id_code 
_struct_ref_seq.pdbx_strand_id 
_struct_ref_seq.seq_align_beg 
_struct_ref_seq.pdbx_seq_align_beg_ins_code 
_struct_ref_seq.seq_align_end 
_struct_ref_seq.pdbx_seq_align_end_ins_code 
_struct_ref_seq.pdbx_db_accession 
_struct_ref_seq.db_align_beg 
_struct_ref_seq.pdbx_db_align_beg_ins_code 
_struct_ref_seq.db_align_end 
_struct_ref_seq.pdbx_db_align_end_ins_code 
_struct_ref_seq.pdbx_auth_seq_align_beg 
_struct_ref_seq.pdbx_auth_seq_align_end 
1 1 7SDG A 1 ? 21 ? 7SDG 1 ? 21 ? 1 21 
2 2 7SDG B 1 ? 7  ? 7SDG 1 ? 7  ? 1 7  
3 3 7SDG C 1 ? 7  ? 7SDG 8 ? 14 ? 8 14 
4 4 7SDG D 1 ? 7  ? 7SDG 1 ? 7  ? 1 7  
# 
_pdbx_struct_assembly.id                   1 
_pdbx_struct_assembly.details              author_defined_assembly 
_pdbx_struct_assembly.method_details       ? 
_pdbx_struct_assembly.oligomeric_details   dodecameric 
_pdbx_struct_assembly.oligomeric_count     12 
# 
_pdbx_struct_assembly_gen.assembly_id       1 
_pdbx_struct_assembly_gen.oper_expression   1,2,3 
_pdbx_struct_assembly_gen.asym_id_list      A,B,C,D,E,F 
# 
_pdbx_struct_assembly_auth_evidence.id                     1 
_pdbx_struct_assembly_auth_evidence.assembly_id            1 
_pdbx_struct_assembly_auth_evidence.experimental_support   'native gel electrophoresis' 
_pdbx_struct_assembly_auth_evidence.details                ? 
# 
loop_
_pdbx_struct_oper_list.id 
_pdbx_struct_oper_list.type 
_pdbx_struct_oper_list.name 
_pdbx_struct_oper_list.symmetry_operation 
_pdbx_struct_oper_list.matrix[1][1] 
_pdbx_struct_oper_list.matrix[1][2] 
_pdbx_struct_oper_list.matrix[1][3] 
_pdbx_struct_oper_list.vector[1] 
_pdbx_struct_oper_list.matrix[2][1] 
_pdbx_struct_oper_list.matrix[2][2] 
_pdbx_struct_oper_list.matrix[2][3] 
_pdbx_struct_oper_list.vector[2] 
_pdbx_struct_oper_list.matrix[3][1] 
_pdbx_struct_oper_list.matrix[3][2] 
_pdbx_struct_oper_list.matrix[3][3] 
_pdbx_struct_oper_list.vector[3] 
1 'identity operation'         1_555 x,y,z     1.0000000000 0.0000000000  0.0000000000 0.0000000000  0.0000000000  1.0000000000  0.0000000000  0.0000000000   0.0000000000 0.0000000000  1.0000000000  0.0000000000   
2 'crystal symmetry operation' 2_555 -y,x-y,z  0.5712929752 0.1058273091  0.8138949054 13.8592419284 -0.7197170563 -0.4120547249 0.5587649439  10.4911270818  0.3945018318 -0.9049925328 -0.1592382503 -19.2438633536 
3 'crystal symmetry operation' 3_555 -x+y,-x,z 0.5712929752 -0.7197170563 0.3945018318 7.2246948886  0.1058273091  -0.4120547249 -0.9049925328 -14.5593204330 0.8138949054 0.5587649439  -0.1592382503 -20.2063995642 
# 
loop_
_struct_conn.id 
_struct_conn.conn_type_id 
_struct_conn.pdbx_leaving_atom_flag 
_struct_conn.pdbx_PDB_id 
_struct_conn.ptnr1_label_asym_id 
_struct_conn.ptnr1_label_comp_id 
_struct_conn.ptnr1_label_seq_id 
_struct_conn.ptnr1_label_atom_id 
_struct_conn.pdbx_ptnr1_label_alt_id 
_struct_conn.pdbx_ptnr1_PDB_ins_code 
_struct_conn.pdbx_ptnr1_standard_comp_id 
_struct_conn.ptnr1_symmetry 
_struct_conn.ptnr2_label_asym_id 
_struct_conn.ptnr2_label_comp_id 
_struct_conn.ptnr2_label_seq_id 
_struct_conn.ptnr2_label_atom_id 
_struct_conn.pdbx_ptnr2_label_alt_id 
_struct_conn.pdbx_ptnr2_PDB_ins_code 
_struct_conn.ptnr1_auth_asym_id 
_struct_conn.ptnr1_auth_comp_id 
_struct_conn.ptnr1_auth_seq_id 
_struct_conn.ptnr2_auth_asym_id 
_struct_conn.ptnr2_auth_comp_id 
_struct_conn.ptnr2_auth_seq_id 
_struct_conn.ptnr2_symmetry 
_struct_conn.pdbx_ptnr3_label_atom_id 
_struct_conn.pdbx_ptnr3_label_seq_id 
_struct_conn.pdbx_ptnr3_label_comp_id 
_struct_conn.pdbx_ptnr3_label_asym_id 
_struct_conn.pdbx_ptnr3_label_alt_id 
_struct_conn.pdbx_ptnr3_PDB_ins_code 
_struct_conn.details 
_struct_conn.pdbx_dist_value 
_struct_conn.pdbx_value_order 
_struct_conn.pdbx_role 
metalc1  metalc ? ? A DC 12 N3 ? ? ? 1_555 F AG . AG ? ? A DC 12 B AG 102 1_555 ? ? ? ? ? ? ?            2.571 ? ? 
metalc2  metalc ? ? B DC 4  N4 ? ? ? 1_555 E AG . AG ? ? B DC 4  B AG 101 1_555 ? ? ? ? ? ? ?            1.863 ? ? 
metalc3  metalc ? ? B DC 4  N3 ? ? ? 1_555 F AG . AG ? ? B DC 4  B AG 102 1_555 ? ? ? ? ? ? ?            2.616 ? ? 
hydrog1  hydrog ? ? A DA 2  N1 ? ? ? 1_555 C DT 7 N3 ? ? A DA 2  C DT 14  1_555 ? ? ? ? ? ? WATSON-CRICK ?     ? ? 
hydrog2  hydrog ? ? A DA 2  N6 ? ? ? 1_555 C DT 7 O4 ? ? A DA 2  C DT 14  1_555 ? ? ? ? ? ? WATSON-CRICK ?     ? ? 
hydrog3  hydrog ? ? A DG 3  N1 ? ? ? 1_555 C DC 6 N3 ? ? A DG 3  C DC 13  1_555 ? ? ? ? ? ? WATSON-CRICK ?     ? ? 
hydrog4  hydrog ? ? A DG 3  N2 ? ? ? 1_555 C DC 6 O2 ? ? A DG 3  C DC 13  1_555 ? ? ? ? ? ? WATSON-CRICK ?     ? ? 
hydrog5  hydrog ? ? A DG 3  O6 ? ? ? 1_555 C DC 6 N4 ? ? A DG 3  C DC 13  1_555 ? ? ? ? ? ? WATSON-CRICK ?     ? ? 
hydrog6  hydrog ? ? A DC 4  N3 ? ? ? 1_555 C DG 5 N1 ? ? A DC 4  C DG 12  1_555 ? ? ? ? ? ? WATSON-CRICK ?     ? ? 
hydrog7  hydrog ? ? A DC 4  N4 ? ? ? 1_555 C DG 5 O6 ? ? A DC 4  C DG 12  1_555 ? ? ? ? ? ? WATSON-CRICK ?     ? ? 
hydrog8  hydrog ? ? A DC 4  O2 ? ? ? 1_555 C DG 5 N2 ? ? A DC 4  C DG 12  1_555 ? ? ? ? ? ? WATSON-CRICK ?     ? ? 
hydrog9  hydrog ? ? A DA 5  N1 ? ? ? 1_555 C DT 4 N3 ? ? A DA 5  C DT 11  1_555 ? ? ? ? ? ? WATSON-CRICK ?     ? ? 
hydrog10 hydrog ? ? A DA 5  N6 ? ? ? 1_555 C DT 4 O4 ? ? A DA 5  C DT 11  1_555 ? ? ? ? ? ? WATSON-CRICK ?     ? ? 
hydrog11 hydrog ? ? A DG 6  N1 ? ? ? 1_555 C DC 3 N3 ? ? A DG 6  C DC 10  1_555 ? ? ? ? ? ? WATSON-CRICK ?     ? ? 
hydrog12 hydrog ? ? A DG 6  N2 ? ? ? 1_555 C DC 3 O2 ? ? A DG 6  C DC 10  1_555 ? ? ? ? ? ? WATSON-CRICK ?     ? ? 
hydrog13 hydrog ? ? A DG 6  O6 ? ? ? 1_555 C DC 3 N4 ? ? A DG 6  C DC 10  1_555 ? ? ? ? ? ? WATSON-CRICK ?     ? ? 
hydrog14 hydrog ? ? A DC 7  N3 ? ? ? 1_555 C DG 2 N1 ? ? A DC 7  C DG 9   1_555 ? ? ? ? ? ? WATSON-CRICK ?     ? ? 
hydrog15 hydrog ? ? A DC 7  N4 ? ? ? 1_555 C DG 2 O6 ? ? A DC 7  C DG 9   1_555 ? ? ? ? ? ? WATSON-CRICK ?     ? ? 
hydrog16 hydrog ? ? A DC 7  O2 ? ? ? 1_555 C DG 2 N2 ? ? A DC 7  C DG 9   1_555 ? ? ? ? ? ? WATSON-CRICK ?     ? ? 
hydrog17 hydrog ? ? A DC 8  N3 ? ? ? 1_555 C DG 1 N1 ? ? A DC 8  C DG 8   1_555 ? ? ? ? ? ? WATSON-CRICK ?     ? ? 
hydrog18 hydrog ? ? A DC 8  N4 ? ? ? 1_555 C DG 1 O6 ? ? A DC 8  C DG 8   1_555 ? ? ? ? ? ? WATSON-CRICK ?     ? ? 
hydrog19 hydrog ? ? A DC 8  O2 ? ? ? 1_555 C DG 1 N2 ? ? A DC 8  C DG 8   1_555 ? ? ? ? ? ? WATSON-CRICK ?     ? ? 
hydrog20 hydrog ? ? A DT 9  N3 ? ? ? 1_555 B DA 7 N1 ? ? A DT 9  B DA 7   1_555 ? ? ? ? ? ? 'DT-DA PAIR' ?     ? ? 
hydrog21 hydrog ? ? A DG 10 N1 ? ? ? 1_555 B DC 6 N3 ? ? A DG 10 B DC 6   1_555 ? ? ? ? ? ? WATSON-CRICK ?     ? ? 
hydrog22 hydrog ? ? A DG 10 N2 ? ? ? 1_555 B DC 6 O2 ? ? A DG 10 B DC 6   1_555 ? ? ? ? ? ? WATSON-CRICK ?     ? ? 
hydrog23 hydrog ? ? A DG 10 O6 ? ? ? 1_555 B DC 6 N4 ? ? A DG 10 B DC 6   1_555 ? ? ? ? ? ? WATSON-CRICK ?     ? ? 
hydrog24 hydrog ? ? A DT 11 N3 ? ? ? 1_555 B DA 5 N1 ? ? A DT 11 B DA 5   1_555 ? ? ? ? ? ? WATSON-CRICK ?     ? ? 
hydrog25 hydrog ? ? A DT 11 O4 ? ? ? 1_555 B DA 5 N6 ? ? A DT 11 B DA 5   1_555 ? ? ? ? ? ? WATSON-CRICK ?     ? ? 
hydrog26 hydrog ? ? A DT 13 N3 ? ? ? 1_555 B DA 3 N1 ? ? A DT 13 B DA 3   1_555 ? ? ? ? ? ? WATSON-CRICK ?     ? ? 
hydrog27 hydrog ? ? A DT 13 O4 ? ? ? 1_555 B DA 3 N6 ? ? A DT 13 B DA 3   1_555 ? ? ? ? ? ? WATSON-CRICK ?     ? ? 
hydrog28 hydrog ? ? A DG 14 N1 ? ? ? 1_555 B DC 2 N3 ? ? A DG 14 B DC 2   1_555 ? ? ? ? ? ? WATSON-CRICK ?     ? ? 
hydrog29 hydrog ? ? A DG 14 N2 ? ? ? 1_555 B DC 2 O2 ? ? A DG 14 B DC 2   1_555 ? ? ? ? ? ? WATSON-CRICK ?     ? ? 
hydrog30 hydrog ? ? A DG 14 O6 ? ? ? 1_555 B DC 2 N4 ? ? A DG 14 B DC 2   1_555 ? ? ? ? ? ? WATSON-CRICK ?     ? ? 
hydrog31 hydrog ? ? A DG 15 N1 ? ? ? 1_555 B DC 1 N3 ? ? A DG 15 B DC 1   1_555 ? ? ? ? ? ? WATSON-CRICK ?     ? ? 
hydrog32 hydrog ? ? A DG 15 N2 ? ? ? 1_555 B DC 1 O2 ? ? A DG 15 B DC 1   1_555 ? ? ? ? ? ? WATSON-CRICK ?     ? ? 
hydrog33 hydrog ? ? A DG 15 O6 ? ? ? 1_555 B DC 1 N4 ? ? A DG 15 B DC 1   1_555 ? ? ? ? ? ? WATSON-CRICK ?     ? ? 
hydrog34 hydrog ? ? A DA 16 N1 ? ? ? 1_555 D DG 6 N1 ? ? A DA 16 D DG 6   1_555 ? ? ? ? ? ? TYPE_8_PAIR  ?     ? ? 
hydrog35 hydrog ? ? A DA 16 N6 ? ? ? 1_555 D DG 6 O6 ? ? A DA 16 D DG 6   1_555 ? ? ? ? ? ? TYPE_8_PAIR  ?     ? ? 
hydrog36 hydrog ? ? A DA 16 N1 ? ? ? 1_555 D DT 7 N3 ? ? A DA 16 D DT 7   1_555 ? ? ? ? ? ? WATSON-CRICK ?     ? ? 
hydrog37 hydrog ? ? A DA 16 N6 ? ? ? 1_555 D DT 7 O4 ? ? A DA 16 D DT 7   1_555 ? ? ? ? ? ? WATSON-CRICK ?     ? ? 
hydrog38 hydrog ? ? A DC 17 N3 ? ? ? 1_555 D DG 6 N1 ? ? A DC 17 D DG 6   1_555 ? ? ? ? ? ? WATSON-CRICK ?     ? ? 
hydrog39 hydrog ? ? A DC 17 N4 ? ? ? 1_555 D DG 6 O6 ? ? A DC 17 D DG 6   1_555 ? ? ? ? ? ? WATSON-CRICK ?     ? ? 
hydrog40 hydrog ? ? A DC 17 O2 ? ? ? 1_555 D DG 6 N2 ? ? A DC 17 D DG 6   1_555 ? ? ? ? ? ? WATSON-CRICK ?     ? ? 
hydrog41 hydrog ? ? A DA 18 N1 ? ? ? 1_555 D DT 5 N3 ? ? A DA 18 D DT 5   1_555 ? ? ? ? ? ? WATSON-CRICK ?     ? ? 
hydrog42 hydrog ? ? A DA 18 N6 ? ? ? 1_555 D DT 5 O4 ? ? A DA 18 D DT 5   1_555 ? ? ? ? ? ? WATSON-CRICK ?     ? ? 
hydrog43 hydrog ? ? A DT 19 N3 ? ? ? 1_555 D DA 4 N1 ? ? A DT 19 D DA 4   1_555 ? ? ? ? ? ? WATSON-CRICK ?     ? ? 
hydrog44 hydrog ? ? A DT 19 O4 ? ? ? 1_555 D DA 4 N6 ? ? A DT 19 D DA 4   1_555 ? ? ? ? ? ? WATSON-CRICK ?     ? ? 
hydrog45 hydrog ? ? A DC 20 N3 ? ? ? 1_555 D DG 3 N1 ? ? A DC 20 D DG 3   1_555 ? ? ? ? ? ? WATSON-CRICK ?     ? ? 
hydrog46 hydrog ? ? A DC 20 N4 ? ? ? 1_555 D DG 3 O6 ? ? A DC 20 D DG 3   1_555 ? ? ? ? ? ? WATSON-CRICK ?     ? ? 
hydrog47 hydrog ? ? A DC 20 O2 ? ? ? 1_555 D DG 3 N2 ? ? A DC 20 D DG 3   1_555 ? ? ? ? ? ? WATSON-CRICK ?     ? ? 
hydrog48 hydrog ? ? A DA 21 N1 ? ? ? 1_555 D DT 2 N3 ? ? A DA 21 D DT 2   1_555 ? ? ? ? ? ? WATSON-CRICK ?     ? ? 
hydrog49 hydrog ? ? A DA 21 N6 ? ? ? 1_555 D DT 2 O4 ? ? A DA 21 D DT 2   1_555 ? ? ? ? ? ? WATSON-CRICK ?     ? ? 
# 
loop_
_struct_conn_type.id 
_struct_conn_type.criteria 
_struct_conn_type.reference 
metalc ? ? 
hydrog ? ? 
# 
_pdbx_struct_conn_angle.id                    1 
_pdbx_struct_conn_angle.ptnr1_label_atom_id   N3 
_pdbx_struct_conn_angle.ptnr1_label_alt_id    ? 
_pdbx_struct_conn_angle.ptnr1_label_asym_id   A 
_pdbx_struct_conn_angle.ptnr1_label_comp_id   DC 
_pdbx_struct_conn_angle.ptnr1_label_seq_id    12 
_pdbx_struct_conn_angle.ptnr1_auth_atom_id    ? 
_pdbx_struct_conn_angle.ptnr1_auth_asym_id    A 
_pdbx_struct_conn_angle.ptnr1_auth_comp_id    DC 
_pdbx_struct_conn_angle.ptnr1_auth_seq_id     12 
_pdbx_struct_conn_angle.ptnr1_PDB_ins_code    ? 
_pdbx_struct_conn_angle.ptnr1_symmetry        1_555 
_pdbx_struct_conn_angle.ptnr2_label_atom_id   AG 
_pdbx_struct_conn_angle.ptnr2_label_alt_id    ? 
_pdbx_struct_conn_angle.ptnr2_label_asym_id   F 
_pdbx_struct_conn_angle.ptnr2_label_comp_id   AG 
_pdbx_struct_conn_angle.ptnr2_label_seq_id    . 
_pdbx_struct_conn_angle.ptnr2_auth_atom_id    ? 
_pdbx_struct_conn_angle.ptnr2_auth_asym_id    B 
_pdbx_struct_conn_angle.ptnr2_auth_comp_id    AG 
_pdbx_struct_conn_angle.ptnr2_auth_seq_id     102 
_pdbx_struct_conn_angle.ptnr2_PDB_ins_code    ? 
_pdbx_struct_conn_angle.ptnr2_symmetry        1_555 
_pdbx_struct_conn_angle.ptnr3_label_atom_id   N3 
_pdbx_struct_conn_angle.ptnr3_label_alt_id    ? 
_pdbx_struct_conn_angle.ptnr3_label_asym_id   B 
_pdbx_struct_conn_angle.ptnr3_label_comp_id   DC 
_pdbx_struct_conn_angle.ptnr3_label_seq_id    4 
_pdbx_struct_conn_angle.ptnr3_auth_atom_id    ? 
_pdbx_struct_conn_angle.ptnr3_auth_asym_id    B 
_pdbx_struct_conn_angle.ptnr3_auth_comp_id    DC 
_pdbx_struct_conn_angle.ptnr3_auth_seq_id     4 
_pdbx_struct_conn_angle.ptnr3_PDB_ins_code    ? 
_pdbx_struct_conn_angle.ptnr3_symmetry        1_555 
_pdbx_struct_conn_angle.value                 177.1 
_pdbx_struct_conn_angle.value_esd             ? 
# 
loop_
_pdbx_validate_rmsd_bond.id 
_pdbx_validate_rmsd_bond.PDB_model_num 
_pdbx_validate_rmsd_bond.auth_atom_id_1 
_pdbx_validate_rmsd_bond.auth_asym_id_1 
_pdbx_validate_rmsd_bond.auth_comp_id_1 
_pdbx_validate_rmsd_bond.auth_seq_id_1 
_pdbx_validate_rmsd_bond.PDB_ins_code_1 
_pdbx_validate_rmsd_bond.label_alt_id_1 
_pdbx_validate_rmsd_bond.auth_atom_id_2 
_pdbx_validate_rmsd_bond.auth_asym_id_2 
_pdbx_validate_rmsd_bond.auth_comp_id_2 
_pdbx_validate_rmsd_bond.auth_seq_id_2 
_pdbx_validate_rmsd_bond.PDB_ins_code_2 
_pdbx_validate_rmsd_bond.label_alt_id_2 
_pdbx_validate_rmsd_bond.bond_value 
_pdbx_validate_rmsd_bond.bond_target_value 
_pdbx_validate_rmsd_bond.bond_deviation 
_pdbx_validate_rmsd_bond.bond_standard_deviation 
_pdbx_validate_rmsd_bond.linker_flag 
1 1 "O3'" A DT 11 ? ? "C3'" A DT 11 ? ? 1.539 1.435 0.104  0.013 N 
2 1 "O3'" A DG 14 ? ? "C3'" A DG 14 ? ? 1.374 1.419 -0.045 0.006 N 
3 1 "O3'" B DC 6  ? ? "C3'" B DC 6  ? ? 1.379 1.419 -0.040 0.006 N 
4 1 P     D DC 1  ? ? OP3   D DC 1  ? ? 1.484 1.607 -0.123 0.012 N 
# 
loop_
_pdbx_validate_rmsd_angle.id 
_pdbx_validate_rmsd_angle.PDB_model_num 
_pdbx_validate_rmsd_angle.auth_atom_id_1 
_pdbx_validate_rmsd_angle.auth_asym_id_1 
_pdbx_validate_rmsd_angle.auth_comp_id_1 
_pdbx_validate_rmsd_angle.auth_seq_id_1 
_pdbx_validate_rmsd_angle.PDB_ins_code_1 
_pdbx_validate_rmsd_angle.label_alt_id_1 
_pdbx_validate_rmsd_angle.auth_atom_id_2 
_pdbx_validate_rmsd_angle.auth_asym_id_2 
_pdbx_validate_rmsd_angle.auth_comp_id_2 
_pdbx_validate_rmsd_angle.auth_seq_id_2 
_pdbx_validate_rmsd_angle.PDB_ins_code_2 
_pdbx_validate_rmsd_angle.label_alt_id_2 
_pdbx_validate_rmsd_angle.auth_atom_id_3 
_pdbx_validate_rmsd_angle.auth_asym_id_3 
_pdbx_validate_rmsd_angle.auth_comp_id_3 
_pdbx_validate_rmsd_angle.auth_seq_id_3 
_pdbx_validate_rmsd_angle.PDB_ins_code_3 
_pdbx_validate_rmsd_angle.label_alt_id_3 
_pdbx_validate_rmsd_angle.angle_value 
_pdbx_validate_rmsd_angle.angle_target_value 
_pdbx_validate_rmsd_angle.angle_deviation 
_pdbx_validate_rmsd_angle.angle_standard_deviation 
_pdbx_validate_rmsd_angle.linker_flag 
1  1 "O4'" A DA 2  ? ? "C1'" A DA 2  ? ? N9    A DA 2  ? ? 112.31 108.30 4.01  0.30 N 
2  1 "O4'" A DG 3  ? ? "C1'" A DG 3  ? ? N9    A DG 3  ? ? 111.14 108.30 2.84  0.30 N 
3  1 "O4'" A DG 6  ? ? "C1'" A DG 6  ? ? N9    A DG 6  ? ? 111.83 108.30 3.53  0.30 N 
4  1 "O4'" A DC 7  ? ? "C1'" A DC 7  ? ? N1    A DC 7  ? ? 110.29 108.30 1.99  0.30 N 
5  1 "O4'" A DT 11 ? ? "C1'" A DT 11 ? ? N1    A DT 11 ? ? 110.58 108.30 2.28  0.30 N 
6  1 "O5'" A DC 12 ? ? P     A DC 12 ? ? OP2   A DC 12 ? ? 100.25 105.70 -5.45 0.90 N 
7  1 "O4'" A DC 12 ? ? "C1'" A DC 12 ? ? N1    A DC 12 ? ? 112.04 108.30 3.74  0.30 N 
8  1 "O4'" A DC 17 ? ? "C1'" A DC 17 ? ? N1    A DC 17 ? ? 110.57 108.30 2.27  0.30 N 
9  1 "O4'" A DT 19 ? ? "C1'" A DT 19 ? ? N1    A DT 19 ? ? 110.12 108.30 1.82  0.30 N 
10 1 "O4'" B DA 5  ? ? "C1'" B DA 5  ? ? N9    B DA 5  ? ? 111.12 108.30 2.82  0.30 N 
11 1 "C3'" B DC 6  ? ? "C2'" B DC 6  ? ? "C1'" B DC 6  ? ? 96.44  102.40 -5.96 0.80 N 
12 1 "O4'" D DT 7  ? ? "C1'" D DT 7  ? ? N1    D DT 7  ? ? 110.27 108.30 1.97  0.30 N 
# 
loop_
_space_group_symop.id 
_space_group_symop.operation_xyz 
1 x,y,z                 
2 -y,x-y,z              
3 -x+y,-x,z             
4 x+1/3,y+2/3,z+2/3     
5 -y+1/3,x-y+2/3,z+2/3  
6 -x+y+1/3,-x+2/3,z+2/3 
7 x+2/3,y+1/3,z+1/3     
8 -y+2/3,x-y+1/3,z+1/3  
9 -x+y+2/3,-x+1/3,z+1/3 
# 
_pdbx_entry_details.entry_id                 7SDG 
_pdbx_entry_details.nonpolymer_details       ? 
_pdbx_entry_details.sequence_details         ? 
_pdbx_entry_details.compound_details         ? 
_pdbx_entry_details.source_details           ? 
_pdbx_entry_details.has_ligand_of_interest   Y 
# 
loop_
_chem_comp_atom.comp_id 
_chem_comp_atom.atom_id 
_chem_comp_atom.type_symbol 
_chem_comp_atom.pdbx_aromatic_flag 
_chem_comp_atom.pdbx_stereo_config 
_chem_comp_atom.pdbx_ordinal 
AG AG     AG N N 1   
DA OP3    O  N N 2   
DA P      P  N N 3   
DA OP1    O  N N 4   
DA OP2    O  N N 5   
DA "O5'"  O  N N 6   
DA "C5'"  C  N N 7   
DA "C4'"  C  N R 8   
DA "O4'"  O  N N 9   
DA "C3'"  C  N S 10  
DA "O3'"  O  N N 11  
DA "C2'"  C  N N 12  
DA "C1'"  C  N R 13  
DA N9     N  Y N 14  
DA C8     C  Y N 15  
DA N7     N  Y N 16  
DA C5     C  Y N 17  
DA C6     C  Y N 18  
DA N6     N  N N 19  
DA N1     N  Y N 20  
DA C2     C  Y N 21  
DA N3     N  Y N 22  
DA C4     C  Y N 23  
DA HOP3   H  N N 24  
DA HOP2   H  N N 25  
DA "H5'"  H  N N 26  
DA "H5''" H  N N 27  
DA "H4'"  H  N N 28  
DA "H3'"  H  N N 29  
DA "HO3'" H  N N 30  
DA "H2'"  H  N N 31  
DA "H2''" H  N N 32  
DA "H1'"  H  N N 33  
DA H8     H  N N 34  
DA H61    H  N N 35  
DA H62    H  N N 36  
DA H2     H  N N 37  
DC OP3    O  N N 38  
DC P      P  N N 39  
DC OP1    O  N N 40  
DC OP2    O  N N 41  
DC "O5'"  O  N N 42  
DC "C5'"  C  N N 43  
DC "C4'"  C  N R 44  
DC "O4'"  O  N N 45  
DC "C3'"  C  N S 46  
DC "O3'"  O  N N 47  
DC "C2'"  C  N N 48  
DC "C1'"  C  N R 49  
DC N1     N  N N 50  
DC C2     C  N N 51  
DC O2     O  N N 52  
DC N3     N  N N 53  
DC C4     C  N N 54  
DC N4     N  N N 55  
DC C5     C  N N 56  
DC C6     C  N N 57  
DC HOP3   H  N N 58  
DC HOP2   H  N N 59  
DC "H5'"  H  N N 60  
DC "H5''" H  N N 61  
DC "H4'"  H  N N 62  
DC "H3'"  H  N N 63  
DC "HO3'" H  N N 64  
DC "H2'"  H  N N 65  
DC "H2''" H  N N 66  
DC "H1'"  H  N N 67  
DC H41    H  N N 68  
DC H42    H  N N 69  
DC H5     H  N N 70  
DC H6     H  N N 71  
DG OP3    O  N N 72  
DG P      P  N N 73  
DG OP1    O  N N 74  
DG OP2    O  N N 75  
DG "O5'"  O  N N 76  
DG "C5'"  C  N N 77  
DG "C4'"  C  N R 78  
DG "O4'"  O  N N 79  
DG "C3'"  C  N S 80  
DG "O3'"  O  N N 81  
DG "C2'"  C  N N 82  
DG "C1'"  C  N R 83  
DG N9     N  Y N 84  
DG C8     C  Y N 85  
DG N7     N  Y N 86  
DG C5     C  Y N 87  
DG C6     C  N N 88  
DG O6     O  N N 89  
DG N1     N  N N 90  
DG C2     C  N N 91  
DG N2     N  N N 92  
DG N3     N  N N 93  
DG C4     C  Y N 94  
DG HOP3   H  N N 95  
DG HOP2   H  N N 96  
DG "H5'"  H  N N 97  
DG "H5''" H  N N 98  
DG "H4'"  H  N N 99  
DG "H3'"  H  N N 100 
DG "HO3'" H  N N 101 
DG "H2'"  H  N N 102 
DG "H2''" H  N N 103 
DG "H1'"  H  N N 104 
DG H8     H  N N 105 
DG H1     H  N N 106 
DG H21    H  N N 107 
DG H22    H  N N 108 
DT OP3    O  N N 109 
DT P      P  N N 110 
DT OP1    O  N N 111 
DT OP2    O  N N 112 
DT "O5'"  O  N N 113 
DT "C5'"  C  N N 114 
DT "C4'"  C  N R 115 
DT "O4'"  O  N N 116 
DT "C3'"  C  N S 117 
DT "O3'"  O  N N 118 
DT "C2'"  C  N N 119 
DT "C1'"  C  N R 120 
DT N1     N  N N 121 
DT C2     C  N N 122 
DT O2     O  N N 123 
DT N3     N  N N 124 
DT C4     C  N N 125 
DT O4     O  N N 126 
DT C5     C  N N 127 
DT C7     C  N N 128 
DT C6     C  N N 129 
DT HOP3   H  N N 130 
DT HOP2   H  N N 131 
DT "H5'"  H  N N 132 
DT "H5''" H  N N 133 
DT "H4'"  H  N N 134 
DT "H3'"  H  N N 135 
DT "HO3'" H  N N 136 
DT "H2'"  H  N N 137 
DT "H2''" H  N N 138 
DT "H1'"  H  N N 139 
DT H3     H  N N 140 
DT H71    H  N N 141 
DT H72    H  N N 142 
DT H73    H  N N 143 
DT H6     H  N N 144 
# 
loop_
_chem_comp_bond.comp_id 
_chem_comp_bond.atom_id_1 
_chem_comp_bond.atom_id_2 
_chem_comp_bond.value_order 
_chem_comp_bond.pdbx_aromatic_flag 
_chem_comp_bond.pdbx_stereo_config 
_chem_comp_bond.pdbx_ordinal 
DA OP3   P      sing N N 1   
DA OP3   HOP3   sing N N 2   
DA P     OP1    doub N N 3   
DA P     OP2    sing N N 4   
DA P     "O5'"  sing N N 5   
DA OP2   HOP2   sing N N 6   
DA "O5'" "C5'"  sing N N 7   
DA "C5'" "C4'"  sing N N 8   
DA "C5'" "H5'"  sing N N 9   
DA "C5'" "H5''" sing N N 10  
DA "C4'" "O4'"  sing N N 11  
DA "C4'" "C3'"  sing N N 12  
DA "C4'" "H4'"  sing N N 13  
DA "O4'" "C1'"  sing N N 14  
DA "C3'" "O3'"  sing N N 15  
DA "C3'" "C2'"  sing N N 16  
DA "C3'" "H3'"  sing N N 17  
DA "O3'" "HO3'" sing N N 18  
DA "C2'" "C1'"  sing N N 19  
DA "C2'" "H2'"  sing N N 20  
DA "C2'" "H2''" sing N N 21  
DA "C1'" N9     sing N N 22  
DA "C1'" "H1'"  sing N N 23  
DA N9    C8     sing Y N 24  
DA N9    C4     sing Y N 25  
DA C8    N7     doub Y N 26  
DA C8    H8     sing N N 27  
DA N7    C5     sing Y N 28  
DA C5    C6     sing Y N 29  
DA C5    C4     doub Y N 30  
DA C6    N6     sing N N 31  
DA C6    N1     doub Y N 32  
DA N6    H61    sing N N 33  
DA N6    H62    sing N N 34  
DA N1    C2     sing Y N 35  
DA C2    N3     doub Y N 36  
DA C2    H2     sing N N 37  
DA N3    C4     sing Y N 38  
DC OP3   P      sing N N 39  
DC OP3   HOP3   sing N N 40  
DC P     OP1    doub N N 41  
DC P     OP2    sing N N 42  
DC P     "O5'"  sing N N 43  
DC OP2   HOP2   sing N N 44  
DC "O5'" "C5'"  sing N N 45  
DC "C5'" "C4'"  sing N N 46  
DC "C5'" "H5'"  sing N N 47  
DC "C5'" "H5''" sing N N 48  
DC "C4'" "O4'"  sing N N 49  
DC "C4'" "C3'"  sing N N 50  
DC "C4'" "H4'"  sing N N 51  
DC "O4'" "C1'"  sing N N 52  
DC "C3'" "O3'"  sing N N 53  
DC "C3'" "C2'"  sing N N 54  
DC "C3'" "H3'"  sing N N 55  
DC "O3'" "HO3'" sing N N 56  
DC "C2'" "C1'"  sing N N 57  
DC "C2'" "H2'"  sing N N 58  
DC "C2'" "H2''" sing N N 59  
DC "C1'" N1     sing N N 60  
DC "C1'" "H1'"  sing N N 61  
DC N1    C2     sing N N 62  
DC N1    C6     sing N N 63  
DC C2    O2     doub N N 64  
DC C2    N3     sing N N 65  
DC N3    C4     doub N N 66  
DC C4    N4     sing N N 67  
DC C4    C5     sing N N 68  
DC N4    H41    sing N N 69  
DC N4    H42    sing N N 70  
DC C5    C6     doub N N 71  
DC C5    H5     sing N N 72  
DC C6    H6     sing N N 73  
DG OP3   P      sing N N 74  
DG OP3   HOP3   sing N N 75  
DG P     OP1    doub N N 76  
DG P     OP2    sing N N 77  
DG P     "O5'"  sing N N 78  
DG OP2   HOP2   sing N N 79  
DG "O5'" "C5'"  sing N N 80  
DG "C5'" "C4'"  sing N N 81  
DG "C5'" "H5'"  sing N N 82  
DG "C5'" "H5''" sing N N 83  
DG "C4'" "O4'"  sing N N 84  
DG "C4'" "C3'"  sing N N 85  
DG "C4'" "H4'"  sing N N 86  
DG "O4'" "C1'"  sing N N 87  
DG "C3'" "O3'"  sing N N 88  
DG "C3'" "C2'"  sing N N 89  
DG "C3'" "H3'"  sing N N 90  
DG "O3'" "HO3'" sing N N 91  
DG "C2'" "C1'"  sing N N 92  
DG "C2'" "H2'"  sing N N 93  
DG "C2'" "H2''" sing N N 94  
DG "C1'" N9     sing N N 95  
DG "C1'" "H1'"  sing N N 96  
DG N9    C8     sing Y N 97  
DG N9    C4     sing Y N 98  
DG C8    N7     doub Y N 99  
DG C8    H8     sing N N 100 
DG N7    C5     sing Y N 101 
DG C5    C6     sing N N 102 
DG C5    C4     doub Y N 103 
DG C6    O6     doub N N 104 
DG C6    N1     sing N N 105 
DG N1    C2     sing N N 106 
DG N1    H1     sing N N 107 
DG C2    N2     sing N N 108 
DG C2    N3     doub N N 109 
DG N2    H21    sing N N 110 
DG N2    H22    sing N N 111 
DG N3    C4     sing N N 112 
DT OP3   P      sing N N 113 
DT OP3   HOP3   sing N N 114 
DT P     OP1    doub N N 115 
DT P     OP2    sing N N 116 
DT P     "O5'"  sing N N 117 
DT OP2   HOP2   sing N N 118 
DT "O5'" "C5'"  sing N N 119 
DT "C5'" "C4'"  sing N N 120 
DT "C5'" "H5'"  sing N N 121 
DT "C5'" "H5''" sing N N 122 
DT "C4'" "O4'"  sing N N 123 
DT "C4'" "C3'"  sing N N 124 
DT "C4'" "H4'"  sing N N 125 
DT "O4'" "C1'"  sing N N 126 
DT "C3'" "O3'"  sing N N 127 
DT "C3'" "C2'"  sing N N 128 
DT "C3'" "H3'"  sing N N 129 
DT "O3'" "HO3'" sing N N 130 
DT "C2'" "C1'"  sing N N 131 
DT "C2'" "H2'"  sing N N 132 
DT "C2'" "H2''" sing N N 133 
DT "C1'" N1     sing N N 134 
DT "C1'" "H1'"  sing N N 135 
DT N1    C2     sing N N 136 
DT N1    C6     sing N N 137 
DT C2    O2     doub N N 138 
DT C2    N3     sing N N 139 
DT N3    C4     sing N N 140 
DT N3    H3     sing N N 141 
DT C4    O4     doub N N 142 
DT C4    C5     sing N N 143 
DT C5    C7     sing N N 144 
DT C5    C6     doub N N 145 
DT C7    H71    sing N N 146 
DT C7    H72    sing N N 147 
DT C7    H73    sing N N 148 
DT C6    H6     sing N N 149 
# 
loop_
_ndb_struct_conf_na.entry_id 
_ndb_struct_conf_na.feature 
7SDG 'double helix'        
7SDG 'a-form double helix' 
7SDG 'b-form double helix' 
# 
loop_
_ndb_struct_na_base_pair.model_number 
_ndb_struct_na_base_pair.i_label_asym_id 
_ndb_struct_na_base_pair.i_label_comp_id 
_ndb_struct_na_base_pair.i_label_seq_id 
_ndb_struct_na_base_pair.i_symmetry 
_ndb_struct_na_base_pair.j_label_asym_id 
_ndb_struct_na_base_pair.j_label_comp_id 
_ndb_struct_na_base_pair.j_label_seq_id 
_ndb_struct_na_base_pair.j_symmetry 
_ndb_struct_na_base_pair.shear 
_ndb_struct_na_base_pair.stretch 
_ndb_struct_na_base_pair.stagger 
_ndb_struct_na_base_pair.buckle 
_ndb_struct_na_base_pair.propeller 
_ndb_struct_na_base_pair.opening 
_ndb_struct_na_base_pair.pair_number 
_ndb_struct_na_base_pair.pair_name 
_ndb_struct_na_base_pair.i_auth_asym_id 
_ndb_struct_na_base_pair.i_auth_seq_id 
_ndb_struct_na_base_pair.i_PDB_ins_code 
_ndb_struct_na_base_pair.j_auth_asym_id 
_ndb_struct_na_base_pair.j_auth_seq_id 
_ndb_struct_na_base_pair.j_PDB_ins_code 
_ndb_struct_na_base_pair.hbond_type_28 
_ndb_struct_na_base_pair.hbond_type_12 
1 A DA 2  1_555 C DT 7 1_555 0.223  0.040  -0.097 -12.544 -7.105  -8.171 1  A_DA2:DT14_C A 2  ? C 14 ? 20 1 
1 A DG 3  1_555 C DC 6 1_555 -0.225 -0.095 0.280  3.439   6.339   4.425  2  A_DG3:DC13_C A 3  ? C 13 ? 19 1 
1 A DC 4  1_555 C DG 5 1_555 0.186  -0.165 0.598  -1.952  2.850   2.094  3  A_DC4:DG12_C A 4  ? C 12 ? 19 1 
1 A DA 5  1_555 C DT 4 1_555 0.151  -0.228 0.755  -0.681  4.902   -6.642 4  A_DA5:DT11_C A 5  ? C 11 ? 20 1 
1 A DG 6  1_555 C DC 3 1_555 -0.153 -0.251 1.191  10.578  0.161   5.698  5  A_DG6:DC10_C A 6  ? C 10 ? 19 1 
1 A DC 7  1_555 C DG 2 1_555 0.251  -0.346 0.916  2.762   -8.157  -1.405 6  A_DC7:DG9_C  A 7  ? C 9  ? 19 1 
1 A DC 8  1_555 C DG 1 1_555 0.015  -0.008 0.338  -4.335  -16.608 -5.169 7  A_DC8:DG8_C  A 8  ? C 8  ? 19 1 
1 A DT 9  1_555 B DA 7 1_555 -0.076 0.025  -0.540 -8.167  -21.052 28.225 8  A_DT9:DA7_B  A 9  ? B 7  ? ?  1 
1 A DG 10 1_555 B DC 6 1_555 -0.350 -0.189 -0.083 -3.858  -23.819 7.391  9  A_DG10:DC6_B A 10 ? B 6  ? 19 1 
1 A DT 11 1_555 B DA 5 1_555 -1.791 -0.160 -0.697 -11.447 -12.671 6.851  10 A_DT11:DA5_B A 11 ? B 5  ? 20 1 
1 A DT 13 1_555 B DA 3 1_555 -0.301 0.010  0.662  -6.367  3.958   8.181  11 A_DT13:DA3_B A 13 ? B 3  ? 20 1 
1 A DG 14 1_555 B DC 2 1_555 -0.244 0.059  0.063  -15.178 -10.783 -0.824 12 A_DG14:DC2_B A 14 ? B 2  ? 19 1 
1 A DG 15 1_555 B DC 1 1_555 -0.195 -0.096 -0.261 -8.838  -8.342  3.371  13 A_DG15:DC1_B A 15 ? B 1  ? 19 1 
1 A DA 16 1_555 D DT 7 1_555 0.388  -0.241 1.160  4.085   -8.855  -7.874 14 A_DA16:DT7_D A 16 ? D 7  ? 20 1 
1 A DC 17 1_555 D DG 6 1_555 0.205  -0.131 0.686  -2.125  -3.177  3.059  15 A_DC17:DG6_D A 17 ? D 6  ? 19 1 
1 A DA 18 1_555 D DT 5 1_555 0.214  -0.234 0.802  7.438   -0.507  -1.353 16 A_DA18:DT5_D A 18 ? D 5  ? 20 1 
1 A DT 19 1_555 D DA 4 1_555 -0.042 -0.209 0.361  3.021   -2.845  0.013  17 A_DT19:DA4_D A 19 ? D 4  ? 20 1 
1 A DC 20 1_555 D DG 3 1_555 0.067  -0.219 -0.152 -3.582  -7.069  -2.106 18 A_DC20:DG3_D A 20 ? D 3  ? 19 1 
1 A DA 21 1_555 D DT 2 1_555 0.187  -0.187 -0.340 1.151   -8.943  1.750  19 A_DA21:DT2_D A 21 ? D 2  ? 20 1 
# 
loop_
_ndb_struct_na_base_pair_step.model_number 
_ndb_struct_na_base_pair_step.i_label_asym_id_1 
_ndb_struct_na_base_pair_step.i_label_comp_id_1 
_ndb_struct_na_base_pair_step.i_label_seq_id_1 
_ndb_struct_na_base_pair_step.i_symmetry_1 
_ndb_struct_na_base_pair_step.j_label_asym_id_1 
_ndb_struct_na_base_pair_step.j_label_comp_id_1 
_ndb_struct_na_base_pair_step.j_label_seq_id_1 
_ndb_struct_na_base_pair_step.j_symmetry_1 
_ndb_struct_na_base_pair_step.i_label_asym_id_2 
_ndb_struct_na_base_pair_step.i_label_comp_id_2 
_ndb_struct_na_base_pair_step.i_label_seq_id_2 
_ndb_struct_na_base_pair_step.i_symmetry_2 
_ndb_struct_na_base_pair_step.j_label_asym_id_2 
_ndb_struct_na_base_pair_step.j_label_comp_id_2 
_ndb_struct_na_base_pair_step.j_label_seq_id_2 
_ndb_struct_na_base_pair_step.j_symmetry_2 
_ndb_struct_na_base_pair_step.shift 
_ndb_struct_na_base_pair_step.slide 
_ndb_struct_na_base_pair_step.rise 
_ndb_struct_na_base_pair_step.tilt 
_ndb_struct_na_base_pair_step.roll 
_ndb_struct_na_base_pair_step.twist 
_ndb_struct_na_base_pair_step.x_displacement 
_ndb_struct_na_base_pair_step.y_displacement 
_ndb_struct_na_base_pair_step.helical_rise 
_ndb_struct_na_base_pair_step.inclination 
_ndb_struct_na_base_pair_step.tip 
_ndb_struct_na_base_pair_step.helical_twist 
_ndb_struct_na_base_pair_step.step_number 
_ndb_struct_na_base_pair_step.step_name 
_ndb_struct_na_base_pair_step.i_auth_asym_id_1 
_ndb_struct_na_base_pair_step.i_auth_seq_id_1 
_ndb_struct_na_base_pair_step.i_PDB_ins_code_1 
_ndb_struct_na_base_pair_step.j_auth_asym_id_1 
_ndb_struct_na_base_pair_step.j_auth_seq_id_1 
_ndb_struct_na_base_pair_step.j_PDB_ins_code_1 
_ndb_struct_na_base_pair_step.i_auth_asym_id_2 
_ndb_struct_na_base_pair_step.i_auth_seq_id_2 
_ndb_struct_na_base_pair_step.i_PDB_ins_code_2 
_ndb_struct_na_base_pair_step.j_auth_asym_id_2 
_ndb_struct_na_base_pair_step.j_auth_seq_id_2 
_ndb_struct_na_base_pair_step.j_PDB_ins_code_2 
1 A DA 2  1_555 C DT 7 1_555 A DG 3  1_555 C DC 6 1_555 0.999  -0.011 2.963 -4.824  3.233   38.224 -0.370 -2.036 2.811 4.903   
7.314   38.647 1  AA_DA2DG3:DC13DT14_CC A 2  ? C 14 ? A 3  ? C 13 ? 
1 A DG 3  1_555 C DC 6 1_555 A DC 4  1_555 C DG 5 1_555 0.333  -1.280 3.332 -2.506  2.240   29.701 -2.946 -1.165 3.190 4.352   
4.869   29.887 2  AA_DG3DC4:DG12DC13_CC A 3  ? C 13 ? A 4  ? C 12 ? 
1 A DC 4  1_555 C DG 5 1_555 A DA 5  1_555 C DT 4 1_555 -0.620 -1.336 3.034 -0.077  5.928   32.947 -3.194 1.066  2.760 10.348  
0.134   33.462 3  AA_DC4DA5:DT11DG12_CC A 4  ? C 12 ? A 5  ? C 11 ? 
1 A DA 5  1_555 C DT 4 1_555 A DG 6  1_555 C DC 3 1_555 1.797  -1.191 2.807 -6.426  5.167   26.787 -3.393 -4.872 2.067 10.832  
13.470  28.006 4  AA_DA5DG6:DC10DT11_CC A 5  ? C 11 ? A 6  ? C 10 ? 
1 A DG 6  1_555 C DC 3 1_555 A DC 7  1_555 C DG 2 1_555 -0.464 -1.637 3.303 0.007   3.120   39.201 -2.800 0.691  3.169 4.642   
-0.010  39.320 5  AA_DG6DC7:DG9DC10_CC  A 6  ? C 10 ? A 7  ? C 9  ? 
1 A DC 7  1_555 C DG 2 1_555 A DC 8  1_555 C DG 1 1_555 -0.627 -0.249 3.118 1.959   -8.036  47.788 0.291  0.909  3.093 -9.834  
-2.397  48.457 6  AA_DC7DC8:DG8DG9_CC   A 7  ? C 9  ? A 8  ? C 8  ? 
1 A DC 8  1_555 C DG 1 1_555 A DT 9  1_555 B DA 7 1_555 -0.582 -0.678 3.601 9.278   -3.206  10.627 0.358  11.143 2.428 -13.992 
-40.491 14.458 7  AA_DC8DT9:DA7DG8_BC   A 8  ? C 8  ? A 9  ? B 7  ? 
1 A DT 9  1_555 B DA 7 1_555 A DG 10 1_555 B DC 6 1_555 -1.082 1.569  3.458 -7.649  8.735   36.006 1.130  0.538  3.865 13.700  
11.996  37.772 8  AA_DT9DG10:DC6DA7_BB  A 9  ? B 7  ? A 10 ? B 6  ? 
1 A DG 10 1_555 B DC 6 1_555 A DT 11 1_555 B DA 5 1_555 -0.264 0.525  3.357 2.841   7.351   30.704 -0.451 1.029  3.352 13.603  
-5.257  31.675 9  AA_DG10DT11:DA5DC6_BB A 10 ? B 6  ? A 11 ? B 5  ? 
1 A DT 11 1_555 B DA 5 1_555 A DT 13 1_555 B DA 3 1_555 0.174  0.386  6.445 -8.458  8.344   68.932 -0.253 -0.751 6.395 7.317   
7.417   69.823 10 AA_DT11DT13:DA3DA5_BB A 11 ? B 5  ? A 13 ? B 3  ? 
1 A DT 13 1_555 B DA 3 1_555 A DG 14 1_555 B DC 2 1_555 -0.435 3.387  3.659 1.890   -13.246 49.607 4.819  0.631  2.714 -15.464 
-2.206  51.270 11 AA_DT13DG14:DC2DA3_BB A 13 ? B 3  ? A 14 ? B 2  ? 
1 A DG 14 1_555 B DC 2 1_555 A DG 15 1_555 B DC 1 1_555 1.132  1.569  3.339 -6.054  5.437   41.583 1.602  -2.203 3.320 7.571   
8.430   42.337 12 AA_DG14DG15:DC1DC2_BB A 14 ? B 2  ? A 15 ? B 1  ? 
1 A DG 15 1_555 B DC 1 1_555 A DA 16 1_555 D DT 7 1_555 -1.721 -1.056 2.649 -15.888 -0.002  26.344 -1.995 0.254  3.156 -0.004  
31.482  30.691 13 AA_DG15DA16:DT7DC1_DB A 15 ? B 1  ? A 16 ? D 7  ? 
1 A DA 16 1_555 D DT 7 1_555 A DC 17 1_555 D DG 6 1_555 0.896  -0.915 3.414 2.255   -0.298  28.381 -1.788 -1.277 3.483 -0.607  
-4.590  28.470 14 AA_DA16DC17:DG6DT7_DD A 16 ? D 7  ? A 17 ? D 6  ? 
1 A DC 17 1_555 D DG 6 1_555 A DA 18 1_555 D DT 5 1_555 -0.458 0.928  3.070 -3.972  -16.823 44.507 2.368  0.281  2.607 -21.283 
5.025   47.586 15 AA_DC17DA18:DT5DG6_DD A 17 ? D 6  ? A 18 ? D 5  ? 
1 A DA 18 1_555 D DT 5 1_555 A DT 19 1_555 D DA 4 1_555 0.652  -1.108 3.367 1.235   -1.544  30.962 -1.762 -0.971 3.440 -2.889  
-2.311  31.023 16 AA_DA18DT19:DA4DT5_DD A 18 ? D 5  ? A 19 ? D 4  ? 
1 A DT 19 1_555 D DA 4 1_555 A DC 20 1_555 D DG 3 1_555 0.110  -0.562 3.348 4.051   -3.327  40.847 -0.429 0.295  3.377 -4.744  
-5.775  41.168 17 AA_DT19DC20:DG3DA4_DD A 19 ? D 4  ? A 20 ? D 3  ? 
1 A DC 20 1_555 D DG 3 1_555 A DA 21 1_555 D DT 2 1_555 -0.019 0.490  3.637 1.032   7.807   30.711 -0.731 0.250  3.646 14.444  
-1.910  31.681 18 AA_DC20DA21:DT2DG3_DD A 20 ? D 3  ? A 21 ? D 2  ? 
# 
loop_
_pdbx_audit_support.funding_organization 
_pdbx_audit_support.country 
_pdbx_audit_support.grant_number 
_pdbx_audit_support.ordinal 
'Office of Naval Research (ONR)'                                 'United States' N000141912596                      1 
'Department of Energy (DOE, United States)'                      'United States' DE-SC0007991                       2 
'National Science Foundation (NSF, United States)'               'United States' 2106790                            3 
'Human Frontier Science Program (HFSP)'                          'United States' RPG0010/2017                       4 
'National Science Foundation (NSF, United States)'               'United States' DMR-1420073                        5 
'National Aeronautic Space Administration (NASA, United States)' 'United States' '2020 NASA Center Innovation Fund' 6 
# 
_pdbx_entity_instance_feature.ordinal        1 
_pdbx_entity_instance_feature.comp_id        AG 
_pdbx_entity_instance_feature.asym_id        ? 
_pdbx_entity_instance_feature.seq_num        ? 
_pdbx_entity_instance_feature.auth_comp_id   AG 
_pdbx_entity_instance_feature.auth_asym_id   ? 
_pdbx_entity_instance_feature.auth_seq_num   ? 
_pdbx_entity_instance_feature.feature_type   'SUBJECT OF INVESTIGATION' 
_pdbx_entity_instance_feature.details        ? 
# 
_space_group.name_H-M_alt     'R 3 :H' 
_space_group.name_Hall        'R 3' 
_space_group.IT_number        146 
_space_group.crystal_system   trigonal 
_space_group.id               1 
# 
_atom_sites.entry_id                    7SDG 
_atom_sites.Cartn_transf_matrix[1][1]   ? 
_atom_sites.Cartn_transf_matrix[1][2]   ? 
_atom_sites.Cartn_transf_matrix[1][3]   ? 
_atom_sites.Cartn_transf_matrix[2][1]   ? 
_atom_sites.Cartn_transf_matrix[2][2]   ? 
_atom_sites.Cartn_transf_matrix[2][3]   ? 
_atom_sites.Cartn_transf_matrix[3][1]   ? 
_atom_sites.Cartn_transf_matrix[3][2]   ? 
_atom_sites.Cartn_transf_matrix[3][3]   ? 
_atom_sites.Cartn_transf_vector[1]      ? 
_atom_sites.Cartn_transf_vector[2]      ? 
_atom_sites.Cartn_transf_vector[3]      ? 
_atom_sites.fract_transf_matrix[1][1]   -0.00574734 
_atom_sites.fract_transf_matrix[1][2]   -0.00569098 
_atom_sites.fract_transf_matrix[1][3]   0.00729937 
_atom_sites.fract_transf_matrix[2][1]   -0.00369236 
_atom_sites.fract_transf_matrix[2][2]   0.00486861 
_atom_sites.fract_transf_matrix[2][3]   0.00902021 
_atom_sites.fract_transf_matrix[3][1]   -0.00936287 
_atom_sites.fract_transf_matrix[3][2]   0.00268263 
_atom_sites.fract_transf_matrix[3][3]   -0.00528056 
_atom_sites.fract_transf_vector[1]      0.128662 
_atom_sites.fract_transf_vector[2]      0.151169 
_atom_sites.fract_transf_vector[3]      0.251365 
_atom_sites.solution_primary            ? 
_atom_sites.solution_secondary          ? 
_atom_sites.solution_hydrogens          ? 
_atom_sites.special_details             ? 
# 
loop_
_atom_type.symbol 
_atom_type.scat_dispersion_real 
_atom_type.scat_dispersion_imag 
_atom_type.scat_Cromer_Mann_a1 
_atom_type.scat_Cromer_Mann_a2 
_atom_type.scat_Cromer_Mann_a3 
_atom_type.scat_Cromer_Mann_a4 
_atom_type.scat_Cromer_Mann_b1 
_atom_type.scat_Cromer_Mann_b2 
_atom_type.scat_Cromer_Mann_b3 
_atom_type.scat_Cromer_Mann_b4 
_atom_type.scat_Cromer_Mann_c 
_atom_type.scat_source 
_atom_type.scat_dispersion_source 
AG ? ? 46.70359 ? ? ? 5.43095  ? ? ? 0.0 
;1-Gaussian fit: Grosse-Kunstleve RW, Sauter NK, Adams PD: Newsletter of the IUCr Commission on Crystallographic Computing 2004, 3, 22-31.
;
? 
C  ? ? 5.96793  ? ? ? 14.89577 ? ? ? 0.0 
;1-Gaussian fit: Grosse-Kunstleve RW, Sauter NK, Adams PD: Newsletter of the IUCr Commission on Crystallographic Computing 2004, 3, 22-31.
;
? 
N  ? ? 6.96715  ? ? ? 11.43723 ? ? ? 0.0 
;1-Gaussian fit: Grosse-Kunstleve RW, Sauter NK, Adams PD: Newsletter of the IUCr Commission on Crystallographic Computing 2004, 3, 22-31.
;
? 
O  ? ? 7.96527  ? ? ? 9.05267  ? ? ? 0.0 
;1-Gaussian fit: Grosse-Kunstleve RW, Sauter NK, Adams PD: Newsletter of the IUCr Commission on Crystallographic Computing 2004, 3, 22-31.
;
? 
P  ? ? 14.90797 ? ? ? 11.91318 ? ? ? 0.0 
;1-Gaussian fit: Grosse-Kunstleve RW, Sauter NK, Adams PD: Newsletter of the IUCr Commission on Crystallographic Computing 2004, 3, 22-31.
;
? 
# 
loop_
_atom_site.group_PDB 
_atom_site.id 
_atom_site.type_symbol 
_atom_site.label_atom_id 
_atom_site.label_alt_id 
_atom_site.label_comp_id 
_atom_site.label_asym_id 
_atom_site.label_entity_id 
_atom_site.label_seq_id 
_atom_site.pdbx_PDB_ins_code 
_atom_site.Cartn_x 
_atom_site.Cartn_y 
_atom_site.Cartn_z 
_atom_site.occupancy 
_atom_site.B_iso_or_equiv 
_atom_site.pdbx_formal_charge 
_atom_site.auth_seq_id 
_atom_site.auth_comp_id 
_atom_site.auth_asym_id 
_atom_site.auth_atom_id 
_atom_site.pdbx_PDB_model_num 
ATOM   1   O  "O5'" . DG A 1 1  ? -2.80070  31.15900  -6.92349  1.000 323.23164 ? 1   DG A "O5'" 1 
ATOM   2   C  "C5'" . DG A 1 1  ? -1.52020  31.75760  -7.01834  1.000 296.63635 ? 1   DG A "C5'" 1 
ATOM   3   C  "C4'" . DG A 1 1  ? -1.01814  32.16377  -5.65028  1.000 284.36119 ? 1   DG A "C4'" 1 
ATOM   4   O  "O4'" . DG A 1 1  ? -1.97394  33.03725  -5.01405  1.000 288.56433 ? 1   DG A "O4'" 1 
ATOM   5   C  "C3'" . DG A 1 1  ? -0.84643  31.02019  -4.67890  1.000 283.86639 ? 1   DG A "C3'" 1 
ATOM   6   O  "O3'" . DG A 1 1  ? 0.42030   30.38346  -4.92792  1.000 286.55882 ? 1   DG A "O3'" 1 
ATOM   7   C  "C2'" . DG A 1 1  ? -0.91363  31.73602  -3.32329  1.000 280.84235 ? 1   DG A "C2'" 1 
ATOM   8   C  "C1'" . DG A 1 1  ? -1.80303  32.95953  -3.61096  1.000 284.59543 ? 1   DG A "C1'" 1 
ATOM   9   N  N9    . DG A 1 1  ? -3.12296  32.91299  -2.98110  1.000 283.64795 ? 1   DG A N9    1 
ATOM   10  C  C8    . DG A 1 1  ? -4.32940  32.71258  -3.60835  1.000 286.81938 ? 1   DG A C8    1 
ATOM   11  N  N7    . DG A 1 1  ? -5.34871  32.73419  -2.79922  1.000 291.68049 ? 1   DG A N7    1 
ATOM   12  C  C5    . DG A 1 1  ? -4.78557  32.96411  -1.55139  1.000 291.74365 ? 1   DG A C5    1 
ATOM   13  C  C6    . DG A 1 1  ? -5.40333  33.08567  -0.28519  1.000 296.06523 ? 1   DG A C6    1 
ATOM   14  O  O6    . DG A 1 1  ? -6.61113  33.00969  -0.01388  1.000 300.69999 ? 1   DG A O6    1 
ATOM   15  N  N1    . DG A 1 1  ? -4.47155  33.31951  0.72854   1.000 294.92035 ? 1   DG A N1    1 
ATOM   16  C  C2    . DG A 1 1  ? -3.11138  33.42306  0.54096   1.000 290.31454 ? 1   DG A C2    1 
ATOM   17  N  N2    . DG A 1 1  ? -2.37123  33.65197  1.64438   1.000 290.47771 ? 1   DG A N2    1 
ATOM   18  N  N3    . DG A 1 1  ? -2.51778  33.30989  -0.64666  1.000 286.09561 ? 1   DG A N3    1 
ATOM   19  C  C4    . DG A 1 1  ? -3.41623  33.08230  -1.64287  1.000 287.01151 ? 1   DG A C4    1 
ATOM   20  P  P     . DA A 1 2  ? 1.27660   29.70247  -3.75207  1.000 311.57613 ? 2   DA A P     1 
ATOM   21  O  OP1   . DA A 1 2  ? 2.37261   28.95879  -4.40941  1.000 337.10287 ? 2   DA A OP1   1 
ATOM   22  O  OP2   . DA A 1 2  ? 0.35868   28.93750  -2.88030  1.000 299.06673 ? 2   DA A OP2   1 
ATOM   23  O  "O5'" . DA A 1 2  ? 1.89734   30.96301  -2.97654  1.000 312.58151 ? 2   DA A "O5'" 1 
ATOM   24  C  "C5'" . DA A 1 2  ? 2.90261   30.78976  -2.00409  1.000 316.62410 ? 2   DA A "C5'" 1 
ATOM   25  C  "C4'" . DA A 1 2  ? 2.30990   30.80373  -0.61038  1.000 314.02642 ? 2   DA A "C4'" 1 
ATOM   26  O  "O4'" . DA A 1 2  ? 0.85465   30.97647  -0.68452  1.000 302.32239 ? 2   DA A "O4'" 1 
ATOM   27  C  "C3'" . DA A 1 2  ? 2.53901   29.50796  0.18400   1.000 301.28542 ? 2   DA A "C3'" 1 
ATOM   28  O  "O3'" . DA A 1 2  ? 3.03946   29.79956  1.54077   1.000 297.86659 ? 2   DA A "O3'" 1 
ATOM   29  C  "C2'" . DA A 1 2  ? 1.13562   28.86893  0.18877   1.000 309.84960 ? 2   DA A "C2'" 1 
ATOM   30  C  "C1'" . DA A 1 2  ? 0.28633   30.11884  0.27770   1.000 312.18409 ? 2   DA A "C1'" 1 
ATOM   31  N  N9    . DA A 1 2  ? -1.17010  29.94312  0.08316   1.000 307.90200 ? 2   DA A N9    1 
ATOM   32  C  C8    . DA A 1 2  ? -1.83100  29.59992  -1.06987  1.000 314.17644 ? 2   DA A C8    1 
ATOM   33  N  N7    . DA A 1 2  ? -3.13697  29.52906  -0.93451  1.000 297.14808 ? 2   DA A N7    1 
ATOM   34  C  C5    . DA A 1 2  ? -3.35621  29.84231  0.40223   1.000 293.66345 ? 2   DA A C5    1 
ATOM   35  C  C6    . DA A 1 2  ? -4.53202  29.93975  1.17279   1.000 290.57887 ? 2   DA A C6    1 
ATOM   36  N  N6    . DA A 1 2  ? -5.74459  29.71625  0.67267   1.000 290.56571 ? 2   DA A N6    1 
ATOM   37  N  N1    . DA A 1 2  ? -4.41274  30.27190  2.48330   1.000 290.31042 ? 2   DA A N1    1 
ATOM   38  C  C2    . DA A 1 2  ? -3.18914  30.49399  2.97784   1.000 290.66046 ? 2   DA A C2    1 
ATOM   39  N  N3    . DA A 1 2  ? -2.00765  30.43556  2.34919   1.000 296.57433 ? 2   DA A N3    1 
ATOM   40  C  C4    . DA A 1 2  ? -2.16435  30.09881  1.04396   1.000 298.33770 ? 2   DA A C4    1 
ATOM   41  P  P     . DG A 1 3  ? 2.30153   29.13931  2.81378   1.000 335.08036 ? 3   DG A P     1 
ATOM   42  O  OP1   . DG A 1 3  ? 2.25479   27.67259  2.57534   1.000 316.86239 ? 3   DG A OP1   1 
ATOM   43  O  OP2   . DG A 1 3  ? 1.13526   30.01245  3.09711   1.000 369.87664 ? 3   DG A OP2   1 
ATOM   44  O  "O5'" . DG A 1 3  ? 3.22605   29.35849  4.09939   1.000 340.81526 ? 3   DG A "O5'" 1 
ATOM   45  C  "C5'" . DG A 1 3  ? 2.59919   29.45459  5.42754   1.000 341.63378 ? 3   DG A "C5'" 1 
ATOM   46  C  "C4'" . DG A 1 3  ? 1.60322   28.30529  5.73681   1.000 333.08275 ? 3   DG A "C4'" 1 
ATOM   47  O  "O4'" . DG A 1 3  ? 0.39123   28.41164  4.93326   1.000 322.90522 ? 3   DG A "O4'" 1 
ATOM   48  C  "C3'" . DG A 1 3  ? 2.11740   26.87429  5.53114   1.000 323.57635 ? 3   DG A "C3'" 1 
ATOM   49  O  "O3'" . DG A 1 3  ? 2.52688   26.28210  6.79745   1.000 331.49572 ? 3   DG A "O3'" 1 
ATOM   50  C  "C2'" . DG A 1 3  ? 0.94126   26.12089  4.86087   1.000 313.19353 ? 3   DG A "C2'" 1 
ATOM   51  C  "C1'" . DG A 1 3  ? -0.20833  27.13853  4.85441   1.000 314.37788 ? 3   DG A "C1'" 1 
ATOM   52  N  N9    . DG A 1 3  ? -1.09006  27.03346  3.66001   1.000 310.55637 ? 3   DG A N9    1 
ATOM   53  C  C8    . DG A 1 3  ? -0.70811  26.83958  2.34718   1.000 305.57683 ? 3   DG A C8    1 
ATOM   54  N  N7    . DG A 1 3  ? -1.71589  26.75385  1.50987   1.000 302.14220 ? 3   DG A N7    1 
ATOM   55  C  C5    . DG A 1 3  ? -2.83972  26.88825  2.31196   1.000 308.14292 ? 3   DG A C5    1 
ATOM   56  C  C6    . DG A 1 3  ? -4.21872  26.86915  1.97158   1.000 302.62910 ? 3   DG A C6    1 
ATOM   57  O  O6    . DG A 1 3  ? -4.74207  26.73642  0.84942   1.000 298.76811 ? 3   DG A O6    1 
ATOM   58  N  N1    . DG A 1 3  ? -5.02314  27.03328  3.09732   1.000 296.67049 ? 3   DG A N1    1 
ATOM   59  C  C2    . DG A 1 3  ? -4.55315  27.19100  4.38344   1.000 294.87291 ? 3   DG A C2    1 
ATOM   60  N  N2    . DG A 1 3  ? -5.47073  27.33250  5.34584   1.000 291.20931 ? 3   DG A N2    1 
ATOM   61  N  N3    . DG A 1 3  ? -3.27367  27.20356  4.71440   1.000 305.94003 ? 3   DG A N3    1 
ATOM   62  C  C4    . DG A 1 3  ? -2.47509  27.05600  3.63891   1.000 311.69072 ? 3   DG A C4    1 
ATOM   63  P  P     . DC A 1 4  ? 1.46876   25.61053  7.81627   1.000 349.37456 ? 4   DC A P     1 
ATOM   64  O  OP1   . DC A 1 4  ? 0.30051   26.50699  7.96178   1.000 349.47457 ? 4   DC A OP1   1 
ATOM   65  O  OP2   . DC A 1 4  ? 2.22403   25.22367  9.03116   1.000 333.44107 ? 4   DC A OP2   1 
ATOM   66  O  "O5'" . DC A 1 4  ? 1.01522   24.25661  7.08710   1.000 335.99664 ? 4   DC A "O5'" 1 
ATOM   67  C  "C5'" . DC A 1 4  ? 0.31647   23.23400  7.80234   1.000 328.37730 ? 4   DC A "C5'" 1 
ATOM   68  C  "C4'" . DC A 1 4  ? -1.14329  23.60029  8.04222   1.000 326.44023 ? 4   DC A "C4'" 1 
ATOM   69  O  "O4'" . DC A 1 4  ? -1.61952  24.52814  7.03123   1.000 312.41223 ? 4   DC A "O4'" 1 
ATOM   70  C  "C3'" . DC A 1 4  ? -2.11805  22.43963  7.95563   1.000 324.00572 ? 4   DC A "C3'" 1 
ATOM   71  O  "O3'" . DC A 1 4  ? -2.11061  21.64822  9.16851   1.000 322.50291 ? 4   DC A "O3'" 1 
ATOM   72  C  "C2'" . DC A 1 4  ? -3.43771  23.16377  7.73238   1.000 320.01051 ? 4   DC A "C2'" 1 
ATOM   73  C  "C1'" . DC A 1 4  ? -3.01825  24.32959  6.83398   1.000 315.34679 ? 4   DC A "C1'" 1 
ATOM   74  N  N1    . DC A 1 4  ? -3.28272  24.09404  5.36841   1.000 316.79170 ? 4   DC A N1    1 
ATOM   75  C  C2    . DC A 1 4  ? -4.59960  23.90805  4.91284   1.000 313.26233 ? 4   DC A C2    1 
ATOM   76  O  O2    . DC A 1 4  ? -5.53362  23.93377  5.72809   1.000 313.17811 ? 4   DC A O2    1 
ATOM   77  N  N3    . DC A 1 4  ? -4.81180  23.69992  3.58673   1.000 312.60173 ? 4   DC A N3    1 
ATOM   78  C  C4    . DC A 1 4  ? -3.78026  23.67684  2.73630   1.000 316.54167 ? 4   DC A C4    1 
ATOM   79  N  N4    . DC A 1 4  ? -4.03724  23.47132  1.43635   1.000 321.05274 ? 4   DC A N4    1 
ATOM   80  C  C5    . DC A 1 4  ? -2.43726  23.85816  3.18093   1.000 311.21472 ? 4   DC A C5    1 
ATOM   81  C  C6    . DC A 1 4  ? -2.23828  24.06294  4.48894   1.000 314.94148 ? 4   DC A C6    1 
ATOM   82  P  P     . DA A 1 5  ? -2.57597  22.24363  10.59403  1.000 344.40358 ? 5   DA A P     1 
ATOM   83  O  OP1   . DA A 1 5  ? -2.62242  23.72532  10.61716  1.000 359.60541 ? 5   DA A OP1   1 
ATOM   84  O  OP2   . DA A 1 5  ? -1.73806  21.53182  11.58332  1.000 335.39724 ? 5   DA A OP2   1 
ATOM   85  O  "O5'" . DA A 1 5  ? -4.06012  21.67907  10.78402  1.000 326.90938 ? 5   DA A "O5'" 1 
ATOM   86  C  "C5'" . DA A 1 5  ? -5.20135  22.48450  10.46191  1.000 333.07591 ? 5   DA A "C5'" 1 
ATOM   87  C  "C4'" . DA A 1 5  ? -6.29120  21.59882  9.90923   1.000 337.23957 ? 5   DA A "C4'" 1 
ATOM   88  O  "O4'" . DA A 1 5  ? -6.42979  21.81793  8.48291   1.000 333.82600 ? 5   DA A "O4'" 1 
ATOM   89  C  "C3'" . DA A 1 5  ? -5.98615  20.11664  10.08403  1.000 338.82923 ? 5   DA A "C3'" 1 
ATOM   90  O  "O3'" . DA A 1 5  ? -6.95986  19.50341  10.88004  1.000 349.71738 ? 5   DA A "O3'" 1 
ATOM   91  C  "C2'" . DA A 1 5  ? -5.97349  19.54750  8.66677   1.000 332.03368 ? 5   DA A "C2'" 1 
ATOM   92  C  "C1'" . DA A 1 5  ? -6.72709  20.59235  7.86922   1.000 339.49247 ? 5   DA A "C1'" 1 
ATOM   93  N  N9    . DA A 1 5  ? -6.27326  20.62363  6.49087   1.000 338.05545 ? 5   DA A N9    1 
ATOM   94  C  C8    . DA A 1 5  ? -4.98727  20.80205  6.06582   1.000 338.18705 ? 5   DA A C8    1 
ATOM   95  N  N7    . DA A 1 5  ? -4.84623  20.75107  4.76809   1.000 337.75542 ? 5   DA A N7    1 
ATOM   96  C  C5    . DA A 1 5  ? -6.12806  20.50010  4.30758   1.000 337.19219 ? 5   DA A C5    1 
ATOM   97  C  C6    . DA A 1 5  ? -6.63983  20.33091  3.01418   1.000 329.13860 ? 5   DA A C6    1 
ATOM   98  N  N6    . DA A 1 5  ? -5.87899  20.39617  1.92070   1.000 336.63686 ? 5   DA A N6    1 
ATOM   99  N  N1    . DA A 1 5  ? -7.96371  20.08181  2.88934   1.000 312.81032 ? 5   DA A N1    1 
ATOM   100 C  C2    . DA A 1 5  ? -8.71865  20.01834  3.99634   1.000 319.32426 ? 5   DA A C2    1 
ATOM   101 N  N3    . DA A 1 5  ? -8.34515  20.16201  5.27228   1.000 322.44306 ? 5   DA A N3    1 
ATOM   102 C  C4    . DA A 1 5  ? -7.02062  20.40386  5.35661   1.000 335.24459 ? 5   DA A C4    1 
ATOM   103 P  P     . DG A 1 6  ? -6.83261  17.93648  11.20535  1.000 358.36189 ? 6   DG A P     1 
ATOM   104 O  OP1   . DG A 1 6  ? -7.47197  17.69281  12.51732  1.000 359.69626 ? 6   DG A OP1   1 
ATOM   105 O  OP2   . DG A 1 6  ? -5.41580  17.53827  11.00861  1.000 331.60079 ? 6   DG A OP2   1 
ATOM   106 O  "O5'" . DG A 1 6  ? -7.70290  17.24540  10.05171  1.000 348.64231 ? 6   DG A "O5'" 1 
ATOM   107 C  "C5'" . DG A 1 6  ? -8.87499  17.89832  9.54321   1.000 343.02058 ? 6   DG A "C5'" 1 
ATOM   108 C  "C4'" . DG A 1 6  ? -9.22839  17.35517  8.17346   1.000 350.14775 ? 6   DG A "C4'" 1 
ATOM   109 O  "O4'" . DG A 1 6  ? -8.32601  17.91049  7.17659   1.000 351.80584 ? 6   DG A "O4'" 1 
ATOM   110 C  "C3'" . DG A 1 6  ? -9.10610  15.82323  8.04907   1.000 352.38223 ? 6   DG A "C3'" 1 
ATOM   111 O  "O3'" . DG A 1 6  ? -10.35054 15.24638  7.64206   1.000 358.62245 ? 6   DG A "O3'" 1 
ATOM   112 C  "C2'" . DG A 1 6  ? -8.01916  15.62749  6.98960   1.000 333.31415 ? 6   DG A "C2'" 1 
ATOM   113 C  "C1'" . DG A 1 6  ? -8.12881  16.92269  6.21182   1.000 343.30746 ? 6   DG A "C1'" 1 
ATOM   114 N  N9    . DG A 1 6  ? -6.96305  17.20381  5.37654   1.000 333.32731 ? 6   DG A N9    1 
ATOM   115 C  C8    . DG A 1 6  ? -5.67814  17.54305  5.75685   1.000 327.00287 ? 6   DG A C8    1 
ATOM   116 N  N7    . DG A 1 6  ? -4.86281  17.68758  4.73711   1.000 330.93229 ? 6   DG A N7    1 
ATOM   117 C  C5    . DG A 1 6  ? -5.66350  17.40430  3.62738   1.000 328.32671 ? 6   DG A C5    1 
ATOM   118 C  C6    . DG A 1 6  ? -5.36413  17.39152  2.23615   1.000 322.56550 ? 6   DG A C6    1 
ATOM   119 O  O6    . DG A 1 6  ? -4.28736  17.64088  1.66422   1.000 325.48953 ? 6   DG A O6    1 
ATOM   120 N  N1    . DG A 1 6  ? -6.49316  17.05455  1.47152   1.000 318.48869 ? 6   DG A N1    1 
ATOM   121 C  C2    . DG A 1 6  ? -7.73897  16.76370  1.99060   1.000 320.72054 ? 6   DG A C2    1 
ATOM   122 N  N2    . DG A 1 6  ? -8.71174  16.44817  1.12135   1.000 323.24189 ? 6   DG A N2    1 
ATOM   123 N  N3    . DG A 1 6  ? -8.01693  16.77820  3.27130   1.000 321.42852 ? 6   DG A N3    1 
ATOM   124 C  C4    . DG A 1 6  ? -6.94791  17.10837  4.02349   1.000 329.72162 ? 6   DG A C4    1 
ATOM   125 P  P     . DC A 1 7  ? -10.62687 13.67367  7.85965   1.000 351.75961 ? 7   DC A P     1 
ATOM   126 O  OP1   . DC A 1 7  ? -11.70213 13.52957  8.86214   1.000 353.81249 ? 7   DC A OP1   1 
ATOM   127 O  OP2   . DC A 1 7  ? -9.33781  12.98971  8.10303   1.000 338.34222 ? 7   DC A OP2   1 
ATOM   128 O  "O5'" . DC A 1 7  ? -11.19026 13.18648  6.44378   1.000 340.97938 ? 7   DC A "O5'" 1 
ATOM   129 C  "C5'" . DC A 1 7  ? -11.60742 14.14715  5.46220   1.000 341.25572 ? 7   DC A "C5'" 1 
ATOM   130 C  "C4'" . DC A 1 7  ? -11.52774 13.55384  4.06489   1.000 335.20763 ? 7   DC A "C4'" 1 
ATOM   131 O  "O4'" . DC A 1 7  ? -10.36313 14.09138  3.36613   1.000 330.61497 ? 7   DC A "O4'" 1 
ATOM   132 C  "C3'" . DC A 1 7  ? -11.36935 12.02462  4.02266   1.000 331.75722 ? 7   DC A "C3'" 1 
ATOM   133 O  "O3'" . DC A 1 7  ? -12.08351 11.49873  2.90899   1.000 335.56030 ? 7   DC A "O3'" 1 
ATOM   134 C  "C2'" . DC A 1 7  ? -9.86501  11.86296  3.83915   1.000 320.57693 ? 7   DC A "C2'" 1 
ATOM   135 C  "C1'" . DC A 1 7  ? -9.59026  13.00733  2.88221   1.000 324.92219 ? 7   DC A "C1'" 1 
ATOM   136 N  N1    . DC A 1 7  ? -8.13722  13.40279  2.78526   1.000 323.19303 ? 7   DC A N1    1 
ATOM   137 C  C2    . DC A 1 7  ? -7.52855  13.41706  1.52657   1.000 321.98762 ? 7   DC A C2    1 
ATOM   138 O  O2    . DC A 1 7  ? -8.21178  13.11194  0.53106   1.000 317.11336 ? 7   DC A O2    1 
ATOM   139 N  N3    . DC A 1 7  ? -6.21625  13.76305  1.43372   1.000 326.31183 ? 7   DC A N3    1 
ATOM   140 C  C4    . DC A 1 7  ? -5.52381  14.08042  2.53871   1.000 328.41471 ? 7   DC A C4    1 
ATOM   141 N  N4    . DC A 1 7  ? -4.23491  14.42312  2.39338   1.000 344.67719 ? 7   DC A N4    1 
ATOM   142 C  C5    . DC A 1 7  ? -6.12717  14.06428  3.83320   1.000 320.79011 ? 7   DC A C5    1 
ATOM   143 C  C6    . DC A 1 7  ? -7.42454  13.72178  3.90974   1.000 322.90616 ? 7   DC A C6    1 
ATOM   144 P  P     . DC A 1 8  ? -12.23106 9.91177   2.68331   1.000 337.30086 ? 8   DC A P     1 
ATOM   145 O  OP1   . DC A 1 8  ? -13.39786 9.46909   3.47612   1.000 342.21198 ? 8   DC A OP1   1 
ATOM   146 O  OP2   . DC A 1 8  ? -10.93842 9.22441   2.89135   1.000 328.73668 ? 8   DC A OP2   1 
ATOM   147 O  "O5'" . DC A 1 8  ? -12.55123 9.80044   1.11945   1.000 318.59336 ? 8   DC A "O5'" 1 
ATOM   148 C  "C5'" . DC A 1 8  ? -12.11352 8.66730   0.39921   1.000 313.76383 ? 8   DC A "C5'" 1 
ATOM   149 C  "C4'" . DC A 1 8  ? -11.86260 8.98986   -1.06723  1.000 320.29093 ? 8   DC A "C4'" 1 
ATOM   150 O  "O4'" . DC A 1 8  ? -11.15938 10.26248  -1.21020  1.000 325.44681 ? 8   DC A "O4'" 1 
ATOM   151 C  "C3'" . DC A 1 8  ? -11.03041 7.93867   -1.78859  1.000 327.66286 ? 8   DC A "C3'" 1 
ATOM   152 O  "O3'" . DC A 1 8  ? -11.93778 7.02739   -2.46171  1.000 338.12728 ? 8   DC A "O3'" 1 
ATOM   153 C  "C2'" . DC A 1 8  ? -10.14498 8.76564   -2.73490  1.000 326.99699 ? 8   DC A "C2'" 1 
ATOM   154 C  "C1'" . DC A 1 8  ? -9.97962  10.09463  -1.97738  1.000 332.77137 ? 8   DC A "C1'" 1 
ATOM   155 N  N1    . DC A 1 8  ? -8.76444  10.20399  -1.01116  1.000 325.45207 ? 8   DC A N1    1 
ATOM   156 C  C2    . DC A 1 8  ? -7.45990  10.54405  -1.47720  1.000 321.17524 ? 8   DC A C2    1 
ATOM   157 O  O2    . DC A 1 8  ? -7.23798  10.71480  -2.69240  1.000 326.98120 ? 8   DC A O2    1 
ATOM   158 N  N3    . DC A 1 8  ? -6.44132  10.64808  -0.55113  1.000 311.89255 ? 8   DC A N3    1 
ATOM   159 C  C4    . DC A 1 8  ? -6.68335  10.45636  0.75412   1.000 310.43711 ? 8   DC A C4    1 
ATOM   160 N  N4    . DC A 1 8  ? -5.65686  10.57562  1.61723   1.000 315.09294 ? 8   DC A N4    1 
ATOM   161 C  C5    . DC A 1 8  ? -7.98671  10.13897  1.23378   1.000 306.00237 ? 8   DC A C5    1 
ATOM   162 C  C6    . DC A 1 8  ? -8.97914  10.03662  0.33563   1.000 310.91612 ? 8   DC A C6    1 
ATOM   163 P  P     . DT A 1 9  ? -11.50228 6.08302   -3.69057  1.000 332.96257 ? 9   DT A P     1 
ATOM   164 O  OP1   . DT A 1 9  ? -11.74739 6.88317   -4.91608  1.000 327.68036 ? 9   DT A OP1   1 
ATOM   165 O  OP2   . DT A 1 9  ? -12.17998 4.77629   -3.51996  1.000 343.71386 ? 9   DT A OP2   1 
ATOM   166 O  "O5'" . DT A 1 9  ? -9.94989  5.77705   -3.46611  1.000 323.61935 ? 9   DT A "O5'" 1 
ATOM   167 C  "C5'" . DT A 1 9  ? -9.19391  5.17120   -4.51217  1.000 324.88529 ? 9   DT A "C5'" 1 
ATOM   168 C  "C4'" . DT A 1 9  ? -8.84873  6.18947   -5.59929  1.000 321.21906 ? 9   DT A "C4'" 1 
ATOM   169 O  "O4'" . DT A 1 9  ? -8.45762  7.44422   -5.00281  1.000 324.03519 ? 9   DT A "O4'" 1 
ATOM   170 C  "C3'" . DT A 1 9  ? -7.71290  5.77455   -6.52528  1.000 318.44504 ? 9   DT A "C3'" 1 
ATOM   171 O  "O3'" . DT A 1 9  ? -8.12331  5.79954   -7.88925  1.000 320.23736 ? 9   DT A "O3'" 1 
ATOM   172 C  "C2'" . DT A 1 9  ? -6.54062  6.73433   -6.23008  1.000 312.11797 ? 9   DT A "C2'" 1 
ATOM   173 C  "C1'" . DT A 1 9  ? -7.06080  7.62690   -5.10818  1.000 313.82080 ? 9   DT A "C1'" 1 
ATOM   174 N  N1    . DT A 1 9  ? -6.40536  7.46308   -3.70788  1.000 307.61217 ? 9   DT A N1    1 
ATOM   175 C  C2    . DT A 1 9  ? -5.11170  7.91437   -3.50646  1.000 303.98805 ? 9   DT A C2    1 
ATOM   176 O  O2    . DT A 1 9  ? -4.42109  8.38543   -4.40564  1.000 316.67904 ? 9   DT A O2    1 
ATOM   177 N  N3    . DT A 1 9  ? -4.64320  7.77591   -2.20241  1.000 295.42649 ? 9   DT A N3    1 
ATOM   178 C  C4    . DT A 1 9  ? -5.32959  7.25793   -1.10588  1.000 290.61539 ? 9   DT A C4    1 
ATOM   179 O  O4    . DT A 1 9  ? -4.82499  7.18206   0.01490   1.000 281.34586 ? 9   DT A O4    1 
ATOM   180 C  C5    . DT A 1 9  ? -6.68795  6.82175   -1.38421  1.000 298.37422 ? 9   DT A C5    1 
ATOM   181 C  C7    . DT A 1 9  ? -7.53748  6.24513   -0.28415  1.000 298.16630 ? 9   DT A C7    1 
ATOM   182 C  C6    . DT A 1 9  ? -7.15328  6.95447   -2.64643  1.000 309.00707 ? 9   DT A C6    1 
ATOM   183 P  P     . DG A 1 10 ? -8.81797  4.49558   -8.53270  1.000 309.56626 ? 10  DG A P     1 
ATOM   184 O  OP1   . DG A 1 10 ? -8.78270  4.63830   -10.00606 1.000 292.05364 ? 10  DG A OP1   1 
ATOM   185 O  OP2   . DG A 1 10 ? -10.12095 4.29205   -7.85949  1.000 348.73938 ? 10  DG A OP2   1 
ATOM   186 O  "O5'" . DG A 1 10 ? -7.88099  3.28305   -8.07204  1.000 295.69618 ? 10  DG A "O5'" 1 
ATOM   187 C  "C5'" . DG A 1 10 ? -7.14507  2.55754   -9.02792  1.000 296.83579 ? 10  DG A "C5'" 1 
ATOM   188 C  "C4'" . DG A 1 10 ? -6.09306  3.43935   -9.66266  1.000 277.71244 ? 10  DG A "C4'" 1 
ATOM   189 O  "O4'" . DG A 1 10 ? -5.80705  4.55212   -8.79462  1.000 281.86031 ? 10  DG A "O4'" 1 
ATOM   190 C  "C3'" . DG A 1 10 ? -4.78036  2.74475   -9.94497  1.000 271.38274 ? 10  DG A "C3'" 1 
ATOM   191 O  "O3'" . DG A 1 10 ? -4.47390  2.86211   -11.30571 1.000 270.77477 ? 10  DG A "O3'" 1 
ATOM   192 C  "C2'" . DG A 1 10 ? -3.73517  3.46098   -9.08237  1.000 268.48765 ? 10  DG A "C2'" 1 
ATOM   193 C  "C1'" . DG A 1 10 ? -4.52009  4.43362   -8.24975  1.000 279.33895 ? 10  DG A "C1'" 1 
ATOM   194 N  N9    . DG A 1 10 ? -4.61271  4.13729   -6.81359  1.000 272.76711 ? 10  DG A N9    1 
ATOM   195 C  C8    . DG A 1 10 ? -5.69086  3.64530   -6.11489  1.000 274.13570 ? 10  DG A C8    1 
ATOM   196 N  N7    . DG A 1 10 ? -5.50376  3.57906   -4.82490  1.000 268.67452 ? 10  DG A N7    1 
ATOM   197 C  C5    . DG A 1 10 ? -4.20203  4.02224   -4.66291  1.000 268.19814 ? 10  DG A C5    1 
ATOM   198 C  C6    . DG A 1 10 ? -3.41853  4.14712   -3.49405  1.000 266.30581 ? 10  DG A C6    1 
ATOM   199 O  O6    . DG A 1 10 ? -3.72502  3.89690   -2.31405  1.000 274.24887 ? 10  DG A O6    1 
ATOM   200 N  N1    . DG A 1 10 ? -2.15214  4.64078   -3.78926  1.000 262.91593 ? 10  DG A N1    1 
ATOM   201 C  C2    . DG A 1 10 ? -1.69366  4.96803   -5.04645  1.000 263.65286 ? 10  DG A C2    1 
ATOM   202 N  N2    . DG A 1 10 ? -0.43692  5.41866   -5.12189  1.000 266.99537 ? 10  DG A N2    1 
ATOM   203 N  N3    . DG A 1 10 ? -2.40930  4.85238   -6.14421  1.000 257.23630 ? 10  DG A N3    1 
ATOM   204 C  C4    . DG A 1 10 ? -3.64535  4.37880   -5.88002  1.000 264.91880 ? 10  DG A C4    1 
ATOM   205 P  P     . DT A 1 11 ? -3.08802  2.26784   -11.85982 1.000 266.21379 ? 11  DT A P     1 
ATOM   206 O  OP1   . DT A 1 11 ? -3.25021  2.12041   -13.32141 1.000 270.30376 ? 11  DT A OP1   1 
ATOM   207 O  OP2   . DT A 1 11 ? -2.78136  1.07007   -11.05035 1.000 255.42303 ? 11  DT A OP2   1 
ATOM   208 O  "O5'" . DT A 1 11 ? -2.00401  3.41964   -11.54134 1.000 274.37004 ? 11  DT A "O5'" 1 
ATOM   209 C  "C5'" . DT A 1 11 ? -0.68741  3.36701   -12.09608 1.000 259.85251 ? 11  DT A "C5'" 1 
ATOM   210 C  "C4'" . DT A 1 11 ? 0.26373   2.69385   -11.13686 1.000 246.00611 ? 11  DT A "C4'" 1 
ATOM   211 O  "O4'" . DT A 1 11 ? -0.31340  2.71672   -9.79351  1.000 248.41166 ? 11  DT A "O4'" 1 
ATOM   212 C  "C3'" . DT A 1 11 ? 0.56346   1.22480   -11.47258 1.000 227.47494 ? 11  DT A "C3'" 1 
ATOM   213 O  "O3'" . DT A 1 11 ? 2.06336   1.01845   -11.74853 1.000 219.18710 ? 11  DT A "O3'" 1 
ATOM   214 C  "C2'" . DT A 1 11 ? -0.01486  0.43683   -10.25372 1.000 246.51933 ? 11  DT A "C2'" 1 
ATOM   215 C  "C1'" . DT A 1 11 ? -0.00948  1.50604   -9.14730  1.000 261.10265 ? 11  DT A "C1'" 1 
ATOM   216 N  N1    . DT A 1 11 ? -0.92924  1.30331   -7.89853  1.000 275.56228 ? 11  DT A N1    1 
ATOM   217 C  C2    . DT A 1 11 ? -0.39058  1.50140   -6.64233  1.000 267.02179 ? 11  DT A C2    1 
ATOM   218 O  O2    . DT A 1 11 ? 0.77879   1.78202   -6.46248  1.000 281.20507 ? 11  DT A O2    1 
ATOM   219 N  N3    . DT A 1 11 ? -1.26772  1.33224   -5.59473  1.000 266.96915 ? 11  DT A N3    1 
ATOM   220 C  C4    . DT A 1 11 ? -2.60815  1.00789   -5.66761  1.000 272.60403 ? 11  DT A C4    1 
ATOM   221 O  O4    . DT A 1 11 ? -3.31981  0.87894   -4.67061  1.000 274.15159 ? 11  DT A O4    1 
ATOM   222 C  C5    . DT A 1 11 ? -3.12004  0.82383   -6.99773  1.000 279.32852 ? 11  DT A C5    1 
ATOM   223 C  C7    . DT A 1 11 ? -4.56137  0.47172   -7.19114  1.000 286.60571 ? 11  DT A C7    1 
ATOM   224 C  C6    . DT A 1 11 ? -2.26295  0.96410   -8.03914  1.000 278.79951 ? 11  DT A C6    1 
ATOM   225 P  P     . DC A 1 12 ? 3.01761   0.28526   -10.65538 1.000 246.16896 ? 12  DC A P     1 
ATOM   226 O  OP1   . DC A 1 12 ? 2.90783   -1.19261  -10.66601 1.000 247.92180 ? 12  DC A OP1   1 
ATOM   227 O  OP2   . DC A 1 12 ? 2.70835   1.13385   -9.48501  1.000 283.85769 ? 12  DC A OP2   1 
ATOM   228 O  "O5'" . DC A 1 12 ? 4.55876   0.62420   -10.85125 1.000 261.30498 ? 12  DC A "O5'" 1 
ATOM   229 C  "C5'" . DC A 1 12 ? 5.56186   -0.33702  -10.45569 1.000 236.12565 ? 12  DC A "C5'" 1 
ATOM   230 C  "C4'" . DC A 1 12 ? 5.54295   -0.71248  -8.95752  1.000 244.21083 ? 12  DC A "C4'" 1 
ATOM   231 O  "O4'" . DC A 1 12 ? 4.29594   -0.34629  -8.28505  1.000 255.49376 ? 12  DC A "O4'" 1 
ATOM   232 C  "C3'" . DC A 1 12 ? 5.73323   -2.20768  -8.69705  1.000 242.77381 ? 12  DC A "C3'" 1 
ATOM   233 O  "O3'" . DC A 1 12 ? 7.04804   -2.50510  -8.13721  1.000 237.37843 ? 12  DC A "O3'" 1 
ATOM   234 C  "C2'" . DC A 1 12 ? 4.58728   -2.60064  -7.76069  1.000 261.89190 ? 12  DC A "C2'" 1 
ATOM   235 C  "C1'" . DC A 1 12 ? 4.05834   -1.26747  -7.24495  1.000 260.97073 ? 12  DC A "C1'" 1 
ATOM   236 N  N1    . DC A 1 12 ? 2.55963   -1.34598  -6.87033  1.000 267.64259 ? 12  DC A N1    1 
ATOM   237 C  C2    . DC A 1 12 ? 2.18524   -1.46970  -5.51826  1.000 274.80923 ? 12  DC A C2    1 
ATOM   238 O  O2    . DC A 1 12 ? 3.07174   -1.44685  -4.64472  1.000 273.24589 ? 12  DC A O2    1 
ATOM   239 N  N3    . DC A 1 12 ? 0.85242   -1.59075  -5.20133  1.000 280.56256 ? 12  DC A N3    1 
ATOM   240 C  C4    . DC A 1 12 ? -0.07068  -1.61829  -6.16342  1.000 283.43658 ? 12  DC A C4    1 
ATOM   241 N  N4    . DC A 1 12 ? -1.35440  -1.73963  -5.80570  1.000 289.41099 ? 12  DC A N4    1 
ATOM   242 C  C5    . DC A 1 12 ? 0.29103   -1.52522  -7.53795  1.000 276.61208 ? 12  DC A C5    1 
ATOM   243 C  C6    . DC A 1 12 ? 1.60303   -1.39876  -7.84459  1.000 267.45835 ? 12  DC A C6    1 
ATOM   244 P  P     . DT A 1 13 ? 7.53928   -1.85408  -6.71369  1.000 247.09186 ? 13  DT A P     1 
ATOM   245 O  OP1   . DT A 1 13 ? 7.63844   -0.37645  -6.84378  1.000 246.41283 ? 13  DT A OP1   1 
ATOM   246 O  OP2   . DT A 1 13 ? 8.74107   -2.61116  -6.27089  1.000 239.60938 ? 13  DT A OP2   1 
ATOM   247 O  "O5'" . DT A 1 13 ? 6.37421   -2.16279  -5.63980  1.000 267.24164 ? 13  DT A "O5'" 1 
ATOM   248 C  "C5'" . DT A 1 13 ? 6.58868   -2.00773  -4.24185  1.000 265.82042 ? 13  DT A "C5'" 1 
ATOM   249 C  "C4'" . DT A 1 13 ? 6.52350   -3.36395  -3.59208  1.000 267.06004 ? 13  DT A "C4'" 1 
ATOM   250 O  "O4'" . DT A 1 13 ? 5.14063   -3.72969  -3.40513  1.000 285.84651 ? 13  DT A "O4'" 1 
ATOM   251 C  "C3'" . DT A 1 13 ? 7.16551   -4.46393  -4.43742  1.000 254.37694 ? 13  DT A "C3'" 1 
ATOM   252 O  "O3'" . DT A 1 13 ? 8.20876   -5.15449  -3.69441  1.000 259.66968 ? 13  DT A "O3'" 1 
ATOM   253 C  "C2'" . DT A 1 13 ? 5.99017   -5.36957  -4.86334  1.000 276.23746 ? 13  DT A "C2'" 1 
ATOM   254 C  "C1'" . DT A 1 13 ? 4.92588   -5.05485  -3.82137  1.000 280.66431 ? 13  DT A "C1'" 1 
ATOM   255 N  N1    . DT A 1 13 ? 3.49483   -5.16665  -4.29488  1.000 269.87354 ? 13  DT A N1    1 
ATOM   256 C  C2    . DT A 1 13 ? 2.50906   -5.29916  -3.34656  1.000 271.99748 ? 13  DT A C2    1 
ATOM   257 O  O2    . DT A 1 13 ? 2.76157   -5.34726  -2.15916  1.000 269.93670 ? 13  DT A O2    1 
ATOM   258 N  N3    . DT A 1 13 ? 1.21823   -5.38332  -3.83436  1.000 275.54790 ? 13  DT A N3    1 
ATOM   259 C  C4    . DT A 1 13 ? 0.81767   -5.33653  -5.14808  1.000 278.12453 ? 13  DT A C4    1 
ATOM   260 O  O4    . DT A 1 13 ? -0.37705  -5.41591  -5.48075  1.000 281.85655 ? 13  DT A O4    1 
ATOM   261 C  C5    . DT A 1 13 ? 1.90620   -5.18798  -6.10889  1.000 273.42133 ? 13  DT A C5    1 
ATOM   262 C  C7    . DT A 1 13 ? 1.60530   -5.12885  -7.57207  1.000 268.51548 ? 13  DT A C7    1 
ATOM   263 C  C6    . DT A 1 13 ? 3.17842   -5.10919  -5.63910  1.000 269.03923 ? 13  DT A C6    1 
ATOM   264 P  P     . DG A 1 14 ? 9.44424   -4.35323  -3.01482  1.000 255.74941 ? 14  DG A P     1 
ATOM   265 O  OP1   . DG A 1 14 ? 9.92041   -3.25866  -3.89262  1.000 248.81700 ? 14  DG A OP1   1 
ATOM   266 O  OP2   . DG A 1 14 ? 10.43578  -5.36146  -2.56601  1.000 255.44674 ? 14  DG A OP2   1 
ATOM   267 O  "O5'" . DG A 1 14 ? 8.78776   -3.70943  -1.70210  1.000 269.74319 ? 14  DG A "O5'" 1 
ATOM   268 C  "C5'" . DG A 1 14 ? 9.44429   -3.78825  -0.46198  1.000 276.30713 ? 14  DG A "C5'" 1 
ATOM   269 C  "C4'" . DG A 1 14 ? 8.63480   -4.58570  0.55141   1.000 277.21514 ? 14  DG A "C4'" 1 
ATOM   270 O  "O4'" . DG A 1 14 ? 7.43378   -5.16369  -0.04858  1.000 274.12003 ? 14  DG A "O4'" 1 
ATOM   271 C  "C3'" . DG A 1 14 ? 9.37584   -5.76219  1.14069   1.000 260.99214 ? 14  DG A "C3'" 1 
ATOM   272 O  "O3'" . DG A 1 14 ? 8.91392   -5.97188  2.41757   1.000 262.88447 ? 14  DG A "O3'" 1 
ATOM   273 C  "C2'" . DG A 1 14 ? 8.94909   -6.89433  0.22912   1.000 267.34027 ? 14  DG A "C2'" 1 
ATOM   274 C  "C1'" . DG A 1 14 ? 7.47502   -6.57372  0.10611   1.000 267.29290 ? 14  DG A "C1'" 1 
ATOM   275 N  N9    . DG A 1 14 ? 6.85044   -7.17054  -1.06184  1.000 270.79332 ? 14  DG A N9    1 
ATOM   276 C  C8    . DG A 1 14 ? 7.46082   -7.47326  -2.25382  1.000 275.81760 ? 14  DG A C8    1 
ATOM   277 N  N7    . DG A 1 14 ? 6.65397   -7.97976  -3.14292  1.000 279.55752 ? 14  DG A N7    1 
ATOM   278 C  C5    . DG A 1 14 ? 5.42691   -8.02066  -2.49863  1.000 274.48323 ? 14  DG A C5    1 
ATOM   279 C  C6    . DG A 1 14 ? 4.16991   -8.47886  -2.96999  1.000 276.05974 ? 14  DG A C6    1 
ATOM   280 O  O6    . DG A 1 14 ? 3.88652   -8.95245  -4.08653  1.000 280.34446 ? 14  DG A O6    1 
ATOM   281 N  N1    . DG A 1 14 ? 3.17847   -8.34420  -1.99548  1.000 275.22543 ? 14  DG A N1    1 
ATOM   282 C  C2    . DG A 1 14 ? 3.38111   -7.83566  -0.72431  1.000 275.61231 ? 14  DG A C2    1 
ATOM   283 N  N2    . DG A 1 14 ? 2.30152   -7.78636  0.07780   1.000 285.77669 ? 14  DG A N2    1 
ATOM   284 N  N3    . DG A 1 14 ? 4.55992   -7.39816  -0.27379  1.000 276.97564 ? 14  DG A N3    1 
ATOM   285 C  C4    . DG A 1 14 ? 5.52926   -7.51929  -1.21271  1.000 272.31981 ? 14  DG A C4    1 
ATOM   286 P  P     . DG A 1 15 ? 9.95010   -6.40394  3.55202   1.000 272.41523 ? 15  DG A P     1 
ATOM   287 O  OP1   . DG A 1 15 ? 10.49690  -5.14361  4.11864   1.000 278.19224 ? 15  DG A OP1   1 
ATOM   288 O  OP2   . DG A 1 15 ? 10.85615  -7.41046  2.93221   1.000 270.70976 ? 15  DG A OP2   1 
ATOM   289 O  "O5'" . DG A 1 15 ? 9.02641   -7.14327  4.63587   1.000 265.13541 ? 15  DG A "O5'" 1 
ATOM   290 C  "C5'" . DG A 1 15 ? 7.65110   -6.74931  4.80721   1.000 277.40530 ? 15  DG A "C5'" 1 
ATOM   291 C  "C4'" . DG A 1 15 ? 6.73244   -7.95634  4.70460   1.000 280.39250 ? 15  DG A "C4'" 1 
ATOM   292 O  "O4'" . DG A 1 15 ? 6.36426   -8.14651  3.32428   1.000 274.72340 ? 15  DG A "O4'" 1 
ATOM   293 C  "C3'" . DG A 1 15 ? 7.36843   -9.27598  5.14937   1.000 280.02404 ? 15  DG A "C3'" 1 
ATOM   294 O  "O3'" . DG A 1 15 ? 7.09805   -9.58688  6.57861   1.000 273.46536 ? 15  DG A "O3'" 1 
ATOM   295 C  "C2'" . DG A 1 15 ? 6.79954   -10.32877 4.19234   1.000 289.61993 ? 15  DG A "C2'" 1 
ATOM   296 C  "C1'" . DG A 1 15 ? 6.11347   -9.51091  3.08840   1.000 278.07117 ? 15  DG A "C1'" 1 
ATOM   297 N  N9    . DG A 1 15 ? 6.57655   -9.83768  1.74885   1.000 277.44478 ? 15  DG A N9    1 
ATOM   298 C  C8    . DG A 1 15 ? 7.84917   -9.70062  1.24886   1.000 278.23172 ? 15  DG A C8    1 
ATOM   299 N  N7    . DG A 1 15 ? 7.95703   -10.06978 -0.00063  1.000 278.55544 ? 15  DG A N7    1 
ATOM   300 C  C5    . DG A 1 15 ? 6.67289   -10.49329 -0.34118  1.000 273.38903 ? 15  DG A C5    1 
ATOM   301 C  C6    . DG A 1 15 ? 6.16004   -11.01715 -1.56317  1.000 276.88156 ? 15  DG A C6    1 
ATOM   302 O  O6    . DG A 1 15 ? 6.75834   -11.21531 -2.63656  1.000 299.41847 ? 15  DG A O6    1 
ATOM   303 N  N1    . DG A 1 15 ? 4.79666   -11.31584 -1.46483  1.000 282.56908 ? 15  DG A N1    1 
ATOM   304 C  C2    . DG A 1 15 ? 4.03089   -11.13010 -0.33371  1.000 283.31127 ? 15  DG A C2    1 
ATOM   305 N  N2    . DG A 1 15 ? 2.73565   -11.47299 -0.41432  1.000 291.98600 ? 15  DG A N2    1 
ATOM   306 N  N3    . DG A 1 15 ? 4.49927   -10.64541 0.80667   1.000 281.24787 ? 15  DG A N3    1 
ATOM   307 C  C4    . DG A 1 15 ? 5.81747   -10.34673 0.72969   1.000 278.98970 ? 15  DG A C4    1 
ATOM   308 P  P     . DA A 1 16 ? 5.61964   -9.55487  7.24613   1.000 252.74411 ? 16  DA A P     1 
ATOM   309 O  OP1   . DA A 1 16 ? 5.04531   -8.18737  7.21988   1.000 253.55210 ? 16  DA A OP1   1 
ATOM   310 O  OP2   . DA A 1 16 ? 5.74143   -10.22853 8.55943   1.000 251.80452 ? 16  DA A OP2   1 
ATOM   311 O  "O5'" . DA A 1 16 ? 4.73137   -10.52099 6.33504   1.000 266.21677 ? 16  DA A "O5'" 1 
ATOM   312 C  "C5'" . DA A 1 16 ? 3.43081   -10.11187 5.95144   1.000 265.28772 ? 16  DA A "C5'" 1 
ATOM   313 C  "C4'" . DA A 1 16 ? 2.65332   -11.26455 5.35549   1.000 272.88863 ? 16  DA A "C4'" 1 
ATOM   314 O  "O4'" . DA A 1 16 ? 3.14073   -11.55707 4.02796   1.000 270.65678 ? 16  DA A "O4'" 1 
ATOM   315 C  "C3'" . DA A 1 16 ? 2.72780   -12.57227 6.13892   1.000 266.10360 ? 16  DA A "C3'" 1 
ATOM   316 O  "O3'" . DA A 1 16 ? 1.40766   -13.01246 6.39294   1.000 267.01950 ? 16  DA A "O3'" 1 
ATOM   317 C  "C2'" . DA A 1 16 ? 3.49323   -13.52609 5.19516   1.000 258.85800 ? 16  DA A "C2'" 1 
ATOM   318 C  "C1'" . DA A 1 16 ? 3.13927   -12.94756 3.83817   1.000 269.05132 ? 16  DA A "C1'" 1 
ATOM   319 N  N9    . DA A 1 16 ? 4.08297   -13.24094 2.76068   1.000 275.27312 ? 16  DA A N9    1 
ATOM   320 C  C8    . DA A 1 16 ? 5.39347   -12.86498 2.68836   1.000 274.77043 ? 16  DA A C8    1 
ATOM   321 N  N7    . DA A 1 16 ? 5.98796   -13.22416 1.57350   1.000 259.55545 ? 16  DA A N7    1 
ATOM   322 C  C5    . DA A 1 16 ? 4.99044   -13.86569 0.85316   1.000 266.72210 ? 16  DA A C5    1 
ATOM   323 C  C6    . DA A 1 16 ? 4.97727   -14.48574 -0.42037  1.000 276.19692 ? 16  DA A C6    1 
ATOM   324 N  N6    . DA A 1 16 ? 6.04732   -14.55092 -1.21782  1.000 295.54924 ? 16  DA A N6    1 
ATOM   325 N  N1    . DA A 1 16 ? 3.81292   -15.03584 -0.84043  1.000 270.28042 ? 16  DA A N1    1 
ATOM   326 C  C2    . DA A 1 16 ? 2.74784   -14.96796 -0.03154  1.000 277.08650 ? 16  DA A C2    1 
ATOM   327 N  N3    . DA A 1 16 ? 2.64177   -14.41527 1.18002   1.000 273.73346 ? 16  DA A N3    1 
ATOM   328 C  C4    . DA A 1 16 ? 3.80841   -13.87639 1.56722   1.000 268.68023 ? 16  DA A C4    1 
ATOM   329 P  P     . DC A 1 17 ? 1.10342   -14.18408 7.44914   1.000 256.45646 ? 17  DC A P     1 
ATOM   330 O  OP1   . DC A 1 17 ? -0.00982  -13.66836 8.28769   1.000 262.00975 ? 17  DC A OP1   1 
ATOM   331 O  OP2   . DC A 1 17 ? 2.36616   -14.62207 8.09494   1.000 248.09756 ? 17  DC A OP2   1 
ATOM   332 O  "O5'" . DC A 1 17 ? 0.61733   -15.39837 6.51292   1.000 258.06191 ? 17  DC A "O5'" 1 
ATOM   333 C  "C5'" . DC A 1 17 ? 0.18531   -15.12628 5.17221   1.000 270.16599 ? 17  DC A "C5'" 1 
ATOM   334 C  "C4'" . DC A 1 17 ? 0.37056   -16.33527 4.27363   1.000 277.78796 ? 17  DC A "C4'" 1 
ATOM   335 O  "O4'" . DC A 1 17 ? 1.49477   -16.12789 3.37176   1.000 282.05426 ? 17  DC A "O4'" 1 
ATOM   336 C  "C3'" . DC A 1 17 ? 0.67030   -17.65406 4.99822   1.000 266.10498 ? 17  DC A "C3'" 1 
ATOM   337 O  "O3'" . DC A 1 17 ? -0.03017  -18.70026 4.35337   1.000 277.78007 ? 17  DC A "O3'" 1 
ATOM   338 C  "C2'" . DC A 1 17 ? 2.17234   -17.81045 4.77951   1.000 260.56748 ? 17  DC A "C2'" 1 
ATOM   339 C  "C1'" . DC A 1 17 ? 2.23420   -17.32527 3.35324   1.000 267.03141 ? 17  DC A "C1'" 1 
ATOM   340 N  N1    . DC A 1 17 ? 3.60016   -17.08809 2.81206   1.000 277.32212 ? 17  DC A N1    1 
ATOM   341 C  C2    . DC A 1 17 ? 3.90001   -17.58173 1.54287   1.000 288.76296 ? 17  DC A C2    1 
ATOM   342 O  O2    . DC A 1 17 ? 3.02145   -18.18380 0.92119   1.000 287.91549 ? 17  DC A O2    1 
ATOM   343 N  N3    . DC A 1 17 ? 5.13491   -17.37768 1.02631   1.000 281.33839 ? 17  DC A N3    1 
ATOM   344 C  C4    . DC A 1 17 ? 6.05016   -16.71874 1.73981   1.000 268.80004 ? 17  DC A C4    1 
ATOM   345 N  N4    . DC A 1 17 ? 7.25830   -16.53753 1.18356   1.000 281.61474 ? 17  DC A N4    1 
ATOM   346 C  C5    . DC A 1 17 ? 5.76422   -16.20669 3.04824   1.000 263.79944 ? 17  DC A C5    1 
ATOM   347 C  C6    . DC A 1 17 ? 4.53548   -16.41727 3.54427   1.000 265.40490 ? 17  DC A C6    1 
ATOM   348 P  P     . DA A 1 18 ? -1.36480  -19.30196 5.00629   1.000 276.61331 ? 18  DA A P     1 
ATOM   349 O  OP1   . DA A 1 18 ? -2.24088  -18.13431 5.30863   1.000 256.68987 ? 18  DA A OP1   1 
ATOM   350 O  OP2   . DA A 1 18 ? -0.93710  -20.26943 6.05383   1.000 262.43266 ? 18  DA A OP2   1 
ATOM   351 O  "O5'" . DA A 1 18 ? -2.00982  -20.18157 3.83162   1.000 272.71021 ? 18  DA A "O5'" 1 
ATOM   352 C  "C5'" . DA A 1 18 ? -2.35719  -19.57869 2.58860   1.000 273.13394 ? 18  DA A "C5'" 1 
ATOM   353 C  "C4'" . DA A 1 18 ? -1.97175  -20.48185 1.42329   1.000 284.87482 ? 18  DA A "C4'" 1 
ATOM   354 O  "O4'" . DA A 1 18 ? -0.58058  -20.27276 1.07910   1.000 281.99553 ? 18  DA A "O4'" 1 
ATOM   355 C  "C3'" . DA A 1 18 ? -2.11757  -21.98231 1.66859   1.000 297.34474 ? 18  DA A "C3'" 1 
ATOM   356 O  "O3'" . DA A 1 18 ? -2.51866  -22.60257 0.47432   1.000 310.35946 ? 18  DA A "O3'" 1 
ATOM   357 C  "C2'" . DA A 1 18 ? -0.70521  -22.40576 2.05857   1.000 289.78068 ? 18  DA A "C2'" 1 
ATOM   358 C  "C1'" . DA A 1 18 ? 0.13146   -21.49002 1.18088   1.000 285.55122 ? 18  DA A "C1'" 1 
ATOM   359 N  N9    . DA A 1 18 ? 1.43411   -21.18653 1.74235   1.000 274.23934 ? 18  DA A N9    1 
ATOM   360 C  C8    . DA A 1 18 ? 1.70726   -20.80007 3.02373   1.000 264.69083 ? 18  DA A C8    1 
ATOM   361 N  N7    . DA A 1 18 ? 2.97983   -20.57673 3.24534   1.000 259.41124 ? 18  DA A N7    1 
ATOM   362 C  C5    . DA A 1 18 ? 3.57630   -20.81402 2.01476   1.000 268.12808 ? 18  DA A C5    1 
ATOM   363 C  C6    . DA A 1 18 ? 4.91343   -20.74513 1.57556   1.000 274.07879 ? 18  DA A C6    1 
ATOM   364 N  N6    . DA A 1 18 ? 5.92923   -20.40490 2.37059   1.000 277.32655 ? 18  DA A N6    1 
ATOM   365 N  N1    . DA A 1 18 ? 5.16482   -21.04463 0.28321   1.000 275.12102 ? 18  DA A N1    1 
ATOM   366 C  C2    . DA A 1 18 ? 4.14399   -21.38559 -0.50745  1.000 282.12713 ? 18  DA A C2    1 
ATOM   367 N  N3    . DA A 1 18 ? 2.85046   -21.48704 -0.21037  1.000 277.96610 ? 18  DA A N3    1 
ATOM   368 C  C4    . DA A 1 18 ? 2.63295   -21.18086 1.07775   1.000 271.76536 ? 18  DA A C4    1 
ATOM   369 P  P     . DT A 1 19 ? -3.05234  -24.11392 0.48701   1.000 311.57924 ? 19  DT A P     1 
ATOM   370 O  OP1   . DT A 1 19 ? -4.28869  -24.14005 -0.32385  1.000 298.62505 ? 19  DT A OP1   1 
ATOM   371 O  OP2   . DT A 1 19 ? -3.04437  -24.61924 1.87785   1.000 284.44177 ? 19  DT A OP2   1 
ATOM   372 O  "O5'" . DT A 1 19 ? -1.92385  -24.90468 -0.29590  1.000 318.64061 ? 19  DT A "O5'" 1 
ATOM   373 C  "C5'" . DT A 1 19 ? -1.32181  -24.31663 -1.42130  1.000 307.98670 ? 19  DT A "C5'" 1 
ATOM   374 C  "C4'" . DT A 1 19 ? 0.04297   -24.91728 -1.64120  1.000 315.88238 ? 19  DT A "C4'" 1 
ATOM   375 O  "O4'" . DT A 1 19 ? 1.02043   -24.15728 -0.90484  1.000 286.58940 ? 19  DT A "O4'" 1 
ATOM   376 C  "C3'" . DT A 1 19 ? 0.20295   -26.33917 -1.11142  1.000 320.20922 ? 19  DT A "C3'" 1 
ATOM   377 O  "O3'" . DT A 1 19 ? -0.15009  -27.34162 -2.11718  1.000 327.94436 ? 19  DT A "O3'" 1 
ATOM   378 C  "C2'" . DT A 1 19 ? 1.67483   -26.40651 -0.70690  1.000 292.71645 ? 19  DT A "C2'" 1 
ATOM   379 C  "C1'" . DT A 1 19 ? 2.16710   -24.96039 -0.80520  1.000 281.76777 ? 19  DT A "C1'" 1 
ATOM   380 N  N1    . DT A 1 19 ? 2.98479   -24.54547 0.37692   1.000 271.39021 ? 19  DT A N1    1 
ATOM   381 C  C2    . DT A 1 19 ? 4.34914   -24.42716 0.23139   1.000 275.96444 ? 19  DT A C2    1 
ATOM   382 O  O2    . DT A 1 19 ? 4.92809   -24.60445 -0.82857  1.000 281.50195 ? 19  DT A O2    1 
ATOM   383 N  N3    . DT A 1 19 ? 5.01946   -24.06350 1.37603   1.000 266.98705 ? 19  DT A N3    1 
ATOM   384 C  C4    . DT A 1 19 ? 4.47321   -23.83375 2.63123   1.000 258.34917 ? 19  DT A C4    1 
ATOM   385 O  O4    . DT A 1 19 ? 5.16209   -23.51527 3.60251   1.000 253.20908 ? 19  DT A O4    1 
ATOM   386 C  C5    . DT A 1 19 ? 3.03522   -23.99168 2.71727   1.000 264.21303 ? 19  DT A C5    1 
ATOM   387 C  C7    . DT A 1 19 ? 2.32991   -23.77263 4.02666   1.000 270.33745 ? 19  DT A C7    1 
ATOM   388 C  C6    . DT A 1 19 ? 2.36671   -24.34446 1.60011   1.000 262.32333 ? 19  DT A C6    1 
ATOM   389 P  P     . DC A 1 20 ? 0.89758   -27.86701 -3.23463  1.000 313.01233 ? 20  DC A P     1 
ATOM   390 O  OP1   . DC A 1 20 ? 1.55519   -26.69450 -3.86161  1.000 305.33510 ? 20  DC A OP1   1 
ATOM   391 O  OP2   . DC A 1 20 ? 0.13376   -28.83228 -4.06383  1.000 316.34431 ? 20  DC A OP2   1 
ATOM   392 O  "O5'" . DC A 1 20 ? 1.99405   -28.72628 -2.42830  1.000 294.99965 ? 20  DC A "O5'" 1 
ATOM   393 C  "C5'" . DC A 1 20 ? 2.99505   -29.50809 -3.12329  1.000 315.38367 ? 20  DC A "C5'" 1 
ATOM   394 C  "C4'" . DC A 1 20 ? 4.02302   -28.63199 -3.84210  1.000 302.17946 ? 20  DC A "C4'" 1 
ATOM   395 O  "O4'" . DC A 1 20 ? 4.47360   -27.55383 -2.98342  1.000 288.04355 ? 20  DC A "O4'" 1 
ATOM   396 C  "C3'" . DC A 1 20 ? 5.29983   -29.34113 -4.23390  1.000 303.68227 ? 20  DC A "C3'" 1 
ATOM   397 O  "O3'" . DC A 1 20 ? 5.92335   -28.61741 -5.26552  1.000 300.85035 ? 20  DC A "O3'" 1 
ATOM   398 C  "C2'" . DC A 1 20 ? 6.10698   -29.25788 -2.94351  1.000 283.24824 ? 20  DC A "C2'" 1 
ATOM   399 C  "C1'" . DC A 1 20 ? 5.77871   -27.84294 -2.48398  1.000 284.65104 ? 20  DC A "C1'" 1 
ATOM   400 N  N1    . DC A 1 20 ? 5.73559   -27.64902 -0.99141  1.000 278.38713 ? 20  DC A N1    1 
ATOM   401 C  C2    . DC A 1 20 ? 6.88455   -27.28535 -0.26323  1.000 267.72006 ? 20  DC A C2    1 
ATOM   402 O  O2    . DC A 1 20 ? 7.97248   -27.16752 -0.84414  1.000 272.26008 ? 20  DC A O2    1 
ATOM   403 N  N3    . DC A 1 20 ? 6.76451   -27.09107 1.08895   1.000 259.66120 ? 20  DC A N3    1 
ATOM   404 C  C4    . DC A 1 20 ? 5.57990   -27.23515 1.69157   1.000 263.39586 ? 20  DC A C4    1 
ATOM   405 N  N4    . DC A 1 20 ? 5.50058   -27.04162 3.01733   1.000 263.96961 ? 20  DC A N4    1 
ATOM   406 C  C5    . DC A 1 20 ? 4.41791   -27.59103 0.96109   1.000 270.57304 ? 20  DC A C5    1 
ATOM   407 C  C6    . DC A 1 20 ? 4.54168   -27.78015 -0.35732  1.000 276.85010 ? 20  DC A C6    1 
ATOM   408 P  P     . DA A 1 21 ? 6.67103   -29.39406 -6.44866  1.000 301.91418 ? 21  DA A P     1 
ATOM   409 O  OP1   . DA A 1 21 ? 6.95523   -28.43823 -7.53911  1.000 301.31937 ? 21  DA A OP1   1 
ATOM   410 O  OP2   . DA A 1 21 ? 5.92529   -30.65089 -6.70484  1.000 309.39929 ? 21  DA A OP2   1 
ATOM   411 O  "O5'" . DA A 1 21 ? 8.04729   -29.80888 -5.79306  1.000 277.35860 ? 21  DA A "O5'" 1 
ATOM   412 C  "C5'" . DA A 1 21 ? 8.16664   -31.07415 -5.22917  1.000 273.75817 ? 21  DA A "C5'" 1 
ATOM   413 C  "C4'" . DA A 1 21 ? 9.40845   -31.15274 -4.39096  1.000 268.84443 ? 21  DA A "C4'" 1 
ATOM   414 O  "O4'" . DA A 1 21 ? 9.13879   -30.60120 -3.07664  1.000 264.23335 ? 21  DA A "O4'" 1 
ATOM   415 C  "C3'" . DA A 1 21 ? 9.90032   -32.56969 -4.14711  1.000 277.28491 ? 21  DA A "C3'" 1 
ATOM   416 O  "O3'" . DA A 1 21 ? 11.30823  -32.56444 -4.02657  1.000 273.42919 ? 21  DA A "O3'" 1 
ATOM   417 C  "C2'" . DA A 1 21 ? 9.22952   -32.91113 -2.82906  1.000 268.88390 ? 21  DA A "C2'" 1 
ATOM   418 C  "C1'" . DA A 1 21 ? 9.39011   -31.59469 -2.11142  1.000 266.22306 ? 21  DA A "C1'" 1 
ATOM   419 N  N9    . DA A 1 21 ? 8.46425   -31.41249 -1.03184  1.000 259.90125 ? 21  DA A N9    1 
ATOM   420 C  C8    . DA A 1 21 ? 7.11974   -31.63583 -1.04617  1.000 262.38576 ? 21  DA A C8    1 
ATOM   421 N  N7    . DA A 1 21 ? 6.53748   -31.36495 0.09237   1.000 260.58817 ? 21  DA A N7    1 
ATOM   422 C  C5    . DA A 1 21 ? 7.58151   -30.94213 0.90027   1.000 258.25895 ? 21  DA A C5    1 
ATOM   423 C  C6    . DA A 1 21 ? 7.63981   -30.51085 2.23498   1.000 255.85339 ? 21  DA A C6    1 
ATOM   424 N  N6    . DA A 1 21 ? 6.56793   -30.42968 3.02910   1.000 257.22724 ? 21  DA A N6    1 
ATOM   425 N  N1    . DA A 1 21 ? 8.85002   -30.16569 2.72767   1.000 251.42655 ? 21  DA A N1    1 
ATOM   426 C  C2    . DA A 1 21 ? 9.91703   -30.25043 1.92987   1.000 251.13441 ? 21  DA A C2    1 
ATOM   427 N  N3    . DA A 1 21 ? 9.98241   -30.63891 0.66617   1.000 255.08488 ? 21  DA A N3    1 
ATOM   428 C  C4    . DA A 1 21 ? 8.77028   -30.96828 0.21007   1.000 261.37511 ? 21  DA A C4    1 
ATOM   429 P  P     . DC B 2 1  ? -0.52361  -11.20439 -7.87832  1.000 209.68172 ? 1   DC B P     1 
ATOM   430 O  OP1   . DC B 2 1  ? 0.11628   -10.70331 -9.12970  1.000 196.94598 ? 1   DC B OP1   1 
ATOM   431 O  OP2   . DC B 2 1  ? -1.68869  -10.50985 -7.25775  1.000 210.22652 ? 1   DC B OP2   1 
ATOM   432 O  "O5'" . DC B 2 1  ? -0.87505  -12.77108 -8.05949  1.000 228.52082 ? 1   DC B "O5'" 1 
ATOM   433 C  "C5'" . DC B 2 1  ? -2.07717  -13.32970 -7.50844  1.000 246.24399 ? 1   DC B "C5'" 1 
ATOM   434 C  "C4'" . DC B 2 1  ? -1.88999  -13.68225 -6.04094  1.000 266.36746 ? 1   DC B "C4'" 1 
ATOM   435 O  "O4'" . DC B 2 1  ? -0.48994  -13.95263 -5.79055  1.000 250.86034 ? 1   DC B "O4'" 1 
ATOM   436 C  "C3'" . DC B 2 1  ? -2.31019  -12.58676 -5.05407  1.000 261.07998 ? 1   DC B "C3'" 1 
ATOM   437 O  "O3'" . DC B 2 1  ? -3.20678  -13.11848 -4.09534  1.000 280.60338 ? 1   DC B "O3'" 1 
ATOM   438 C  "C2'" . DC B 2 1  ? -0.99434  -12.10961 -4.42149  1.000 253.62383 ? 1   DC B "C2'" 1 
ATOM   439 C  "C1'" . DC B 2 1  ? -0.07634  -13.30894 -4.60864  1.000 252.28419 ? 1   DC B "C1'" 1 
ATOM   440 N  N1    . DC B 2 1  ? 1.36835   -12.95629 -4.76080  1.000 258.67443 ? 1   DC B N1    1 
ATOM   441 C  C2    . DC B 2 1  ? 2.13363   -12.66238 -3.62903  1.000 276.19759 ? 1   DC B C2    1 
ATOM   442 O  O2    . DC B 2 1  ? 1.59828   -12.68714 -2.51826  1.000 287.26470 ? 1   DC B O2    1 
ATOM   443 N  N3    . DC B 2 1  ? 3.44633   -12.35967 -3.78652  1.000 292.51007 ? 1   DC B N3    1 
ATOM   444 C  C4    . DC B 2 1  ? 3.98186   -12.33214 -5.00742  1.000 301.75854 ? 1   DC B C4    1 
ATOM   445 N  N4    . DC B 2 1  ? 5.28409   -12.03455 -5.11329  1.000 322.47419 ? 1   DC B N4    1 
ATOM   446 C  C5    . DC B 2 1  ? 3.21879   -12.64579 -6.16991  1.000 284.89073 ? 1   DC B C5    1 
ATOM   447 C  C6    . DC B 2 1  ? 1.93018   -12.94722 -6.00203  1.000 259.53243 ? 1   DC B C6    1 
ATOM   448 P  P     . DC B 2 2  ? -4.68087  -12.49861 -3.96559  1.000 249.87343 ? 2   DC B P     1 
ATOM   449 O  OP1   . DC B 2 2  ? -5.63268  -13.64670 -3.85149  1.000 257.31906 ? 2   DC B OP1   1 
ATOM   450 O  OP2   . DC B 2 2  ? -4.79606  -11.44664 -5.01657  1.000 243.86744 ? 2   DC B OP2   1 
ATOM   451 O  "O5'" . DC B 2 2  ? -4.62179  -11.69839 -2.58330  1.000 248.33377 ? 2   DC B "O5'" 1 
ATOM   452 C  "C5'" . DC B 2 2  ? -5.33524  -10.48572 -2.43315  1.000 264.98840 ? 2   DC B "C5'" 1 
ATOM   453 C  "C4'" . DC B 2 2  ? -4.90789  -9.78342  -1.16612  1.000 271.58656 ? 2   DC B "C4'" 1 
ATOM   454 O  "O4'" . DC B 2 2  ? -3.46540  -9.72202  -1.12454  1.000 262.02751 ? 2   DC B "O4'" 1 
ATOM   455 C  "C3'" . DC B 2 2  ? -5.29911  -8.33355  -1.09545  1.000 268.97045 ? 2   DC B "C3'" 1 
ATOM   456 O  "O3'" . DC B 2 2  ? -4.95491  -7.84128  0.18085   1.000 273.54732 ? 2   DC B "O3'" 1 
ATOM   457 C  "C2'" . DC B 2 2  ? -4.32657  -7.79204  -2.10205  1.000 275.21857 ? 2   DC B "C2'" 1 
ATOM   458 C  "C1'" . DC B 2 2  ? -3.07214  -8.42566  -1.53040  1.000 272.89198 ? 2   DC B "C1'" 1 
ATOM   459 N  N1    . DC B 2 2  ? -2.02363  -8.56282  -2.48987  1.000 268.18615 ? 2   DC B N1    1 
ATOM   460 C  C2    . DC B 2 2  ? -0.69865  -8.53840  -2.05731  1.000 277.20565 ? 2   DC B C2    1 
ATOM   461 O  O2    . DC B 2 2  ? -0.46130  -8.39547  -0.84878  1.000 290.68095 ? 2   DC B O2    1 
ATOM   462 N  N3    . DC B 2 2  ? 0.29027   -8.66989  -2.97538  1.000 270.73909 ? 2   DC B N3    1 
ATOM   463 C  C4    . DC B 2 2  ? -0.02145  -8.82167  -4.26635  1.000 257.97177 ? 2   DC B C4    1 
ATOM   464 N  N4    . DC B 2 2  ? 0.98682   -8.95150  -5.14236  1.000 255.13721 ? 2   DC B N4    1 
ATOM   465 C  C5    . DC B 2 2  ? -1.37890  -8.84539  -4.71862  1.000 237.25612 ? 2   DC B C5    1 
ATOM   466 C  C6    . DC B 2 2  ? -2.33661  -8.72025  -3.80246  1.000 243.70953 ? 2   DC B C6    1 
ATOM   467 P  P     . DA B 2 3  ? -5.81083  -8.23858  1.47984   1.000 268.60838 ? 3   DA B P     1 
ATOM   468 O  OP1   . DA B 2 3  ? -5.75994  -9.70539  1.67879   1.000 300.83066 ? 3   DA B OP1   1 
ATOM   469 O  OP2   . DA B 2 3  ? -7.11537  -7.53816  1.35409   1.000 260.38634 ? 3   DA B OP2   1 
ATOM   470 O  "O5'" . DA B 2 3  ? -4.99507  -7.57078  2.68895   1.000 278.63853 ? 3   DA B "O5'" 1 
ATOM   471 C  "C5'" . DA B 2 3  ? -3.58402  -7.77607  2.80605   1.000 284.86559 ? 3   DA B "C5'" 1 
ATOM   472 C  "C4'" . DA B 2 3  ? -2.94700  -6.76519  3.75319   1.000 305.80231 ? 3   DA B "C4'" 1 
ATOM   473 O  "O4'" . DA B 2 3  ? -2.20780  -5.79943  2.98978   1.000 304.90220 ? 3   DA B "O4'" 1 
ATOM   474 C  "C3'" . DA B 2 3  ? -3.90281  -5.91888  4.57076   1.000 310.36865 ? 3   DA B "C3'" 1 
ATOM   475 O  "O3'" . DA B 2 3  ? -3.20671  -5.41797  5.73521   1.000 337.38767 ? 3   DA B "O3'" 1 
ATOM   476 C  "C2'" . DA B 2 3  ? -4.28928  -4.81152  3.57572   1.000 304.84956 ? 3   DA B "C2'" 1 
ATOM   477 C  "C1'" . DA B 2 3  ? -3.06120  -4.72303  2.66217   1.000 314.91130 ? 3   DA B "C1'" 1 
ATOM   478 N  N9    . DA B 2 3  ? -3.35325  -4.81171  1.23408   1.000 260.62321 ? 3   DA B N9    1 
ATOM   479 C  C8    . DA B 2 3  ? -4.56840  -4.91166  0.61668   1.000 245.58456 ? 3   DA B C8    1 
ATOM   480 N  N7    . DA B 2 3  ? -4.48306  -4.98398  -0.69595  1.000 232.89094 ? 3   DA B N7    1 
ATOM   481 C  C5    . DA B 2 3  ? -3.12086  -4.94580  -0.93922  1.000 241.96044 ? 3   DA B C5    1 
ATOM   482 C  C6    . DA B 2 3  ? -2.34727  -4.98836  -2.12267  1.000 236.35714 ? 3   DA B C6    1 
ATOM   483 N  N6    . DA B 2 3  ? -2.85908  -5.09661  -3.35356  1.000 218.31814 ? 3   DA B N6    1 
ATOM   484 N  N1    . DA B 2 3  ? -1.00821  -4.92372  -1.98627  1.000 248.15856 ? 3   DA B N1    1 
ATOM   485 C  C2    . DA B 2 3  ? -0.50083  -4.81099  -0.76203  1.000 262.18129 ? 3   DA B C2    1 
ATOM   486 N  N3    . DA B 2 3  ? -1.11598  -4.76510  0.40235   1.000 267.84513 ? 3   DA B N3    1 
ATOM   487 C  C4    . DA B 2 3  ? -2.42731  -4.83776  0.24419   1.000 258.28872 ? 3   DA B C4    1 
ATOM   488 P  P     . DC B 2 4  ? -3.36445  -3.90264  6.26230   1.000 321.16257 ? 4   DC B P     1 
ATOM   489 O  OP1   . DC B 2 4  ? -2.73156  -3.95322  7.59225   1.000 327.44227 ? 4   DC B OP1   1 
ATOM   490 O  OP2   . DC B 2 4  ? -4.75216  -3.40700  6.16110   1.000 304.85798 ? 4   DC B OP2   1 
ATOM   491 O  "O5'" . DC B 2 4  ? -2.38877  -3.04701  5.33626   1.000 328.11867 ? 4   DC B "O5'" 1 
ATOM   492 C  "C5'" . DC B 2 4  ? -0.99295  -3.21736  5.47295   1.000 313.17477 ? 4   DC B "C5'" 1 
ATOM   493 C  "C4'" . DC B 2 4  ? -0.22912  -2.30854  4.53415   1.000 318.67280 ? 4   DC B "C4'" 1 
ATOM   494 O  "O4'" . DC B 2 4  ? -0.62647  -2.56445  3.16167   1.000 319.59396 ? 4   DC B "O4'" 1 
ATOM   495 C  "C3'" . DC B 2 4  ? -0.44393  -0.80859  4.75389   1.000 312.13780 ? 4   DC B "C3'" 1 
ATOM   496 O  "O3'" . DC B 2 4  ? 0.79995   -0.12819  4.62284   1.000 310.79817 ? 4   DC B "O3'" 1 
ATOM   497 C  "C2'" . DC B 2 4  ? -1.38309  -0.43847  3.61528   1.000 292.78548 ? 4   DC B "C2'" 1 
ATOM   498 C  "C1'" . DC B 2 4  ? -0.82290  -1.32453  2.52435   1.000 290.48257 ? 4   DC B "C1'" 1 
ATOM   499 N  N1    . DC B 2 4  ? -1.74046  -1.51520  1.38565   1.000 250.41198 ? 4   DC B N1    1 
ATOM   500 C  C2    . DC B 2 4  ? -1.23629  -1.59862  0.07168   1.000 241.27404 ? 4   DC B C2    1 
ATOM   501 O  O2    . DC B 2 4  ? -0.01066  -1.50978  -0.11351  1.000 243.64538 ? 4   DC B O2    1 
ATOM   502 N  N3    . DC B 2 4  ? -2.11581  -1.78027  -0.95365  1.000 227.23025 ? 4   DC B N3    1 
ATOM   503 C  C4    . DC B 2 4  ? -3.42946  -1.86174  -0.70097  1.000 221.49799 ? 4   DC B C4    1 
ATOM   504 N  N4    . DC B 2 4  ? -4.26721  -2.05178  -1.72280  1.000 208.14639 ? 4   DC B N4    1 
ATOM   505 C  C5    . DC B 2 4  ? -3.94423  -1.77626  0.62445   1.000 232.90725 ? 4   DC B C5    1 
ATOM   506 C  C6    . DC B 2 4  ? -3.07623  -1.60392  1.62352   1.000 247.35635 ? 4   DC B C6    1 
ATOM   507 P  P     . DA B 2 5  ? 1.11307   1.26099   5.39023   1.000 331.03771 ? 5   DA B P     1 
ATOM   508 O  OP1   . DA B 2 5  ? 1.27291   0.96183   6.84310   1.000 336.68312 ? 5   DA B OP1   1 
ATOM   509 O  OP2   . DA B 2 5  ? 0.14249   2.28498   4.91855   1.000 331.25352 ? 5   DA B OP2   1 
ATOM   510 O  "O5'" . DA B 2 5  ? 2.54254   1.68865   4.78915   1.000 316.19645 ? 5   DA B "O5'" 1 
ATOM   511 C  "C5'" . DA B 2 5  ? 3.19665   0.83753   3.80961   1.000 316.69651 ? 5   DA B "C5'" 1 
ATOM   512 C  "C4'" . DA B 2 5  ? 3.46102   1.58334   2.50915   1.000 290.58812 ? 5   DA B "C4'" 1 
ATOM   513 O  "O4'" . DA B 2 5  ? 2.45686   1.21251   1.50591   1.000 288.09045 ? 5   DA B "O4'" 1 
ATOM   514 C  "C3'" . DA B 2 5  ? 3.37216   3.09752   2.63868   1.000 270.19357 ? 5   DA B "C3'" 1 
ATOM   515 O  "O3'" . DA B 2 5  ? 4.18687   3.70209   1.67960   1.000 266.87738 ? 5   DA B "O3'" 1 
ATOM   516 C  "C2'" . DA B 2 5  ? 1.91456   3.32366   2.32098   1.000 270.40938 ? 5   DA B "C2'" 1 
ATOM   517 C  "C1'" . DA B 2 5  ? 1.75260   2.37326   1.14552   1.000 269.43032 ? 5   DA B "C1'" 1 
ATOM   518 N  N9    . DA B 2 5  ? 0.35858   2.07038   0.84707   1.000 273.77031 ? 5   DA B N9    1 
ATOM   519 C  C8    . DA B 2 5  ? -0.71442  2.25683   1.67569   1.000 276.30220 ? 5   DA B C8    1 
ATOM   520 N  N7    . DA B 2 5  ? -1.86757  1.95431   1.12658   1.000 276.43905 ? 5   DA B N7    1 
ATOM   521 C  C5    . DA B 2 5  ? -1.53319  1.56883   -0.16148  1.000 270.50676 ? 5   DA B C5    1 
ATOM   522 C  C6    . DA B 2 5  ? -2.30727  1.13328   -1.26148  1.000 268.88025 ? 5   DA B C6    1 
ATOM   523 N  N6    . DA B 2 5  ? -3.64244  1.00446   -1.22757  1.000 269.57771 ? 5   DA B N6    1 
ATOM   524 N  N1    . DA B 2 5  ? -1.65434  0.82131   -2.39723  1.000 267.86697 ? 5   DA B N1    1 
ATOM   525 C  C2    . DA B 2 5  ? -0.32094  0.94931   -2.43262  1.000 271.47004 ? 5   DA B C2    1 
ATOM   526 N  N3    . DA B 2 5  ? 0.51400   1.34525   -1.47114  1.000 257.61838 ? 5   DA B N3    1 
ATOM   527 C  C4    . DA B 2 5  ? -0.16219  1.64499   -0.35281  1.000 264.20864 ? 5   DA B C4    1 
ATOM   528 P  P     . DC B 2 6  ? 5.58246   4.37635   2.09469   1.000 312.93647 ? 6   DC B P     1 
ATOM   529 O  OP1   . DC B 2 6  ? 6.25654   3.52820   3.10379   1.000 330.23328 ? 6   DC B OP1   1 
ATOM   530 O  OP2   . DC B 2 6  ? 5.31526   5.79186   2.43156   1.000 296.40554 ? 6   DC B OP2   1 
ATOM   531 O  "O5'" . DC B 2 6  ? 6.38394   4.31713   0.71906   1.000 295.15013 ? 6   DC B "O5'" 1 
ATOM   532 C  "C5'" . DC B 2 6  ? 5.92132   3.43613   -0.29926  1.000 287.43078 ? 6   DC B "C5'" 1 
ATOM   533 C  "C4'" . DC B 2 6  ? 5.32060   4.20436   -1.46227  1.000 270.45770 ? 6   DC B "C4'" 1 
ATOM   534 O  "O4'" . DC B 2 6  ? 3.86970   4.09715   -1.47653  1.000 269.16807 ? 6   DC B "O4'" 1 
ATOM   535 C  "C3'" . DC B 2 6  ? 5.57987   5.70434   -1.48935  1.000 257.21927 ? 6   DC B "C3'" 1 
ATOM   536 O  "O3'" . DC B 2 6  ? 5.54744   6.06565   -2.81974  1.000 236.23517 ? 6   DC B "O3'" 1 
ATOM   537 C  "C2'" . DC B 2 6  ? 4.31959   6.24183   -0.81333  1.000 246.07056 ? 6   DC B "C2'" 1 
ATOM   538 C  "C1'" . DC B 2 6  ? 3.33946   5.41529   -1.60183  1.000 245.76789 ? 6   DC B "C1'" 1 
ATOM   539 N  N1    . DC B 2 6  ? 1.91681   5.39602   -1.14107  1.000 247.67338 ? 6   DC B N1    1 
ATOM   540 C  C2    . DC B 2 6  ? 0.93394   5.01656   -2.05847  1.000 241.34631 ? 6   DC B C2    1 
ATOM   541 O  O2    . DC B 2 6  ? 1.26201   4.78415   -3.22399  1.000 246.26006 ? 6   DC B O2    1 
ATOM   542 N  N3    . DC B 2 6  ? -0.35372  4.94295   -1.66532  1.000 246.75222 ? 6   DC B N3    1 
ATOM   543 C  C4    . DC B 2 6  ? -0.68994  5.21582   -0.41023  1.000 265.87294 ? 6   DC B C4    1 
ATOM   544 N  N4    . DC B 2 6  ? -1.98854  5.11345   -0.08574  1.000 269.69181 ? 6   DC B N4    1 
ATOM   545 C  C5    . DC B 2 6  ? 0.29237   5.60341   0.56053   1.000 283.96721 ? 6   DC B C5    1 
ATOM   546 C  C6    . DC B 2 6  ? 1.57787   5.68100   0.15227   1.000 268.08636 ? 6   DC B C6    1 
ATOM   547 P  P     . DA B 2 7  ? 6.67752   6.98429   -3.47139  1.000 267.18879 ? 7   DA B P     1 
ATOM   548 O  OP1   . DA B 2 7  ? 7.88169   6.12351   -3.57435  1.000 276.15829 ? 7   DA B OP1   1 
ATOM   549 O  OP2   . DA B 2 7  ? 6.74170   8.25746   -2.70342  1.000 267.20722 ? 7   DA B OP2   1 
ATOM   550 O  "O5'" . DA B 2 7  ? 6.07826   7.26435   -4.94162  1.000 259.77475 ? 7   DA B "O5'" 1 
ATOM   551 C  "C5'" . DA B 2 7  ? 4.66546   7.06354   -5.19898  1.000 251.87380 ? 7   DA B "C5'" 1 
ATOM   552 C  "C4'" . DA B 2 7  ? 3.98966   8.38464   -5.49899  1.000 241.01460 ? 7   DA B "C4'" 1 
ATOM   553 O  "O4'" . DA B 2 7  ? 2.56656   8.30456   -5.21939  1.000 235.70081 ? 7   DA B "O4'" 1 
ATOM   554 C  "C3'" . DA B 2 7  ? 4.45031   9.53127   -4.62967  1.000 256.53751 ? 7   DA B "C3'" 1 
ATOM   555 O  "O3'" . DA B 2 7  ? 5.71057   10.02173  -5.06457  1.000 251.74483 ? 7   DA B "O3'" 1 
ATOM   556 C  "C2'" . DA B 2 7  ? 3.32837   10.52198  -4.86876  1.000 259.00097 ? 7   DA B "C2'" 1 
ATOM   557 C  "C1'" . DA B 2 7  ? 2.11767   9.59172   -4.79341  1.000 245.55988 ? 7   DA B "C1'" 1 
ATOM   558 N  N9    . DA B 2 7  ? 1.53917   9.49435   -3.44369  1.000 246.72318 ? 7   DA B N9    1 
ATOM   559 C  C8    . DA B 2 7  ? 2.05931   9.97345   -2.25737  1.000 264.94905 ? 7   DA B C8    1 
ATOM   560 N  N7    . DA B 2 7  ? 1.29122   9.75401   -1.21047  1.000 280.40880 ? 7   DA B N7    1 
ATOM   561 C  C5    . DA B 2 7  ? 0.20401   9.08505   -1.74376  1.000 262.93565 ? 7   DA B C5    1 
ATOM   562 C  C6    . DA B 2 7  ? -0.96946  8.56230   -1.16653  1.000 268.51000 ? 7   DA B C6    1 
ATOM   563 N  N6    . DA B 2 7  ? -1.24984  8.64172   0.14095   1.000 283.08017 ? 7   DA B N6    1 
ATOM   564 N  N1    . DA B 2 7  ? -1.85264  7.95913   -2.00088  1.000 256.99020 ? 7   DA B N1    1 
ATOM   565 C  C2    . DA B 2 7  ? -1.54379  7.86973   -3.30097  1.000 252.23174 ? 7   DA B C2    1 
ATOM   566 N  N3    . DA B 2 7  ? -0.49458  8.32830   -3.95483  1.000 240.90669 ? 7   DA B N3    1 
ATOM   567 C  C4    . DA B 2 7  ? 0.34892   8.92388   -3.11692  1.000 248.54708 ? 7   DA B C4    1 
ATOM   568 P  P     . DG C 3 1  ? 4.79425   16.82270  -3.70052  1.000 247.01364 ? 8   DG C P     1 
ATOM   569 O  OP1   . DG C 3 1  ? 4.76771   16.20112  -2.35163  1.000 256.57004 ? 8   DG C OP1   1 
ATOM   570 O  OP2   . DG C 3 1  ? 5.98067   16.71964  -4.58087  1.000 239.91805 ? 8   DG C OP2   1 
ATOM   571 O  "O5'" . DG C 3 1  ? 3.58130   16.25011  -4.56195  1.000 244.18435 ? 8   DG C "O5'" 1 
ATOM   572 C  "C5'" . DG C 3 1  ? 2.42099   15.78292  -3.91269  1.000 250.75619 ? 8   DG C "C5'" 1 
ATOM   573 C  "C4'" . DG C 3 1  ? 1.95312   14.47774  -4.52666  1.000 252.97751 ? 8   DG C "C4'" 1 
ATOM   574 O  "O4'" . DG C 3 1  ? 1.96040   13.45262  -3.50778  1.000 260.31786 ? 8   DG C "O4'" 1 
ATOM   575 C  "C3'" . DG C 3 1  ? 0.53035   14.49841  -5.03567  1.000 260.11784 ? 8   DG C "C3'" 1 
ATOM   576 O  "O3'" . DG C 3 1  ? 0.47435   14.99620  -6.34307  1.000 255.61203 ? 8   DG C "O3'" 1 
ATOM   577 C  "C2'" . DG C 3 1  ? 0.11955   13.03532  -4.95405  1.000 263.02608 ? 8   DG C "C2'" 1 
ATOM   578 C  "C1'" . DG C 3 1  ? 0.84185   12.59443  -3.67879  1.000 266.12382 ? 8   DG C "C1'" 1 
ATOM   579 N  N9    . DG C 3 1  ? 0.04325   12.58034  -2.43152  1.000 275.38809 ? 8   DG C N9    1 
ATOM   580 C  C8    . DG C 3 1  ? 0.48769   12.94180  -1.17283  1.000 279.55175 ? 8   DG C C8    1 
ATOM   581 N  N7    . DG C 3 1  ? -0.41571  12.81523  -0.23748  1.000 288.11067 ? 8   DG C N7    1 
ATOM   582 C  C5    . DG C 3 1  ? -1.53154  12.31815  -0.90545  1.000 289.85035 ? 8   DG C C5    1 
ATOM   583 C  C6    . DG C 3 1  ? -2.81785  11.98195  -0.40263  1.000 298.16714 ? 8   DG C C6    1 
ATOM   584 O  O6    . DG C 3 1  ? -3.23187  12.05614  0.76359   1.000 305.88122 ? 8   DG C O6    1 
ATOM   585 N  N1    . DG C 3 1  ? -3.66602  11.51410  -1.41284  1.000 297.15386 ? 8   DG C N1    1 
ATOM   586 C  C2    . DG C 3 1  ? -3.31991  11.38366  -2.74318  1.000 289.44504 ? 8   DG C C2    1 
ATOM   587 N  N2    . DG C 3 1  ? -4.28407  10.92187  -3.56983  1.000 291.71110 ? 8   DG C N2    1 
ATOM   588 N  N3    . DG C 3 1  ? -2.11254  11.69615  -3.22928  1.000 281.47566 ? 8   DG C N3    1 
ATOM   589 C  C4    . DG C 3 1  ? -1.27010  12.15606  -2.25699  1.000 282.13627 ? 8   DG C C4    1 
ATOM   590 P  P     . DG C 3 2  ? 0.09172   16.53972  -6.56945  1.000 255.65024 ? 9   DG C P     1 
ATOM   591 O  OP1   . DG C 3 2  ? 0.99725   17.04753  -7.61911  1.000 241.48802 ? 9   DG C OP1   1 
ATOM   592 O  OP2   . DG C 3 2  ? 0.01712   17.23347  -5.25809  1.000 263.51171 ? 9   DG C OP2   1 
ATOM   593 O  "O5'" . DG C 3 2  ? -1.39731  16.48519  -7.12297  1.000 257.27676 ? 9   DG C "O5'" 1 
ATOM   594 C  "C5'" . DG C 3 2  ? -1.71386  15.62203  -8.17931  1.000 250.20749 ? 9   DG C "C5'" 1 
ATOM   595 C  "C4'" . DG C 3 2  ? -3.00951  14.89410  -7.89041  1.000 266.93054 ? 9   DG C "C4'" 1 
ATOM   596 O  "O4'" . DG C 3 2  ? -2.79115  13.89919  -6.85698  1.000 273.46027 ? 9   DG C "O4'" 1 
ATOM   597 C  "C3'" . DG C 3 2  ? -4.13873  15.75806  -7.34177  1.000 276.00532 ? 9   DG C "C3'" 1 
ATOM   598 O  "O3'" . DG C 3 2  ? -4.83772  16.42722  -8.39974  1.000 275.77108 ? 9   DG C "O3'" 1 
ATOM   599 C  "C2'" . DG C 3 2  ? -5.00917  14.69906  -6.67838  1.000 289.49904 ? 9   DG C "C2'" 1 
ATOM   600 C  "C1'" . DG C 3 2  ? -3.94458  13.82816  -6.02497  1.000 280.97433 ? 9   DG C "C1'" 1 
ATOM   601 N  N9    . DG C 3 2  ? -3.58082  14.28956  -4.69623  1.000 284.64583 ? 9   DG C N9    1 
ATOM   602 C  C8    . DG C 3 2  ? -2.39501  14.85059  -4.31918  1.000 277.45812 ? 9   DG C C8    1 
ATOM   603 N  N7    . DG C 3 2  ? -2.33209  15.17209  -3.06102  1.000 280.50586 ? 9   DG C N7    1 
ATOM   604 C  C5    . DG C 3 2  ? -3.57507  14.82635  -2.57275  1.000 288.03307 ? 9   DG C C5    1 
ATOM   605 C  C6    . DG C 3 2  ? -4.10281  14.95606  -1.27530  1.000 294.19960 ? 9   DG C C6    1 
ATOM   606 O  O6    . DG C 3 2  ? -3.54600  15.41173  -0.25820  1.000 294.66545 ? 9   DG C O6    1 
ATOM   607 N  N1    . DG C 3 2  ? -5.41473  14.48429  -1.21346  1.000 300.58195 ? 9   DG C N1    1 
ATOM   608 C  C2    . DG C 3 2  ? -6.12480  13.95351  -2.27812  1.000 302.96118 ? 9   DG C C2    1 
ATOM   609 N  N2    . DG C 3 2  ? -7.37740  13.55527  -2.02393  1.000 323.91896 ? 9   DG C N2    1 
ATOM   610 N  N3    . DG C 3 2  ? -5.63881  13.82875  -3.50112  1.000 296.26827 ? 9   DG C N3    1 
ATOM   611 C  C4    . DG C 3 2  ? -4.36409  14.28564  -3.57378  1.000 289.43324 ? 9   DG C C4    1 
ATOM   612 P  P     . DC C 3 3  ? -5.73559  17.72888  -8.08927  1.000 269.79744 ? 10  DC C P     1 
ATOM   613 O  OP1   . DC C 3 3  ? -6.49090  18.08713  -9.31653  1.000 267.48138 ? 10  DC C OP1   1 
ATOM   614 O  OP2   . DC C 3 3  ? -4.85199  18.71484  -7.41788  1.000 280.34871 ? 10  DC C OP2   1 
ATOM   615 O  "O5'" . DC C 3 3  ? -6.81859  17.21522  -7.03422  1.000 284.10969 ? 10  DC C "O5'" 1 
ATOM   616 C  "C5'" . DC C 3 3  ? -7.99066  16.55377  -7.47827  1.000 295.06363 ? 10  DC C "C5'" 1 
ATOM   617 C  "C4'" . DC C 3 3  ? -8.99575  16.48786  -6.35277  1.000 312.86313 ? 10  DC C "C4'" 1 
ATOM   618 O  "O4'" . DC C 3 3  ? -8.42621  15.72704  -5.25242  1.000 308.13099 ? 10  DC C "O4'" 1 
ATOM   619 C  "C3'" . DC C 3 3  ? -9.35122  17.83732  -5.73979  1.000 320.21402 ? 10  DC C "C3'" 1 
ATOM   620 O  "O3'" . DC C 3 3  ? -10.39952 18.47629  -6.48117  1.000 324.57507 ? 10  DC C "O3'" 1 
ATOM   621 C  "C2'" . DC C 3 3  ? -9.80964  17.42152  -4.35144  1.000 318.11376 ? 10  DC C "C2'" 1 
ATOM   622 C  "C1'" . DC C 3 3  ? -8.78722  16.33679  -4.02142  1.000 310.77604 ? 10  DC C "C1'" 1 
ATOM   623 N  N1    . DC C 3 3  ? -7.54623  16.86023  -3.32489  1.000 299.98264 ? 10  DC C N1    1 
ATOM   624 C  C2    . DC C 3 3  ? -7.61981  17.20207  -1.97173  1.000 307.03875 ? 10  DC C C2    1 
ATOM   625 O  O2    . DC C 3 3  ? -8.69393  17.06748  -1.37975  1.000 313.87115 ? 10  DC C O2    1 
ATOM   626 N  N3    . DC C 3 3  ? -6.50990  17.66328  -1.33876  1.000 299.92211 ? 10  DC C N3    1 
ATOM   627 C  C4    . DC C 3 3  ? -5.36227  17.80117  -2.01114  1.000 288.66550 ? 10  DC C C4    1 
ATOM   628 N  N4    . DC C 3 3  ? -4.29290  18.25614  -1.33463  1.000 285.87042 ? 10  DC C N4    1 
ATOM   629 C  C5    . DC C 3 3  ? -5.26133  17.46311  -3.39621  1.000 286.10730 ? 10  DC C C5    1 
ATOM   630 C  C6    . DC C 3 3  ? -6.36654  16.99894  -4.00754  1.000 292.29751 ? 10  DC C C6    1 
ATOM   631 P  P     . DT C 3 4  ? -10.74525 20.03522  -6.24903  1.000 322.68858 ? 11  DT C P     1 
ATOM   632 O  OP1   . DT C 3 4  ? -11.51582 20.52428  -7.41423  1.000 308.02893 ? 11  DT C OP1   1 
ATOM   633 O  OP2   . DT C 3 4  ? -9.51160  20.74509  -5.85180  1.000 329.11041 ? 11  DT C OP2   1 
ATOM   634 O  "O5'" . DT C 3 4  ? -11.71767 20.03418  -4.98695  1.000 333.72938 ? 11  DT C "O5'" 1 
ATOM   635 C  "C5'" . DT C 3 4  ? -12.40667 21.21268  -4.62476  1.000 336.90608 ? 11  DT C "C5'" 1 
ATOM   636 C  "C4'" . DT C 3 4  ? -13.19821 20.97769  -3.36165  1.000 349.62076 ? 11  DT C "C4'" 1 
ATOM   637 O  "O4'" . DT C 3 4  ? -12.68748 19.78600  -2.69901  1.000 340.58020 ? 11  DT C "O4'" 1 
ATOM   638 C  "C3'" . DT C 3 4  ? -13.08327 22.08215  -2.33087  1.000 343.51740 ? 11  DT C "C3'" 1 
ATOM   639 O  "O3'" . DT C 3 4  ? -14.09590 23.09528  -2.56147  1.000 349.97870 ? 11  DT C "O3'" 1 
ATOM   640 C  "C2'" . DT C 3 4  ? -13.27343 21.31326  -1.03105  1.000 340.35912 ? 11  DT C "C2'" 1 
ATOM   641 C  "C1'" . DT C 3 4  ? -12.48609 20.05145  -1.32251  1.000 340.81970 ? 11  DT C "C1'" 1 
ATOM   642 N  N1    . DT C 3 4  ? -11.02478 20.20785  -1.07931  1.000 332.05286 ? 11  DT C N1    1 
ATOM   643 C  C2    . DT C 3 4  ? -10.55881 20.37442  0.21004   1.000 334.93479 ? 11  DT C C2    1 
ATOM   644 O  O2    . DT C 3 4  ? -11.28631 20.40724  1.18934   1.000 353.94233 ? 11  DT C O2    1 
ATOM   645 N  N3    . DT C 3 4  ? -9.19900  20.51856  0.30599   1.000 315.86671 ? 11  DT C N3    1 
ATOM   646 C  C4    . DT C 3 4  ? -8.28032  20.50229  -0.73322  1.000 315.37192 ? 11  DT C C4    1 
ATOM   647 O  O4    . DT C 3 4  ? -7.07776  20.63570  -0.55695  1.000 315.37455 ? 11  DT C O4    1 
ATOM   648 C  C5    . DT C 3 4  ? -8.83584  20.32233  -2.04475  1.000 315.72459 ? 11  DT C C5    1 
ATOM   649 C  C7    . DT C 3 4  ? -7.93089  20.29062  -3.23949  1.000 311.05824 ? 11  DT C C7    1 
ATOM   650 C  C6    . DT C 3 4  ? -10.16001 20.18414  -2.15469  1.000 323.80714 ? 11  DT C C6    1 
ATOM   651 P  P     . DG C 3 5  ? -15.52054 23.09264  -1.80129  1.000 371.91243 ? 12  DG C P     1 
ATOM   652 O  OP1   . DG C 3 5  ? -16.10717 21.73080  -1.79918  1.000 395.18627 ? 12  DG C OP1   1 
ATOM   653 O  OP2   . DG C 3 5  ? -16.30341 24.20156  -2.39900  1.000 373.07573 ? 12  DG C OP2   1 
ATOM   654 O  "O5'" . DG C 3 5  ? -15.17351 23.55790  -0.30876  1.000 362.65079 ? 12  DG C "O5'" 1 
ATOM   655 C  "C5'" . DG C 3 5  ? -15.65733 22.81781  0.81303   1.000 370.75703 ? 12  DG C "C5'" 1 
ATOM   656 C  "C4'" . DG C 3 5  ? -14.83782 23.14670  2.04474   1.000 367.44874 ? 12  DG C "C4'" 1 
ATOM   657 O  "O4'" . DG C 3 5  ? -13.46084 22.71644  1.84779   1.000 346.75941 ? 12  DG C "O4'" 1 
ATOM   658 C  "C3'" . DG C 3 5  ? -14.77564 24.64230  2.37538   1.000 357.18961 ? 12  DG C "C3'" 1 
ATOM   659 O  "O3'" . DG C 3 5  ? -15.04285 24.84473  3.74506   1.000 373.92846 ? 12  DG C "O3'" 1 
ATOM   660 C  "C2'" . DG C 3 5  ? -13.34511 25.03799  2.01422   1.000 338.12154 ? 12  DG C "C2'" 1 
ATOM   661 C  "C1'" . DG C 3 5  ? -12.59892 23.74215  2.27989   1.000 336.74242 ? 12  DG C "C1'" 1 
ATOM   662 N  N9    . DG C 3 5  ? -11.32679 23.65182  1.56666   1.000 329.73895 ? 12  DG C N9    1 
ATOM   663 C  C8    . DG C 3 5  ? -11.12818 23.43958  0.22130   1.000 330.46799 ? 12  DG C C8    1 
ATOM   664 N  N7    . DG C 3 5  ? -9.86762  23.41991  -0.12293  1.000 327.76766 ? 12  DG C N7    1 
ATOM   665 C  C5    . DG C 3 5  ? -9.18954  23.65021  1.07029   1.000 330.08373 ? 12  DG C C5    1 
ATOM   666 C  C6    . DG C 3 5  ? -7.79886  23.74687  1.33494   1.000 319.14031 ? 12  DG C C6    1 
ATOM   667 O  O6    . DG C 3 5  ? -6.85081  23.64631  0.53443   1.000 317.21114 ? 12  DG C O6    1 
ATOM   668 N  N1    . DG C 3 5  ? -7.54875  23.99213  2.69034   1.000 310.92617 ? 12  DG C N1    1 
ATOM   669 C  C2    . DG C 3 5  ? -8.52071  24.12296  3.66402   1.000 327.88084 ? 12  DG C C2    1 
ATOM   670 N  N2    . DG C 3 5  ? -8.09715  24.35753  4.91623   1.000 337.57147 ? 12  DG C N2    1 
ATOM   671 N  N3    . DG C 3 5  ? -9.81928  24.03504  3.42511   1.000 328.14402 ? 12  DG C N3    1 
ATOM   672 C  C4    . DG C 3 5  ? -10.07908 23.79227  2.11754   1.000 330.75223 ? 12  DG C C4    1 
ATOM   673 P  P     . DC C 3 6  ? -15.71080 26.21940  4.23463   1.000 363.78377 ? 13  DC C P     1 
ATOM   674 O  OP1   . DC C 3 6  ? -16.95410 25.86750  4.96163   1.000 385.33636 ? 13  DC C OP1   1 
ATOM   675 O  OP2   . DC C 3 6  ? -15.74171 27.15691  3.08306   1.000 351.71390 ? 13  DC C OP2   1 
ATOM   676 O  "O5'" . DC C 3 6  ? -14.65224 26.79653  5.27561   1.000 337.25691 ? 13  DC C "O5'" 1 
ATOM   677 C  "C5'" . DC C 3 6  ? -13.66318 25.94476  5.84188   1.000 338.01226 ? 13  DC C "C5'" 1 
ATOM   678 C  "C4'" . DC C 3 6  ? -12.50062 26.77876  6.32539   1.000 338.98869 ? 13  DC C "C4'" 1 
ATOM   679 O  "O4'" . DC C 3 6  ? -11.31804 26.45931  5.54335   1.000 340.18621 ? 13  DC C "O4'" 1 
ATOM   680 C  "C3'" . DC C 3 6  ? -12.71475 28.28715  6.15796   1.000 329.01908 ? 13  DC C "C3'" 1 
ATOM   681 O  "O3'" . DC C 3 6  ? -12.16846 28.99031  7.26909   1.000 335.45143 ? 13  DC C "O3'" 1 
ATOM   682 C  "C2'" . DC C 3 6  ? -11.95224 28.58714  4.87446   1.000 318.09672 ? 13  DC C "C2'" 1 
ATOM   683 C  "C1'" . DC C 3 6  ? -10.77031 27.66126  5.05480   1.000 324.71856 ? 13  DC C "C1'" 1 
ATOM   684 N  N1    . DC C 3 6  ? -9.99647  27.38877  3.81075   1.000 332.55898 ? 13  DC C N1    1 
ATOM   685 C  C2    . DC C 3 6  ? -8.60408  27.47082  3.85933   1.000 325.74237 ? 13  DC C C2    1 
ATOM   686 O  O2    . DC C 3 6  ? -8.06941  27.76321  4.93135   1.000 305.36098 ? 13  DC C O2    1 
ATOM   687 N  N3    . DC C 3 6  ? -7.88365  27.22809  2.73558   1.000 321.97613 ? 13  DC C N3    1 
ATOM   688 C  C4    . DC C 3 6  ? -8.50641  26.92071  1.59816   1.000 325.02913 ? 13  DC C C4    1 
ATOM   689 N  N4    . DC C 3 6  ? -7.74920  26.68984  0.50964   1.000 324.13428 ? 13  DC C N4    1 
ATOM   690 C  C5    . DC C 3 6  ? -9.93610  26.84102  1.52458   1.000 323.13679 ? 13  DC C C5    1 
ATOM   691 C  C6    . DC C 3 6  ? -10.63468 27.07853  2.64680   1.000 326.83724 ? 13  DC C C6    1 
ATOM   692 P  P     . DT C 3 7  ? -13.02349 30.14629  7.98976   1.000 352.12756 ? 14  DT C P     1 
ATOM   693 O  OP1   . DT C 3 7  ? -13.68561 29.55586  9.17640   1.000 362.53670 ? 14  DT C OP1   1 
ATOM   694 O  OP2   . DT C 3 7  ? -13.82900 30.81566  6.94242   1.000 348.09286 ? 14  DT C OP2   1 
ATOM   695 O  "O5'" . DT C 3 7  ? -11.92122 31.18963  8.49141   1.000 329.57222 ? 14  DT C "O5'" 1 
ATOM   696 C  "C5'" . DT C 3 7  ? -10.78292 30.73473  9.21497   1.000 325.76914 ? 14  DT C "C5'" 1 
ATOM   697 C  "C4'" . DT C 3 7  ? -9.64456  31.71721  9.05524   1.000 322.88458 ? 14  DT C "C4'" 1 
ATOM   698 O  "O4'" . DT C 3 7  ? -8.58411  31.11179  8.27731   1.000 323.81627 ? 14  DT C "O4'" 1 
ATOM   699 C  "C3'" . DT C 3 7  ? -10.01556 32.96531  8.28891   1.000 326.06391 ? 14  DT C "C3'" 1 
ATOM   700 O  "O3'" . DT C 3 7  ? -10.60679 33.91913  9.16508   1.000 333.61744 ? 14  DT C "O3'" 1 
ATOM   701 C  "C2'" . DT C 3 7  ? -8.65969  33.42874  7.75676   1.000 314.83361 ? 14  DT C "C2'" 1 
ATOM   702 C  "C1'" . DT C 3 7  ? -7.91966  32.10434  7.51111   1.000 309.62509 ? 14  DT C "C1'" 1 
ATOM   703 N  N1    . DT C 3 7  ? -7.90901  31.67124  6.06792   1.000 309.86460 ? 14  DT C N1    1 
ATOM   704 C  C2    . DT C 3 7  ? -6.71953  31.28165  5.46667   1.000 306.83002 ? 14  DT C C2    1 
ATOM   705 O  O2    . DT C 3 7  ? -5.64801  31.26517  6.04463   1.000 300.45821 ? 14  DT C O2    1 
ATOM   706 N  N3    . DT C 3 7  ? -6.84595  30.90494  4.14830   1.000 308.32231 ? 14  DT C N3    1 
ATOM   707 C  C4    . DT C 3 7  ? -8.01051  30.87812  3.39861   1.000 311.12001 ? 14  DT C C4    1 
ATOM   708 O  O4    . DT C 3 7  ? -8.03169  30.53955  2.22352   1.000 308.99870 ? 14  DT C O4    1 
ATOM   709 C  C5    . DT C 3 7  ? -9.20189  31.30429  4.08683   1.000 309.79880 ? 14  DT C C5    1 
ATOM   710 C  C7    . DT C 3 7  ? -10.51645 31.32630  3.36775   1.000 310.49099 ? 14  DT C C7    1 
ATOM   711 C  C6    . DT C 3 7  ? -9.09608  31.66955  5.36671   1.000 309.86460 ? 14  DT C C6    1 
ATOM   712 O  OP3   . DC D 4 1  ? 5.09339   -30.05100 16.32631  1.000 358.32305 ? 1   DC D OP3   1 
ATOM   713 P  P     . DC D 4 1  ? 4.82783   -29.54354 14.95690  1.000 354.45416 ? 1   DC D P     1 
ATOM   714 O  OP1   . DC D 4 1  ? 3.49880   -30.05641 14.54354  1.000 369.00327 ? 1   DC D OP1   1 
ATOM   715 O  OP2   . DC D 4 1  ? 5.05872   -28.08113 14.99042  1.000 319.11045 ? 1   DC D OP2   1 
ATOM   716 O  "O5'" . DC D 4 1  ? 5.94159   -30.15652 13.97780  1.000 334.95182 ? 1   DC D "O5'" 1 
ATOM   717 C  "C5'" . DC D 4 1  ? 7.01168   -30.94558 14.51198  1.000 348.11919 ? 1   DC D "C5'" 1 
ATOM   718 C  "C4'" . DC D 4 1  ? 8.27986   -30.79749 13.67931  1.000 349.10089 ? 1   DC D "C4'" 1 
ATOM   719 O  "O4'" . DC D 4 1  ? 8.25980   -31.73291 12.55989  1.000 338.22064 ? 1   DC D "O4'" 1 
ATOM   720 C  "C3'" . DC D 4 1  ? 8.49692   -29.40586 13.06776  1.000 324.72428 ? 1   DC D "C3'" 1 
ATOM   721 O  "O3'" . DC D 4 1  ? 9.82095   -28.95060 13.30967  1.000 332.21992 ? 1   DC D "O3'" 1 
ATOM   722 C  "C2'" . DC D 4 1  ? 8.27060   -29.64512 11.58721  1.000 317.49447 ? 1   DC D "C2'" 1 
ATOM   723 C  "C1'" . DC D 4 1  ? 8.76276   -31.06890 11.43265  1.000 332.46205 ? 1   DC D "C1'" 1 
ATOM   724 N  N1    . DC D 4 1  ? 8.23360   -31.69796 10.21970  1.000 312.59388 ? 1   DC D N1    1 
ATOM   725 C  C2    . DC D 4 1  ? 9.10358   -32.33403 9.32961   1.000 304.11918 ? 1   DC D C2    1 
ATOM   726 O  O2    . DC D 4 1  ? 10.31006  -32.39999 9.59698   1.000 307.19586 ? 1   DC D O2    1 
ATOM   727 N  N3    . DC D 4 1  ? 8.58415   -32.87555 8.20263   1.000 287.55930 ? 1   DC D N3    1 
ATOM   728 C  C4    . DC D 4 1  ? 7.27554   -32.77719 7.95448   1.000 279.60308 ? 1   DC D C4    1 
ATOM   729 N  N4    . DC D 4 1  ? 6.80565   -33.31946 6.83370   1.000 278.44242 ? 1   DC D N4    1 
ATOM   730 C  C5    . DC D 4 1  ? 6.38822   -32.12075 8.84580   1.000 284.25890 ? 1   DC D C5    1 
ATOM   731 C  C6    . DC D 4 1  ? 6.90799   -31.59563 9.94916   1.000 296.88673 ? 1   DC D C6    1 
ATOM   732 P  P     . DT D 4 2  ? 10.39149  -27.67769 12.50832  1.000 333.69536 ? 2   DT D P     1 
ATOM   733 O  OP1   . DT D 4 2  ? 11.52438  -27.13933 13.28660  1.000 341.34891 ? 2   DT D OP1   1 
ATOM   734 O  OP2   . DT D 4 2  ? 9.25579   -26.78729 12.17763  1.000 320.19111 ? 2   DT D OP2   1 
ATOM   735 O  "O5'" . DT D 4 2  ? 10.96924  -28.29439 11.14754  1.000 358.65362 ? 2   DT D "O5'" 1 
ATOM   736 C  "C5'" . DT D 4 2  ? 12.24638  -28.92208 11.13223  1.000 351.56593 ? 2   DT D "C5'" 1 
ATOM   737 C  "C4'" . DT D 4 2  ? 12.94953  -28.66386 9.81315   1.000 337.02208 ? 2   DT D "C4'" 1 
ATOM   738 O  "O4'" . DT D 4 2  ? 12.50005  -29.62861 8.82970   1.000 317.07232 ? 2   DT D "O4'" 1 
ATOM   739 C  "C3'" . DT D 4 2  ? 12.65900  -27.30357 9.19192   1.000 333.65589 ? 2   DT D "C3'" 1 
ATOM   740 O  "O3'" . DT D 4 2  ? 13.55681  -26.29017 9.70939   1.000 344.61773 ? 2   DT D "O3'" 1 
ATOM   741 C  "C2'" . DT D 4 2  ? 12.86228  -27.56451 7.70446   1.000 321.40442 ? 2   DT D "C2'" 1 
ATOM   742 C  "C1'" . DT D 4 2  ? 12.39249  -29.00794 7.55446   1.000 317.22234 ? 2   DT D "C1'" 1 
ATOM   743 N  N1    . DT D 4 2  ? 10.97791  -29.15189 7.05430   1.000 310.69524 ? 2   DT D N1    1 
ATOM   744 C  C2    . DT D 4 2  ? 10.76630  -29.58879 5.76617   1.000 304.92876 ? 2   DT D C2    1 
ATOM   745 O  O2    . DT D 4 2  ? 11.66797  -29.85981 4.99277   1.000 299.60443 ? 2   DT D O2    1 
ATOM   746 N  N3    . DT D 4 2  ? 9.44364   -29.70317 5.40968   1.000 292.53780 ? 2   DT D N3    1 
ATOM   747 C  C4    . DT D 4 2  ? 8.34111   -29.42968 6.19011   1.000 280.79692 ? 2   DT D C4    1 
ATOM   748 O  O4    . DT D 4 2  ? 7.19224   -29.56522 5.77487   1.000 262.80792 ? 2   DT D O4    1 
ATOM   749 C  C5    . DT D 4 2  ? 8.62947   -28.97572 7.52704   1.000 285.82383 ? 2   DT D C5    1 
ATOM   750 C  C7    . DT D 4 2  ? 7.50688   -28.64283 8.45924   1.000 281.12853 ? 2   DT D C7    1 
ATOM   751 C  C6    . DT D 4 2  ? 9.91906   -28.86082 7.89628   1.000 298.54378 ? 2   DT D C6    1 
ATOM   752 P  P     . DG D 4 3  ? 15.07464  -26.13351 9.18324   1.000 353.56065 ? 3   DG D P     1 
ATOM   753 O  OP1   . DG D 4 3  ? 15.69162  -27.47137 9.01044   1.000 362.52225 ? 3   DG D OP1   1 
ATOM   754 O  OP2   . DG D 4 3  ? 15.71515  -25.14154 10.07679  1.000 369.95735 ? 3   DG D OP2   1 
ATOM   755 O  "O5'" . DG D 4 3  ? 14.94585  -25.41410 7.75662   1.000 319.19337 ? 3   DG D "O5'" 1 
ATOM   756 C  "C5'" . DG D 4 3  ? 16.09766  -25.29194 6.91568   1.000 334.40835 ? 3   DG D "C5'" 1 
ATOM   757 C  "C4'" . DG D 4 3  ? 15.70194  -25.28753 5.44805   1.000 317.10365 ? 3   DG D "C4'" 1 
ATOM   758 O  "O4'" . DG D 4 3  ? 14.41836  -25.95891 5.29949   1.000 307.19456 ? 3   DG D "O4'" 1 
ATOM   759 C  "C3'" . DG D 4 3  ? 15.53960  -23.88790 4.82303   1.000 316.83519 ? 3   DG D "C3'" 1 
ATOM   760 O  "O3'" . DG D 4 3  ? 16.27829  -23.78520 3.58433   1.000 305.96810 ? 3   DG D "O3'" 1 
ATOM   761 C  "C2'" . DG D 4 3  ? 14.03616  -23.76976 4.59679   1.000 321.70683 ? 3   DG D "C2'" 1 
ATOM   762 C  "C1'" . DG D 4 3  ? 13.62196  -25.22114 4.41343   1.000 297.36444 ? 3   DG D "C1'" 1 
ATOM   763 N  N9    . DG D 4 3  ? 12.21732  -25.41896 4.72428   1.000 287.67380 ? 3   DG D N9    1 
ATOM   764 C  C8    . DG D 4 3  ? 11.58048  -25.13623 5.90897   1.000 291.49795 ? 3   DG D C8    1 
ATOM   765 N  N7    . DG D 4 3  ? 10.30037  -25.37080 5.87755   1.000 283.52857 ? 3   DG D N7    1 
ATOM   766 C  C5    . DG D 4 3  ? 10.07293  -25.81010 4.58060   1.000 279.65968 ? 3   DG D C5    1 
ATOM   767 C  C6    . DG D 4 3  ? 8.87552   -26.20614 3.95756   1.000 274.49854 ? 3   DG D C6    1 
ATOM   768 O  O6    . DG D 4 3  ? 7.73871   -26.24950 4.44687   1.000 270.28488 ? 3   DG D O6    1 
ATOM   769 N  N1    . DG D 4 3  ? 9.08783   -26.57660 2.62712   1.000 274.03006 ? 3   DG D N1    1 
ATOM   770 C  C2    . DG D 4 3  ? 10.30846  -26.56346 1.98431   1.000 276.01714 ? 3   DG D C2    1 
ATOM   771 N  N2    . DG D 4 3  ? 10.32001  -26.95653 0.69623   1.000 282.35211 ? 3   DG D N2    1 
ATOM   772 N  N3    . DG D 4 3  ? 11.43779  -26.19388 2.56357   1.000 270.86389 ? 3   DG D N3    1 
ATOM   773 C  C4    . DG D 4 3  ? 11.24349  -25.83117 3.85605   1.000 275.85133 ? 3   DG D C4    1 
ATOM   774 P  P     . DA D 4 4  ? 16.26239  -22.42267 2.71437   1.000 316.48604 ? 4   DA D P     1 
ATOM   775 O  OP1   . DA D 4 4  ? 17.66096  -22.11535 2.34194   1.000 320.36282 ? 4   DA D OP1   1 
ATOM   776 O  OP2   . DA D 4 4  ? 15.49919  -21.38130 3.44270   1.000 314.24893 ? 4   DA D OP2   1 
ATOM   777 O  "O5'" . DA D 4 4  ? 15.44423  -22.82611 1.38575   1.000 309.34834 ? 4   DA D "O5'" 1 
ATOM   778 C  "C5'" . DA D 4 4  ? 15.76536  -24.04193 0.65397   1.000 303.01074 ? 4   DA D "C5'" 1 
ATOM   779 C  "C4'" . DA D 4 4  ? 14.88544  -24.19468 -0.58884  1.000 306.04268 ? 4   DA D "C4'" 1 
ATOM   780 O  "O4'" . DA D 4 4  ? 13.54695  -24.60150 -0.18884  1.000 294.92029 ? 4   DA D "O4'" 1 
ATOM   781 C  "C3'" . DA D 4 4  ? 14.70905  -22.91682 -1.41237  1.000 292.77004 ? 4   DA D "C3'" 1 
ATOM   782 O  "O3'" . DA D 4 4  ? 14.62236  -23.19560 -2.80598  1.000 294.15968 ? 4   DA D "O3'" 1 
ATOM   783 C  "C2'" . DA D 4 4  ? 13.40057  -22.35185 -0.89289  1.000 280.58700 ? 4   DA D "C2'" 1 
ATOM   784 C  "C1'" . DA D 4 4  ? 12.60637  -23.60514 -0.55361  1.000 277.55505 ? 4   DA D "C1'" 1 
ATOM   785 N  N9    . DA D 4 4  ? 11.69125  -23.37935 0.55635   1.000 275.66009 ? 4   DA D N9    1 
ATOM   786 C  C8    . DA D 4 4  ? 12.01916  -22.97744 1.82402   1.000 282.28720 ? 4   DA D C8    1 
ATOM   787 N  N7    . DA D 4 4  ? 10.98844  -22.82213 2.61429   1.000 267.78809 ? 4   DA D N7    1 
ATOM   788 C  C5    . DA D 4 4  ? 9.90614   -23.12728 1.80814   1.000 262.98225 ? 4   DA D C5    1 
ATOM   789 C  C6    . DA D 4 4  ? 8.52682   -23.15209 2.05288   1.000 258.53172 ? 4   DA D C6    1 
ATOM   790 N  N6    . DA D 4 4  ? 7.98643   -22.85116 3.23945   1.000 260.63460 ? 4   DA D N6    1 
ATOM   791 N  N1    . DA D 4 4  ? 7.71775   -23.50079 1.03180   1.000 264.15345 ? 4   DA D N1    1 
ATOM   792 C  C2    . DA D 4 4  ? 8.26186   -23.80313 -0.15369  1.000 266.39056 ? 4   DA D C2    1 
ATOM   793 N  N3    . DA D 4 4  ? 9.54466   -23.81406 -0.50562  1.000 265.09830 ? 4   DA D N3    1 
ATOM   794 C  C4    . DA D 4 4  ? 10.32142  -23.46465 0.53325   1.000 267.86705 ? 4   DA D C4    1 
ATOM   795 P  P     . DT D 4 5  ? 14.31363  -21.99596 -3.83954  1.000 308.72384 ? 5   DT D P     1 
ATOM   796 O  OP1   . DT D 4 5  ? 14.99893  -22.33230 -5.10590  1.000 312.02950 ? 5   DT D OP1   1 
ATOM   797 O  OP2   . DT D 4 5  ? 14.61185  -20.70466 -3.17519  1.000 318.33552 ? 5   DT D OP2   1 
ATOM   798 O  "O5'" . DT D 4 5  ? 12.73054  -22.08340 -4.09613  1.000 293.89048 ? 5   DT D "O5'" 1 
ATOM   799 C  "C5'" . DT D 4 5  ? 12.20817  -23.09816 -4.96527  1.000 285.61317 ? 5   DT D "C5'" 1 
ATOM   800 C  "C4'" . DT D 4 5  ? 10.76182  -22.82087 -5.34826  1.000 280.66258 ? 5   DT D "C4'" 1 
ATOM   801 O  "O4'" . DT D 4 5  ? 9.94751   -22.73914 -4.14825  1.000 274.17496 ? 5   DT D "O4'" 1 
ATOM   802 C  "C3'" . DT D 4 5  ? 10.52256  -21.51388 -6.11057  1.000 279.44138 ? 5   DT D "C3'" 1 
ATOM   803 O  "O3'" . DT D 4 5  ? 9.50471   -21.71075 -7.09976  1.000 276.43049 ? 5   DT D "O3'" 1 
ATOM   804 C  "C2'" . DT D 4 5  ? 10.05453  -20.57544 -5.00536  1.000 262.82623 ? 5   DT D "C2'" 1 
ATOM   805 C  "C1'" . DT D 4 5  ? 9.22260   -21.53500 -4.17092  1.000 268.84011 ? 5   DT D "C1'" 1 
ATOM   806 N  N1    . DT D 4 5  ? 8.99443   -21.08436 -2.77792  1.000 265.24757 ? 5   DT D N1    1 
ATOM   807 C  C2    . DT D 4 5  ? 7.70181   -20.96022 -2.31960  1.000 257.24661 ? 5   DT D C2    1 
ATOM   808 O  O2    . DT D 4 5  ? 6.72965   -21.21254 -3.00048  1.000 255.48851 ? 5   DT D O2    1 
ATOM   809 N  N3    . DT D 4 5  ? 7.58628   -20.52924 -1.02931  1.000 254.79369 ? 5   DT D N3    1 
ATOM   810 C  C4    . DT D 4 5  ? 8.60551   -20.22072 -0.16625  1.000 259.44688 ? 5   DT D C4    1 
ATOM   811 O  O4    . DT D 4 5  ? 8.39950   -19.84183 0.98105   1.000 262.11299 ? 5   DT D O4    1 
ATOM   812 C  C5    . DT D 4 5  ? 9.93691   -20.36982 -0.70392  1.000 270.39029 ? 5   DT D C5    1 
ATOM   813 C  C7    . DT D 4 5  ? 11.11978  -20.05507 0.14909   1.000 273.36960 ? 5   DT D C7    1 
ATOM   814 C  C6    . DT D 4 5  ? 10.06863  -20.78836 -1.97255  1.000 270.78508 ? 5   DT D C6    1 
ATOM   815 P  P     . DG D 4 6  ? 9.41719   -20.75317 -8.39043  1.000 289.25390 ? 6   DG D P     1 
ATOM   816 O  OP1   . DG D 4 6  ? 9.87378   -21.54222 -9.55680  1.000 283.40846 ? 6   DG D OP1   1 
ATOM   817 O  OP2   . DG D 4 6  ? 10.11397  -19.48484 -8.05420  1.000 287.66950 ? 6   DG D OP2   1 
ATOM   818 O  "O5'" . DG D 4 6  ? 7.83790   -20.47106 -8.55626  1.000 270.13582 ? 6   DG D "O5'" 1 
ATOM   819 C  "C5'" . DG D 4 6  ? 6.94350   -21.51007 -9.03193  1.000 277.06823 ? 6   DG D "C5'" 1 
ATOM   820 C  "C4'" . DG D 4 6  ? 5.60674   -21.48008 -8.28721  1.000 259.64245 ? 6   DG D "C4'" 1 
ATOM   821 O  "O4'" . DG D 4 6  ? 5.85100   -21.19641 -6.87885  1.000 254.76292 ? 6   DG D "O4'" 1 
ATOM   822 C  "C3'" . DG D 4 6  ? 4.59495   -20.42217 -8.76509  1.000 250.45451 ? 6   DG D "C3'" 1 
ATOM   823 O  "O3'" . DG D 4 6  ? 3.23171   -20.94663 -8.71877  1.000 246.69880 ? 6   DG D "O3'" 1 
ATOM   824 C  "C2'" . DG D 4 6  ? 4.80284   -19.28263 -7.76592  1.000 246.71195 ? 6   DG D "C2'" 1 
ATOM   825 C  "C1'" . DG D 4 6  ? 5.13068   -20.04057 -6.48102  1.000 251.58622 ? 6   DG D "C1'" 1 
ATOM   826 N  N9    . DG D 4 6  ? 5.94717   -19.26534 -5.52285  1.000 257.94488 ? 6   DG D N9    1 
ATOM   827 C  C8    . DG D 4 6  ? 7.22929   -18.79412 -5.71255  1.000 275.07588 ? 6   DG D C8    1 
ATOM   828 N  N7    . DG D 4 6  ? 7.70347   -18.12956 -4.68621  1.000 284.45332 ? 6   DG D N7    1 
ATOM   829 C  C5    . DG D 4 6  ? 6.67386   -18.15757 -3.75185  1.000 261.93746 ? 6   DG D C5    1 
ATOM   830 C  C6    . DG D 4 6  ? 6.60662   -17.60265 -2.44226  1.000 260.07935 ? 6   DG D C6    1 
ATOM   831 O  O6    . DG D 4 6  ? 7.47286   -16.95744 -1.82716  1.000 274.61793 ? 6   DG D O6    1 
ATOM   832 N  N1    . DG D 4 6  ? 5.37962   -17.86537 -1.83523  1.000 254.47341 ? 6   DG D N1    1 
ATOM   833 C  C2    . DG D 4 6  ? 4.35183   -18.57143 -2.41718  1.000 251.78625 ? 6   DG D C2    1 
ATOM   834 N  N2    . DG D 4 6  ? 3.23958   -18.71772 -1.68593  1.000 265.38525 ? 6   DG D N2    1 
ATOM   835 N  N3    . DG D 4 6  ? 4.40030   -19.09628 -3.63836  1.000 244.27482 ? 6   DG D N3    1 
ATOM   836 C  C4    . DG D 4 6  ? 5.58236   -18.84930 -4.24924  1.000 251.64413 ? 6   DG D C4    1 
ATOM   837 P  P     . DT D 4 7  ? 2.04369   -20.28826 -9.59908  1.000 261.99225 ? 7   DT D P     1 
ATOM   838 O  OP1   . DT D 4 7  ? 0.74495   -20.76532 -9.06396  1.000 259.11822 ? 7   DT D OP1   1 
ATOM   839 O  OP2   . DT D 4 7  ? 2.33550   -20.53880 -11.03055 1.000 284.56074 ? 7   DT D OP2   1 
ATOM   840 O  "O5'" . DT D 4 7  ? 2.19076   -18.71698 -9.33856  1.000 245.75609 ? 7   DT D "O5'" 1 
ATOM   841 C  "C5'" . DT D 4 7  ? 1.04849   -17.90255 -9.29757  1.000 247.47998 ? 7   DT D "C5'" 1 
ATOM   842 C  "C4'" . DT D 4 7  ? 0.37631   -17.98414 -7.94157  1.000 238.24467 ? 7   DT D "C4'" 1 
ATOM   843 O  "O4'" . DT D 4 7  ? 1.33504   -18.38896 -6.93083  1.000 240.01593 ? 7   DT D "O4'" 1 
ATOM   844 C  "C3'" . DT D 4 7  ? -0.15409  -16.66839 -7.42790  1.000 235.58382 ? 7   DT D "C3'" 1 
ATOM   845 O  "O3'" . DT D 4 7  ? -1.40663  -16.39720 -7.99399  1.000 231.10960 ? 7   DT D "O3'" 1 
ATOM   846 C  "C2'" . DT D 4 7  ? -0.26452  -16.95850 -5.94441  1.000 234.28103 ? 7   DT D "C2'" 1 
ATOM   847 C  "C1'" . DT D 4 7  ? 1.00796   -17.74568 -5.69678  1.000 242.79258 ? 7   DT D "C1'" 1 
ATOM   848 N  N1    . DT D 4 7  ? 2.16565   -16.87662 -5.23298  1.000 248.78014 ? 7   DT D N1    1 
ATOM   849 C  C2    . DT D 4 7  ? 2.09499   -16.24067 -3.99993  1.000 258.04441 ? 7   DT D C2    1 
ATOM   850 O  O2    . DT D 4 7  ? 1.13913   -16.33226 -3.25592  1.000 292.54065 ? 7   DT D O2    1 
ATOM   851 N  N3    . DT D 4 7  ? 3.19291   -15.49051 -3.67518  1.000 256.97586 ? 7   DT D N3    1 
ATOM   852 C  C4    . DT D 4 7  ? 4.33224   -15.31336 -4.42409  1.000 260.48681 ? 7   DT D C4    1 
ATOM   853 O  O4    . DT D 4 7  ? 5.26248   -14.61970 -4.03844  1.000 295.56206 ? 7   DT D O4    1 
ATOM   854 C  C5    . DT D 4 7  ? 4.34532   -15.99376 -5.70141  1.000 256.32315 ? 7   DT D C5    1 
ATOM   855 C  C7    . DT D 4 7  ? 5.53514   -15.86967 -6.60876  1.000 274.08317 ? 7   DT D C7    1 
ATOM   856 C  C6    . DT D 4 7  ? 3.27474   -16.73314 -6.03770  1.000 248.36167 ? 7   DT D C6    1 
HETATM 857 AG AG    . AG E 5 .  ? -3.69889  -2.10875  -3.49583  0.300 154.68236 ? 101 AG B AG    1 
HETATM 858 AG AG    . AG F 5 .  ? -0.67125  -1.70188  -3.13316  1.000 243.50848 ? 102 AG B AG    1 
# 
loop_
_atom_site_anisotrop.id 
_atom_site_anisotrop.type_symbol 
_atom_site_anisotrop.pdbx_label_atom_id 
_atom_site_anisotrop.pdbx_label_alt_id 
_atom_site_anisotrop.pdbx_label_comp_id 
_atom_site_anisotrop.pdbx_label_asym_id 
_atom_site_anisotrop.pdbx_label_seq_id 
_atom_site_anisotrop.pdbx_PDB_ins_code 
_atom_site_anisotrop.U[1][1] 
_atom_site_anisotrop.U[2][2] 
_atom_site_anisotrop.U[3][3] 
_atom_site_anisotrop.U[1][2] 
_atom_site_anisotrop.U[1][3] 
_atom_site_anisotrop.U[2][3] 
_atom_site_anisotrop.pdbx_auth_seq_id 
_atom_site_anisotrop.pdbx_auth_comp_id 
_atom_site_anisotrop.pdbx_auth_asym_id 
_atom_site_anisotrop.pdbx_auth_atom_id 
1   O "O5'" . DG A 1  ? 5.35465 2.63547 4.29120 0.56243  0.23363  0.80248  1  DG A "O5'" 
2   C "C5'" . DG A 1  ? 5.11376 2.30736 3.84970 0.48756  0.22119  0.73337  1  DG A "C5'" 
3   C "C4'" . DG A 1  ? 5.11033 2.08271 3.61137 0.43994  0.31588  0.67665  1  DG A "C4'" 
4   O "O4'" . DG A 1  ? 5.24453 2.02571 3.69388 0.50910  0.46220  0.74688  1  DG A "O4'" 
5   C "C3'" . DG A 1  ? 5.09207 2.09798 3.59557 0.40615  0.29107  0.62424  1  DG A "C3'" 
6   O "O3'" . DG A 1  ? 5.11047 2.22181 3.55564 0.31521  0.17980  0.52983  1  DG A "O3'" 
7   C "C2'" . DG A 1  ? 5.20255 1.95940 3.50876 0.40347  0.43110  0.61499  1  DG A "C2'" 
8   C "C1'" . DG A 1  ? 5.29183 1.92003 3.60146 0.48171  0.53966  0.70620  1  DG A "C1'" 
9   N N9    . DG A 1  ? 5.24343 1.85753 3.67637 0.56538  0.62405  0.78078  1  DG A N9    
10  C C8    . DG A 1  ? 5.15497 1.91898 3.82387 0.64880  0.61249  0.86737  1  DG A C8    
11  N N7    . DG A 1  ? 5.18035 1.96522 3.93695 0.69209  0.68247  0.89767  1  DG A N7    
12  C C5    . DG A 1  ? 5.29039 1.93177 3.86277 0.63971  0.74713  0.83092  1  DG A C5    
13  C C6    . DG A 1  ? 5.36498 1.95935 3.92479 0.65528  0.83547  0.82781  1  DG A C6    
14  O O6    . DG A 1  ? 5.34921 2.01703 4.05898 0.71718  0.87381  0.88306  1  DG A O6    
15  N N1    . DG A 1  ? 5.47348 1.91974 3.81240 0.58793  0.87968  0.74943  1  DG A N1    
16  C C2    . DG A 1  ? 5.50894 1.86350 3.65819 0.50968  0.84193  0.67884  1  DG A C2    
17  N N2    . DG A 1  ? 5.62430 1.84424 3.56829 0.44891  0.89445  0.60626  1  DG A N2    
18  N N3    . DG A 1  ? 5.44147 1.83422 3.59463 0.48977  0.75655  0.67765  1  DG A N3    
19  C C4    . DG A 1  ? 5.33188 1.86918 3.70407 0.56061  0.71387  0.75779  1  DG A C4    
20  P P     . DA A 2  ? 5.47767 2.56165 3.79914 0.24760  0.16813  0.44268  2  DA A P     
21  O OP1   . DA A 2  ? 5.73992 2.99271 4.07572 0.17708  0.03365  0.37089  2  DA A OP1   
22  O OP2   . DA A 2  ? 5.27399 2.37316 3.71601 0.30608  0.20428  0.48593  2  DA A OP2   
23  O "O5'" . DA A 2  ? 5.66414 2.50363 3.70889 0.20035  0.27854  0.39872  2  DA A "O5'" 
24  C "C5'" . DA A 2  ? 5.79754 2.56968 3.66304 0.12689  0.28932  0.31198  2  DA A "C5'" 
25  C "C4'" . DA A 2  ? 5.81865 2.46363 3.64929 0.16580  0.39285  0.33585  2  DA A "C4'" 
26  O "O4'" . DA A 2  ? 5.62853 2.24332 3.61501 0.26786  0.45914  0.44266  2  DA A "O4'" 
27  C "C3'" . DA A 2  ? 5.59698 2.35854 3.49194 0.15720  0.33467  0.30348  2  DA A "C3'" 
28  O "O3'" . DA A 2  ? 5.66753 2.28514 3.36489 0.11820  0.41029  0.24978  2  DA A "O3'" 
29  C "C2'" . DA A 2  ? 5.60441 2.43388 3.73458 0.25591  0.34854  0.39844  2  DA A "C2'" 
30  C "C1'" . DA A 2  ? 5.71276 2.35561 3.79319 0.30919  0.47639  0.46519  2  DA A "C1'" 
31  N N9    . DA A 2  ? 5.57636 2.25518 3.86732 0.41193  0.51273  0.57158  2  DA A N9    
32  C C8    . DA A 2  ? 5.53404 2.37204 4.03118 0.45840  0.44670  0.63027  2  DA A C8    
33  N N7    . DA A 2  ? 5.26437 2.10719 3.91869 0.54761  0.50181  0.72043  2  DA A N7    
34  C C5    . DA A 2  ? 5.29571 2.00323 3.85892 0.55632  0.60583  0.71454  2  DA A C5    
35  C C6    . DA A 2  ? 5.20126 1.94942 3.88999 0.61375  0.68013  0.76128  2  DA A C6    
36  N N6    . DA A 2  ? 5.08129 1.96548 3.99339 0.68172  0.66953  0.83579  2  DA A N6    
37  N N1    . DA A 2  ? 5.27397 1.91696 3.83953 0.59589  0.76316  0.72561  2  DA A N1    
38  C C2    . DA A 2  ? 5.39936 1.91018 3.73422 0.52464  0.77256  0.64835  2  DA A C2    
39  N N3    . DA A 2  ? 5.53746 1.99864 3.73236 0.46064  0.70667  0.59508  2  DA A N3    
40  C C4    . DA A 2  ? 5.48390 2.04746 3.80411 0.48056  0.62251  0.63215  2  DA A C4    
41  P P     . DG A 3  ? 6.13126 2.71118 3.88910 0.17702  0.47172  0.28666  3  DG A P     
42  O OP1   . DG A 3  ? 5.76318 2.55494 3.72122 0.20043  0.36624  0.29604  3  DG A OP1   
43  O OP2   . DG A 3  ? 6.63368 3.03536 4.38460 0.24267  0.60220  0.36223  3  DG A OP2   
44  O "O5'" . DG A 3  ? 6.31608 2.78725 3.84611 0.11469  0.51906  0.20710  3  DG A "O5'" 
45  C "C5'" . DG A 3  ? 6.38463 2.72168 3.87423 0.15889  0.62659  0.23545  3  DG A "C5'" 
46  C "C4'" . DG A 3  ? 6.16636 2.60336 3.88592 0.24528  0.61222  0.30692  3  DG A "C4'" 
47  O "O4'" . DG A 3  ? 5.96300 2.43132 3.87462 0.31833  0.62093  0.39716  3  DG A "O4'" 
48  C "C3'" . DG A 3  ? 5.93345 2.58497 3.77602 0.23391  0.48951  0.27753  3  DG A "C3'" 
49  O "O3'" . DG A 3  ? 6.07319 2.69888 3.82327 0.22271  0.51262  0.23860  3  DG A "O3'" 
50  C "C2'" . DG A 3  ? 5.67159 2.43981 3.78854 0.31594  0.46138  0.36407  3  DG A "C2'" 
51  C "C1'" . DG A 3  ? 5.72967 2.35112 3.86415 0.37339  0.56774  0.44043  3  DG A "C1'" 
52  N N9    . DG A 3  ? 5.56980 2.30994 3.92000 0.42411  0.52244  0.50996  3  DG A N9    
53  C C8    . DG A 3  ? 5.43479 2.31995 3.85579 0.39375  0.41764  0.49471  3  DG A C8    
54  N N7    . DG A 3  ? 5.29375 2.27125 3.91504 0.45401  0.39911  0.56912  3  DG A N7    
55  C C5    . DG A 3  ? 5.37404 2.26666 4.06733 0.52932  0.49705  0.63869  3  DG A C5    
56  C C6    . DG A 3  ? 5.21204 2.16840 4.11810 0.61281  0.52379  0.73157  3  DG A C6    
57  O O6    . DG A 3  ? 5.06713 2.14989 4.13482 0.64349  0.46879  0.77861  3  DG A O6    
58  N N1    . DG A 3  ? 5.12394 2.07243 4.07577 0.64387  0.60721  0.74903  3  DG A N1    
59  C C2    . DG A 3  ? 5.19272 2.02686 3.98426 0.61512  0.67076  0.70062  3  DG A C2    
60  N N2    . DG A 3  ? 5.12218 1.96349 3.97897 0.65300  0.74563  0.72667  3  DG A N2    
61  N N3    . DG A 3  ? 5.44357 2.16364 4.01713 0.55213  0.66039  0.62987  3  DG A N3    
62  C C4    . DG A 3  ? 5.52469 2.26595 4.05220 0.51240  0.57447  0.60360  3  DG A C4    
63  P P     . DC A 4  ? 6.27263 2.86650 4.13551 0.30405  0.57745  0.29983  4  DC A P     
64  O OP1   . DC A 4  ? 6.31352 2.75475 4.21017 0.36599  0.68991  0.37675  4  DC A OP1   
65  O OP2   . DC A 4  ? 6.13394 2.69318 3.84212 0.27245  0.59522  0.24083  4  DC A OP2   
66  O "O5'" . DC A 4  ? 5.94595 2.75673 4.06366 0.34126  0.47359  0.33156  4  DC A "O5'" 
67  C "C5'" . DC A 4  ? 5.79559 2.64996 4.03128 0.39511  0.48626  0.36265  4  DC A "C5'" 
68  C "C4'" . DC A 4  ? 5.77305 2.51886 4.11132 0.47708  0.59179  0.45003  4  DC A "C4'" 
69  O "O4'" . DC A 4  ? 5.60250 2.29442 3.97332 0.49309  0.62170  0.49562  4  DC A "O4'" 
70  C "C3'" . DC A 4  ? 5.61814 2.48778 4.20482 0.54183  0.56686  0.50805  4  DC A "C3'" 
71  O "O3'" . DC A 4  ? 5.60829 2.47219 4.17316 0.55678  0.58751  0.49192  4  DC A "O3'" 
72  C "C2'" . DC A 4  ? 5.52560 2.38946 4.24388 0.59391  0.64161  0.57834  4  DC A "C2'" 
73  C "C1'" . DC A 4  ? 5.52680 2.31530 4.13964 0.56379  0.64414  0.57309  4  DC A "C1'" 
74  N N1    . DC A 4  ? 5.45723 2.35507 4.22433 0.57781  0.56360  0.60978  4  DC A N1    
75  C C2    . DC A 4  ? 5.28467 2.31694 4.30093 0.63559  0.56319  0.68020  4  DC A C2    
76  O O2    . DC A 4  ? 5.24637 2.30286 4.35011 0.67200  0.62656  0.70937  4  DC A O2    
77  N N3    . DC A 4  ? 5.20019 2.33154 4.34570 0.64826  0.48995  0.71267  4  DC A N3    
78  C C4    . DC A 4  ? 5.25412 2.44609 4.32694 0.58599  0.40013  0.65717  4  DC A C4    
79  N N4    . DC A 4  ? 5.20892 2.55683 4.43279 0.58826  0.31772  0.67861  4  DC A N4    
80  C C5    . DC A 4  ? 5.28333 2.40782 4.13358 0.51225  0.38490  0.57100  4  DC A C5    
81  C C6    . DC A 4  ? 5.42913 2.40561 4.13160 0.51170  0.46833  0.55141  4  DC A C6    
82  P P     . DA A 5  ? 5.92693 2.70245 4.45640 0.59077  0.70410  0.51121  5  DA A P     
83  O OP1   . DA A 5  ? 6.20983 2.85946 4.59409 0.57011  0.78375  0.50407  5  DA A OP1   
84  O OP2   . DA A 5  ? 5.85126 2.60370 4.28862 0.58807  0.69881  0.47435  5  DA A OP2   
85  O "O5'" . DA A 5  ? 5.55858 2.48522 4.37728 0.65014  0.71038  0.57869  5  DA A "O5'" 
86  C "C5'" . DA A 5  ? 5.61077 2.53710 4.50751 0.67910  0.78118  0.62326  5  DA A "C5'" 
87  C "C4'" . DA A 5  ? 5.52099 2.60517 4.68742 0.72373  0.75135  0.67891  5  DA A "C4'" 
88  O "O4'" . DA A 5  ? 5.42364 2.57203 4.68821 0.72476  0.69503  0.70670  5  DA A "O4'" 
89  C "C3'" . DA A 5  ? 5.47112 2.65566 4.74720 0.73208  0.69348  0.67015  5  DA A "C3'" 
90  O "O3'" . DA A 5  ? 5.53916 2.79185 4.95668 0.76903  0.73214  0.70000  5  DA A "O3'" 
91  C "C2'" . DA A 5  ? 5.30345 2.59636 4.71598 0.72922  0.59909  0.68538  5  DA A "C2'" 
92  C "C1'" . DA A 5  ? 5.38294 2.67615 4.84010 0.74019  0.61690  0.72481  5  DA A "C1'" 
93  N N9    . DA A 5  ? 5.34751 2.67609 4.82097 0.72218  0.53824  0.72507  5  DA A N9    
94  C C8    . DA A 5  ? 5.43659 2.68161 4.73137 0.67842  0.49860  0.67856  5  DA A C8    
95  N N7    . DA A 5  ? 5.38634 2.70492 4.74192 0.66679  0.42135  0.68547  5  DA A N7    
96  C C5    . DA A 5  ? 5.25947 2.70006 4.85225 0.71510  0.41688  0.74958  5  DA A C5    
97  C C6    . DA A 5  ? 5.05686 2.62982 4.81910 0.72933  0.35042  0.78720  5  DA A C6    
98  N N6    . DA A 5  ? 5.13262 2.79725 4.86081 0.67400  0.25517  0.74350  5  DA A N6    
99  N N1    . DA A 5  ? 4.73949 2.43070 4.71519 0.77387  0.36101  0.84163  5  DA A N1    
100 C C2    . DA A 5  ? 4.81473 2.49585 4.82229 0.79652  0.43053  0.85083  5  DA A C2    
101 N N3    . DA A 5  ? 4.93825 2.50803 4.80510 0.78555  0.49468  0.81872  5  DA A N3    
102 C C4    . DA A 5  ? 5.20539 2.66172 4.87067 0.74466  0.48388  0.76903  5  DA A C4    
103 P P     . DG A 6  ? 5.57252 2.92914 5.11445 0.78095  0.68801  0.69355  6  DG A P     
104 O OP1   . DG A 6  ? 5.56879 2.93395 5.16408 0.80986  0.75742  0.71120  6  DG A OP1   
105 O OP2   . DG A 6  ? 5.29253 2.60800 4.69879 0.75256  0.64164  0.64434  6  DG A OP2   
106 O "O5'" . DG A 6  ? 5.32556 2.82892 5.09234 0.79365  0.61604  0.72842  6  DG A "O5'" 
107 C "C5'" . DG A 6  ? 5.19437 2.74976 5.08909 0.81916  0.63740  0.77777  6  DG A "C5'" 
108 C "C4'" . DG A 6  ? 5.17448 2.87035 5.25919 0.82593  0.55921  0.80180  6  DG A "C4'" 
109 O "O4'" . DG A 6  ? 5.22391 2.89939 5.24372 0.80225  0.50216  0.79280  6  DG A "O4'" 
110 C "C3'" . DG A 6  ? 5.13702 2.92597 5.32593 0.82173  0.50758  0.78315  6  DG A "C3'" 
111 O "O3'" . DG A 6  ? 5.09715 3.02242 5.50645 0.84598  0.49788  0.81975  6  DG A "O3'" 
112 C "C2'" . DG A 6  ? 4.90935 2.70510 5.04997 0.79203  0.42466  0.75678  6  DG A "C2'" 
113 C "C1'" . DG A 6  ? 5.04664 2.82525 5.17223 0.79186  0.41727  0.78358  6  DG A "C1'" 
114 N N9    . DG A 6  ? 4.97856 2.70552 4.98084 0.75995  0.36257  0.75704  6  DG A N9    
115 C C8    . DG A 6  ? 5.02019 2.61313 4.79130 0.72867  0.37021  0.70812  6  DG A C8    
116 N N7    . DG A 6  ? 5.06992 2.72649 4.77750 0.67399  0.28500  0.66424  6  DG A N7    
117 C C5    . DG A 6  ? 4.92084 2.72318 4.83091 0.68628  0.23025  0.70245  6  DG A C5    
118 C C6    . DG A 6  ? 4.79101 2.72208 4.74294 0.64473  0.13078  0.68208  6  DG A C6    
119 O O6    . DG A 6  ? 4.87076 2.81049 4.68587 0.58579  0.06918  0.62395  6  DG A O6    
120 N N1    . DG A 6  ? 4.61802 2.68325 4.79985 0.67773  0.10538  0.73770  6  DG A N1    
121 C C2    . DG A 6  ? 4.58568 2.66331 4.93693 0.74043  0.16809  0.80286  6  DG A C2    
122 N N2    . DG A 6  ? 4.49577 2.72527 5.06068 0.76181  0.13060  0.84782  6  DG A N2    
123 N N3    . DG A 6  ? 4.64718 2.60431 4.96133 0.77762  0.26060  0.82066  6  DG A N3    
124 C C4    . DG A 6  ? 4.87231 2.69209 4.96352 0.74979  0.28723  0.77029  6  DG A C4    
125 P P     . DC A 7  ? 4.92929 2.95891 5.47708 0.84615  0.46985  0.80728  7  DC A P     
126 O OP1   . DC A 7  ? 4.93090 2.96992 5.54246 0.87117  0.54328  0.82618  7  DC A OP1   
127 O OP2   . DC A 7  ? 4.81045 2.79741 5.24761 0.82104  0.43042  0.75978  7  DC A OP2   
128 O "O5'" . DC A 7  ? 4.67172 2.85709 5.42687 0.84720  0.40163  0.83535  7  DC A "O5'" 
129 C "C5'" . DC A 7  ? 4.66433 2.86769 5.43415 0.85059  0.37531  0.86440  7  DC A "C5'" 
130 C "C4'" . DC A 7  ? 4.48614 2.83517 5.41506 0.83572  0.28229  0.87067  7  DC A "C4'" 
131 O "O4'" . DC A 7  ? 4.48385 2.78218 5.29584 0.81006  0.22466  0.85182  7  DC A "O4'" 
132 C "C3'" . DC A 7  ? 4.37649 2.81419 5.41458 0.81800  0.24253  0.84328  7  DC A "C3'" 
133 O "O3'" . DC A 7  ? 4.29015 2.90381 5.55581 0.81344  0.18316  0.86627  7  DC A "O3'" 
134 C "C2'" . DC A 7  ? 4.30616 2.67460 5.19971 0.78652  0.18969  0.79902  7  DC A "C2'" 
135 C "C1'" . DC A 7  ? 4.37653 2.74279 5.22625 0.77611  0.14800  0.81356  7  DC A "C1'" 
136 N N1    . DC A 7  ? 4.45522 2.75076 5.07389 0.72607  0.10734  0.75022  7  DC A N1    
137 C C2    . DC A 7  ? 4.40461 2.81300 5.01646 0.67345  0.00375  0.71357  7  DC A C2    
138 O O2    . DC A 7  ? 4.23056 2.79199 5.02632 0.67177  -0.05000 0.73648  7  DC A O2    
139 N N3    . DC A 7  ? 4.54683 2.89889 4.95264 0.62502  -0.03412 0.65388  7  DC A N3    
140 C C4    . DC A 7  ? 4.68970 2.88646 4.90211 0.62664  0.02659  0.62952  7  DC A C4    
141 N N4    . DC A 7  ? 4.97412 3.13254 4.98951 0.57430  -0.01461 0.56817  7  DC A N4    
142 C C5    . DC A 7  ? 4.63178 2.71144 4.84534 0.68091  0.13227  0.66635  7  DC A C5    
143 C C6    . DC A 7  ? 4.57318 2.70348 4.99231 0.72992  0.16975  0.72657  7  DC A C6    
144 P P     . DC A 8  ? 4.21335 2.94616 5.65639 0.80088  0.16485  0.85166  8  DC A P     
145 O OP1   . DC A 8  ? 4.25237 2.98656 5.76356 0.83039  0.25212  0.87815  8  DC A OP1   
146 O OP2   . DC A 8  ? 4.15811 2.83488 5.49750 0.77488  0.13556  0.79998  8  DC A OP2   
147 O "O5'" . DC A 8  ? 3.83906 2.76357 5.50245 0.78250  0.07027  0.87047  8  DC A "O5'" 
148 C "C5'" . DC A 8  ? 3.73312 2.76222 5.42626 0.72682  -0.02289 0.81537  8  DC A "C5'" 
149 C "C4'" . DC A 8  ? 3.74794 2.92657 5.49508 0.68797  -0.12462 0.80543  8  DC A "C4'" 
150 O "O4'" . DC A 8  ? 3.90480 2.98737 5.47332 0.69108  -0.13108 0.80878  8  DC A "O4'" 
151 C "C3'" . DC A 8  ? 3.80058 3.09475 5.55436 0.61978  -0.22499 0.73685  8  DC A "C3'" 
152 O "O3'" . DC A 8  ? 3.79761 3.26172 5.78795 0.60527  -0.24963 0.74261  8  DC A "O3'" 
153 C "C2'" . DC A 8  ? 3.81495 3.14158 5.46786 0.58797  -0.30459 0.71885  8  DC A "C2'" 
154 C "C1'" . DC A 8  ? 4.01172 3.14866 5.48341 0.62958  -0.22952 0.74759  8  DC A "C1'" 
155 N N1    . DC A 8  ? 4.05342 3.02868 5.28358 0.61422  -0.20705 0.69839  8  DC A N1    
156 C C2    . DC A 8  ? 4.05922 3.02393 5.12004 0.56280  -0.27816 0.64190  8  DC A C2    
157 O O2    . DC A 8  ? 4.08216 3.16055 5.18107 0.52801  -0.36211 0.62880  8  DC A O2    
158 N N3    . DC A 8  ? 4.05441 2.88694 4.90914 0.55196  -0.25248 0.60095  8  DC A N3    
159 C C4    . DC A 8  ? 4.09073 2.80341 4.90105 0.59085  -0.16293 0.61540  8  DC A C4    
160 N N4    . DC A 8  ? 4.25616 2.85437 4.86156 0.57865  -0.14359 0.57398  8  DC A N4    
161 C C5    . DC A 8  ? 3.98084 2.69141 4.95444 0.64378  -0.08917 0.67272  8  DC A C5    
162 C C6    . DC A 8  ? 3.93131 2.77323 5.10885 0.65274  -0.11328 0.71177  8  DC A C6    
163 P P     . DT A 9  ? 3.63263 3.29079 5.72765 0.53682  -0.36436 0.69453  9  DT A P     
164 O OP1   . DT A 9  ? 3.52243 3.27595 5.65199 0.53271  -0.42313 0.71866  9  DT A OP1   
165 O OP2   . DT A 9  ? 3.67180 3.42787 5.95990 0.52649  -0.34653 0.69089  9  DT A OP2   
166 O "O5'" . DT A 9  ? 3.59612 3.19182 5.50813 0.49202  -0.41017 0.62297  9  DT A "O5'" 
167 C "C5'" . DT A 9  ? 3.55858 3.28809 5.49750 0.42835  -0.51427 0.57103  9  DT A "C5'" 
168 C "C4'" . DT A 9  ? 3.50368 3.29592 5.40528 0.41048  -0.58772 0.57553  9  DT A "C4'" 
169 O "O4'" . DT A 9  ? 3.64928 3.28626 5.37633 0.44680  -0.54167 0.59971  9  DT A "O4'" 
170 C "C3'" . DT A 9  ? 3.46748 3.33462 5.29737 0.34554  -0.69244 0.51237  9  DT A "C3'" 
171 O "O3'" . DT A 9  ? 3.37762 3.42936 5.36059 0.31309  -0.77203 0.51368  9  DT A "O3'" 
172 C "C2'" . DT A 9  ? 3.50900 3.24674 5.10333 0.34620  -0.69980 0.49770  9  DT A "C2'" 
173 C "C1'" . DT A 9  ? 3.60575 3.18356 5.13446 0.40950  -0.59152 0.54703  9  DT A "C1'" 
174 N N1    . DT A 9  ? 3.63891 3.05061 4.99835 0.42493  -0.52608 0.52397  9  DT A N1    
175 C C2    . DT A 9  ? 3.69102 3.02280 4.83635 0.39724  -0.55458 0.47698  9  DT A C2    
176 O O2    . DT A 9  ? 3.85645 3.23833 4.93759 0.35728  -0.63063 0.44872  9  DT A O2    
177 N N3    . DT A 9  ? 3.67425 2.86895 4.68167 0.41775  -0.48968 0.46335  9  DT A N3    
178 C C4    . DT A 9  ? 3.62043 2.74340 4.67823 0.46392  -0.40017 0.49257  9  DT A C4    
179 O O4    . DT A 9  ? 3.58829 2.59324 4.50833 0.48082  -0.34850 0.47803  9  DT A O4    
180 C C5    . DT A 9  ? 3.61689 2.81958 4.90040 0.49062  -0.37141 0.54127  9  DT A C5    
181 C C7    . DT A 9  ? 3.61188 2.74578 4.97132 0.54005  -0.27268 0.57597  9  DT A C7    
182 C C6    . DT A 9  ? 3.65865 3.00259 5.07963 0.46963  -0.43492 0.55424  9  DT A C6    
183 P P     . DG A 10 ? 3.11852 3.33573 5.30786 0.27324  -0.80626 0.49044  10 DG A P     
184 O OP1   . DG A 10 ? 2.81939 3.20211 5.07521 0.22206  -0.91217 0.46662  10 DG A OP1   
185 O OP2   . DG A 10 ? 3.55429 3.78805 5.90816 0.31604  -0.72701 0.54176  10 DG A OP2   
186 O "O5'" . DG A 10 ? 3.00074 3.13888 5.09549 0.25010  -0.79215 0.43599  10 DG A "O5'" 
187 C "C5'" . DG A 10 ? 3.00850 3.21156 5.05835 0.19109  -0.87405 0.37547  10 DG A "C5'" 
188 C "C4'" . DG A 10 ? 2.81838 3.01190 4.72153 0.17247  -0.94334 0.35987  10 DG A "C4'" 
189 O "O4'" . DG A 10 ? 2.97345 3.01197 4.72399 0.21876  -0.88573 0.38925  10 DG A "O4'" 
190 C "C3'" . DG A 10 ? 2.77980 2.97532 4.55619 0.12270  -1.00982 0.29513  10 DG A "C3'" 
191 O "O3'" . DG A 10 ? 2.72058 3.03928 4.52835 0.07930  -1.10399 0.27705  10 DG A "O3'" 
192 C "C2'" . DG A 10 ? 2.87618 2.90566 4.41947 0.14552  -0.97782 0.28745  10 DG A "C2'" 
193 C "C1'" . DG A 10 ? 3.04519 2.97430 4.59412 0.20678  -0.88842 0.34704  10 DG A "C1'" 
194 N N9    . DG A 10 ? 3.02536 2.82129 4.51726 0.24822  -0.79437 0.35791  10 DG A N9    
195 C C8    . DG A 10 ? 3.00703 2.78221 4.62667 0.28844  -0.71358 0.39648  10 DG A C8    
196 N N7    . DG A 10 ? 3.02004 2.65512 4.53325 0.32372  -0.63689 0.39978  10 DG A N7    
197 C C5    . DG A 10 ? 3.10642 2.67359 4.41030 0.30423  -0.67105 0.35990  10 DG A C5    
198 C C6    . DG A 10 ? 3.19126 2.62090 4.30624 0.32356  -0.62497 0.34248  10 DG A C6    
199 O O6    . DG A 10 ? 3.33604 2.66245 4.42172 0.36654  -0.53987 0.36126  10 DG A O6    
200 N N1    . DG A 10 ? 3.20933 2.62886 4.15142 0.28745  -0.68744 0.29852  10 DG A N1    
201 C C2    . DG A 10 ? 3.18261 2.70263 4.13237 0.24000  -0.78026 0.27492  10 DG A C2    
202 N N2    . DG A 10 ? 3.29423 2.78714 4.06324 0.20849  -0.82741 0.23151  10 DG A N2    
203 N N3    . DG A 10 ? 3.00335 2.64628 4.12418 0.22409  -0.82356 0.29200  10 DG A N3    
204 C C4    . DG A 10 ? 3.03691 2.70064 4.32815 0.25718  -0.76657 0.33386  10 DG A C4    
205 P P     . DT A 11 ? 2.63036 3.04702 4.43753 0.01224  -1.18227 0.21234  11 DT A P     
206 O OP1   . DT A 11 ? 2.60852 3.14628 4.51551 -0.01568 -1.16527 0.21305  11 DT A OP1   
207 O OP2   . DT A 11 ? 2.52333 2.88194 4.29964 0.01020  -1.15009 0.18210  11 DT A OP2   
208 O "O5'" . DT A 11 ? 2.83695 3.18812 4.39974 -0.01156 -1.20914 0.17695  11 DT A "O5'" 
209 C "C5'" . DT A 11 ? 2.70967 3.05324 4.11030 -0.05646 -1.19913 0.11447  11 DT A "C5'" 
210 C "C4'" . DT A 11 ? 2.60238 2.84861 3.89612 -0.04425 -1.21015 0.09516  11 DT A "C4'" 
211 O "O4'" . DT A 11 ? 2.63975 2.80363 3.99513 0.01306  -1.17715 0.14097  11 DT A "O4'" 
212 C "C3'" . DT A 11 ? 2.37016 2.63090 3.64195 -0.06677 -1.18783 0.05377  11 DT A "C3'" 
213 O "O3'" . DT A 11 ? 2.35561 2.56422 3.40828 -0.08300 -1.17815 0.01198  11 DT A "O3'" 
214 C "C2'" . DT A 11 ? 2.57449 2.80017 3.99194 -0.02353 -1.18788 0.08336  11 DT A "C2'" 
215 C "C1'" . DT A 11 ? 2.84035 2.94225 4.13812 0.02210  -1.13654 0.11800  11 DT A "C1'" 
216 N N1    . DT A 11 ? 3.06143 3.04341 4.36527 0.08374  -1.02379 0.15887  11 DT A N1    
217 C C2    . DT A 11 ? 3.05980 2.90643 4.17938 0.11317  -0.97508 0.15267  11 DT A C2    
218 O O2    . DT A 11 ? 3.30267 3.12342 4.25842 0.09300  -1.01452 0.11679  11 DT A O2    
219 N N3    . DT A 11 ? 3.08698 2.83441 4.22222 0.16649  -0.87749 0.18958  11 DT A N3    
220 C C4    . DT A 11 ? 3.09279 2.85896 4.40597 0.19355  -0.82203 0.23174  11 DT A C4    
221 O O4    . DT A 11 ? 3.14635 2.81337 4.45680 0.24235  -0.73261 0.26332  11 DT A O4    
222 C C5    . DT A 11 ? 3.06471 2.98067 4.56783 0.15950  -0.87617 0.23508  11 DT A C5    
223 C C7    . DT A 11 ? 3.07257 3.03492 4.78222 0.18186  -0.82319 0.27767  11 DT A C7    
224 C C6    . DT A 11 ? 3.02934 3.04580 4.51797 0.10646  -0.97404 0.19825  11 DT A C6    
225 P P     . DC A 12 ? 2.75379 2.87814 3.72138 -0.06083 -1.19049 -0.00363 12 DC A P     
226 O OP1   . DC A 12 ? 2.73374 2.89866 3.78751 -0.06817 -1.17348 -0.01917 12 DC A OP1   
227 O OP2   . DC A 12 ? 3.26829 3.29734 4.21968 -0.01446 -1.19804 0.03049  12 DC A OP2   
228 O "O5'" . DC A 12 ? 3.03289 3.12917 3.76636 -0.08138 -1.16469 -0.04237 12 DC A "O5'" 
229 C "C5'" . DC A 12 ? 2.74761 2.83527 3.38883 -0.08294 -1.14320 -0.07220 12 DC A "C5'" 
230 C "C4'" . DC A 12 ? 2.87625 2.88435 3.51831 -0.04193 -1.17940 -0.06561 12 DC A "C4'" 
231 O "O4'" . DC A 12 ? 2.99383 2.95458 3.75920 -0.00235 -1.16945 -0.02044 12 DC A "O4'" 
232 C "C3'" . DC A 12 ? 2.83532 2.86395 3.52503 -0.03489 -1.17129 -0.08054 12 DC A "C3'" 
233 O "O3'" . DC A 12 ? 2.83764 2.83373 3.34795 -0.02657 -1.15572 -0.10701 12 DC A "O3'" 
234 C "C2'" . DC A 12 ? 3.05262 3.02708 3.87101 0.01246  -1.12536 -0.04252 12 DC A "C2'" 
235 C "C1'" . DC A 12 ? 3.08011 2.97871 3.85689 0.03946  -1.09103 -0.00790 12 DC A "C1'" 
236 N N1    . DC A 12 ? 3.11903 2.99156 4.05862 0.07366  -1.01725 0.04028  12 DC A N1    
237 C C2    . DC A 12 ? 3.26115 3.01829 4.16207 0.13087  -0.91987 0.06935  12 DC A C2    
238 O O2    . DC A 12 ? 3.32397 3.00399 4.05415 0.15329  -0.89684 0.05628  12 DC A O2    
239 N N3    . DC A 12 ? 3.29002 3.02808 4.34200 0.16033  -0.85305 0.11152  12 DC A N3    
240 C C4    . DC A 12 ? 3.23211 3.06977 4.46743 0.13430  -0.88178 0.12402  12 DC A C4    
241 N N4    . DC A 12 ? 3.26365 3.08811 4.64455 0.16387  -0.81410 0.16503  12 DC A N4    
242 C C5    . DC A 12 ? 3.09072 3.05173 4.36756 0.07669  -0.98154 0.09452  12 DC A C5    
243 C C6    . DC A 12 ? 3.02229 2.99182 4.14810 0.04851  -1.04530 0.05348  12 DC A C6    
244 P P     . DT A 13 ? 3.04643 2.94204 3.39990 0.01275  -1.17650 -0.10479 13 DT A P     
245 O OP1   . DT A 13 ? 3.07171 2.94383 3.34702 -0.00640 -1.17787 -0.10140 13 DT A OP1   
246 O OP2   . DT A 13 ? 3.00124 2.89689 3.20594 0.02005  -1.15291 -0.13195 13 DT A OP2   
247 O "O5'" . DT A 13 ? 3.30733 3.11065 3.73599 0.07248  -1.06835 -0.05820 13 DT A "O5'" 
248 C "C5'" . DT A 13 ? 3.37015 3.06656 3.66326 0.12393  -0.99549 -0.04522 13 DT A "C5'" 
249 C "C4'" . DT A 13 ? 3.38141 3.06368 3.70198 0.15966  -0.94261 -0.04111 13 DT A "C4'" 
250 O "O4'" . DT A 13 ? 3.57533 3.22434 4.06120 0.18676  -0.87286 -0.00290 13 DT A "O4'" 
251 C "C3'" . DT A 13 ? 3.17302 2.95495 3.53720 0.12420  -1.00246 -0.07466 13 DT A "C3'" 
252 O "O3'" . DT A 13 ? 3.28924 3.05420 3.52283 0.15318  -0.98431 -0.08974 13 DT A "O3'" 
253 C "C2'" . DT A 13 ? 3.36815 3.18053 3.94709 0.11887  -0.97371 -0.05668 13 DT A "C2'" 
254 C "C1'" . DT A 13 ? 3.44782 3.15703 4.05912 0.17378  -0.87509 -0.01233 13 DT A "C1'" 
255 N N1    . DT A 13 ? 3.23711 2.96920 4.04766 0.16528  -0.85142 0.01345  13 DT A N1    
256 C C2    . DT A 13 ? 3.27215 2.92184 4.14068 0.21382  -0.75644 0.05126  13 DT A C2    
257 O O2    . DT A 13 ? 3.31545 2.87046 4.07046 0.26404  -0.69268 0.06370  13 DT A O2    
258 N N3    . DT A 13 ? 3.23962 2.92646 4.30349 0.20233  -0.73761 0.07423  13 DT A N3    
259 C C4    . DT A 13 ? 3.18813 2.99098 4.38836 0.14817  -0.80658 0.06294  13 DT A C4    
260 O O4    . DT A 13 ? 3.16422 3.00611 4.53894 0.14190  -0.78416 0.08564  13 DT A O4    
261 C C5    . DT A 13 ? 3.12817 3.00918 4.25142 0.09964  -0.90684 0.02275  13 DT A C5    
262 C C7    . DT A 13 ? 2.97956 2.98997 4.23285 0.04009  -0.98851 0.00757  13 DT A C7    
263 C C6    . DT A 13 ? 3.14930 2.98905 4.08392 0.11004  -0.92342 -0.00003 13 DT A C6    
264 P P     . DG A 14 ? 3.32738 3.06042 3.32952 0.16701  -0.99724 -0.10722 14 DG A P     
265 O OP1   . DG A 14 ? 3.24883 3.01470 3.19040 0.11715  -1.06999 -0.12926 14 DG A OP1   
266 O OP2   . DG A 14 ? 3.34325 3.10773 3.25485 0.18592  -1.00082 -0.12623 14 DG A OP2   
267 O "O5'" . DG A 14 ? 3.56016 3.17113 3.51774 0.22700  -0.89891 -0.06885 14 DG A "O5'" 
268 C "C5'" . DG A 14 ? 3.72038 3.28001 3.49804 0.26768  -0.86273 -0.07130 14 DG A "C5'" 
269 C "C4'" . DG A 14 ? 3.75715 3.22022 3.55555 0.33728  -0.75518 -0.03153 14 DG A "C4'" 
270 O "O4'" . DG A 14 ? 3.65429 3.10271 3.65832 0.34219  -0.71439 -0.00273 14 DG A "O4'" 
271 C "C3'" . DG A 14 ? 3.57758 3.04289 3.29604 0.38330  -0.72220 -0.03307 14 DG A "C3'" 
272 O "O3'" . DG A 14 ? 3.65794 3.02297 3.30752 0.44581  -0.63298 -0.00268 14 DG A "O3'" 
273 C "C2'" . DG A 14 ? 3.58720 3.08607 3.48444 0.37859  -0.71095 -0.02574 14 DG A "C2'" 
274 C "C1'" . DG A 14 ? 3.54813 3.00062 3.60716 0.37241  -0.67301 0.00351  14 DG A "C1'" 
275 N N9    . DG A 14 ? 3.50695 3.02923 3.75274 0.32805  -0.70640 -0.00343 14 DG A N9    
276 C C8    . DG A 14 ? 3.52669 3.15404 3.79909 0.27073  -0.79658 -0.03916 14 DG A C8    
277 N N7    . DG A 14 ? 3.49719 3.17487 3.94986 0.23557  -0.81038 -0.03971 14 DG A N7    
278 C C5    . DG A 14 ? 3.42242 3.02752 3.97918 0.27095  -0.72410 -0.00180 14 DG A C5    
279 C C6    . DG A 14 ? 3.36659 2.99351 4.12892 0.25299  -0.69767 0.01247  14 DG A C6    
280 O O6    . DG A 14 ? 3.34666 3.06520 4.23996 0.19979  -0.74797 -0.00724 14 DG A O6    
281 N N1    . DG A 14 ? 3.37034 2.90482 4.18216 0.30217  -0.60205 0.05265  14 DG A N1    
282 C C2    . DG A 14 ? 3.45680 2.88500 4.13022 0.36234  -0.53951 0.07624  14 DG A C2    
283 N N2    . DG A 14 ? 3.58740 2.93360 4.33722 0.40411  -0.44792 0.11497  14 DG A N2    
284 N N3    . DG A 14 ? 3.54647 2.95574 4.02161 0.37813  -0.56492 0.06143  14 DG A N3    
285 C C4    . DG A 14 ? 3.47066 2.97490 3.90135 0.32949  -0.65845 0.02210  14 DG A C4    
286 P P     . DG A 15 ? 3.82253 3.16824 3.35976 0.51183  -0.57894 0.00593  15 DG A P     
287 O OP1   . DG A 15 ? 3.97495 3.26298 3.33209 0.54363  -0.54760 0.00965  15 DG A OP1   
288 O OP2   . DG A 15 ? 3.77109 3.21861 3.29603 0.49077  -0.64098 -0.02281 15 DG A OP2   
289 O "O5'" . DG A 15 ? 3.70775 2.97483 3.39135 0.56062  -0.48066 0.04780  15 DG A "O5'" 
290 C "C5'" . DG A 15 ? 3.87979 3.04587 3.61446 0.58664  -0.40870 0.08224  15 DG A "C5'" 
291 C "C4'" . DG A 15 ? 3.88136 2.99575 3.77653 0.62072  -0.32657 0.11474  15 DG A "C4'" 
292 O "O4'" . DG A 15 ? 3.72447 2.90698 3.80679 0.56261  -0.37215 0.10343  15 DG A "O4'" 
293 C "C3'" . DG A 15 ? 3.89547 2.99916 3.74499 0.67412  -0.27637 0.12172  15 DG A "C3'" 
294 O "O3'" . DG A 15 ? 3.87162 2.86078 3.65803 0.75438  -0.16686 0.16056  15 DG A "O3'" 
295 C "C2'" . DG A 15 ? 3.94134 3.08820 3.97469 0.64423  -0.27926 0.11594  15 DG A "C2'" 
296 C "C1'" . DG A 15 ? 3.73013 2.93153 3.90376 0.57148  -0.34438 0.10280  15 DG A "C1'" 
297 N N9    . DG A 15 ? 3.66733 2.98289 3.89141 0.50629  -0.43880 0.06495  15 DG A N9    
298 C C8    . DG A 15 ? 3.69410 3.08571 3.79172 0.48165  -0.52060 0.03112  15 DG A C8    
299 N N7    . DG A 15 ? 3.63783 3.12152 3.82448 0.42159  -0.59307 0.00233  15 DG A N7    
300 C C5    . DG A 15 ? 3.51023 2.98326 3.89403 0.40375  -0.55783 0.01687  15 DG A C5    
301 C C6    . DG A 15 ? 3.47250 3.02537 4.02236 0.34197  -0.60324 -0.00277 15 DG A C6    
302 O O6    . DG A 15 ? 3.72561 3.37064 4.28027 0.29012  -0.68622 -0.03707 15 DG A O6    
303 N N1    . DG A 15 ? 3.49677 3.01778 4.22179 0.34222  -0.54131 0.02055  15 DG A N1    
304 C C2    . DG A 15 ? 3.53592 2.95498 4.27363 0.39725  -0.44640 0.05953  15 DG A C2    
305 N N2    . DG A 15 ? 3.58777 2.99690 4.50946 0.38729  -0.39663 0.07701  15 DG A N2    
306 N N3    . DG A 15 ? 3.58953 2.92633 4.17027 0.45665  -0.40295 0.07911  15 DG A N3    
307 C C4    . DG A 15 ? 3.60627 2.97799 4.01608 0.45543  -0.46317 0.05544  15 DG A C4    
308 P P     . DA A 16 ? 3.60500 2.48450 3.51361 0.78224  -0.07323 0.20164  16 DA A P     
309 O OP1   . DA A 16 ? 3.61505 2.48058 3.53818 0.74740  -0.10210 0.20263  16 DA A OP1   
310 O OP2   . DA A 16 ? 3.65675 2.44009 3.47057 0.86664  0.02732  0.23342  16 DA A OP2   
311 O "O5'" . DA A 16 ? 3.69279 2.59839 3.82383 0.75382  -0.05782 0.20376  16 DA A "O5'" 
312 C "C5'" . DA A 16 ? 3.63018 2.51275 3.93678 0.73030  -0.03252 0.22167  16 DA A "C5'" 
313 C "C4'" . DA A 16 ? 3.65607 2.56372 4.14871 0.71066  -0.00418 0.22036  16 DA A "C4'" 
314 O "O4'" . DA A 16 ? 3.57567 2.60039 4.10765 0.64655  -0.09874 0.18033  16 DA A "O4'" 
315 C "C3'" . DA A 16 ? 3.60282 2.43749 4.07041 0.77276  0.09175  0.23785  16 DA A "C3'" 
316 O "O3'" . DA A 16 ? 3.58996 2.35094 4.20461 0.79178  0.18479  0.26817  16 DA A "O3'" 
317 C "C2'" . DA A 16 ? 3.47139 2.38955 3.97447 0.73599  0.04575  0.20457  16 DA A "C2'" 
318 C "C1'" . DA A 16 ? 3.52705 2.55567 4.14000 0.64918  -0.05835 0.17452  16 DA A "C1'" 
319 N N9    . DA A 16 ? 3.58065 2.71299 4.16547 0.60087  -0.14896 0.13410  16 DA A N9    
320 C C8    . DA A 16 ? 3.61762 2.79313 4.02927 0.60525  -0.21336 0.11409  16 DA A C8    
321 N N7    . DA A 16 ? 3.38559 2.65589 3.82043 0.55341  -0.28922 0.07899  16 DA A N7    
322 C C5    . DA A 16 ? 3.40232 2.69417 4.03772 0.50929  -0.27504 0.07398  16 DA A C5    
323 C C6    . DA A 16 ? 3.45391 2.83420 4.20610 0.44231  -0.32875 0.04082  16 DA A C6    
324 N N6    . DA A 16 ? 3.69688 3.15641 4.37622 0.41060  -0.40976 0.00781  16 DA A N6    
325 N N1    . DA A 16 ? 3.31151 2.69875 4.25915 0.40746  -0.29469 0.04176  16 DA A N1    
326 C C2    . DA A 16 ? 3.39838 2.70924 4.42039 0.44020  -0.21215 0.07547  16 DA A C2    
327 N N3    . DA A 16 ? 3.41833 2.63650 4.34578 0.50537  -0.15439 0.11051  16 DA A N3    
328 C C4    . DA A 16 ? 3.42147 2.63427 4.15287 0.53668  -0.19037 0.10700  16 DA A C4    
329 P P     . DC A 17 ? 3.48793 2.14409 4.11217 0.85959  0.31144  0.29556  17 DC A P     
330 O OP1   . DC A 17 ? 3.55726 2.13111 4.26682 0.88328  0.38631  0.33112  17 DC A OP1   
331 O OP2   . DC A 17 ? 3.46333 2.07730 3.88596 0.92670  0.33776  0.30234  17 DC A OP2   
332 O "O5'" . DC A 17 ? 3.43273 2.14836 4.22410 0.80724  0.30841  0.27016  17 DC A "O5'" 
333 C "C5'" . DC A 17 ? 3.49557 2.31716 4.45236 0.72086  0.23153  0.24395  17 DC A "C5'" 
334 C "C4'" . DC A 17 ? 3.53369 2.41455 4.60645 0.67125  0.22343  0.21285  17 DC A "C4'" 
335 O "O4'" . DC A 17 ? 3.57858 2.56007 4.57814 0.62804  0.11530  0.17529  17 DC A "O4'" 
336 C "C3'" . DC A 17 ? 3.42159 2.21462 4.47457 0.72052  0.32904  0.22268  17 DC A "C3'" 
337 O "O3'" . DC A 17 ? 3.49688 2.32158 4.73593 0.66439  0.35348  0.20223  17 DC A "O3'" 
338 C "C2'" . DC A 17 ? 3.39480 2.22426 4.28133 0.73370  0.27462  0.20277  17 DC A "C2'" 
339 C "C1'" . DC A 17 ? 3.40612 2.37022 4.36965 0.64338  0.15162  0.16281  17 DC A "C1'" 
340 N N1    . DC A 17 ? 3.55904 2.59582 4.38214 0.63152  0.06011  0.13644  17 DC A N1    
341 C C2    . DC A 17 ? 3.64988 2.77951 4.54230 0.56379  -0.00563 0.09697  17 DC A C2    
342 O O2    . DC A 17 ? 3.57467 2.72388 4.64095 0.51440  0.01591  0.08352  17 DC A O2    
343 N N3    . DC A 17 ? 3.57491 2.77280 4.34188 0.55256  -0.08935 0.07351  17 DC A N3    
344 C C4    . DC A 17 ? 3.48264 2.66568 4.06487 0.60331  -0.10904 0.08634  17 DC A C4    
345 N N4    . DC A 17 ? 3.65798 2.91763 4.12447 0.58801  -0.19227 0.06100  17 DC A N4    
346 C C5    . DC A 17 ? 3.47482 2.56686 3.98151 0.66960  -0.04378 0.12413  17 DC A C5    
347 C C6    . DC A 17 ? 3.47841 2.49663 4.10915 0.68252  0.03948  0.14894  17 DC A C6    
348 P P     . DA A 18 ? 3.47936 2.19877 4.83192 0.69305  0.49449  0.22336  18 DA A P     
349 O OP1   . DA A 18 ? 3.22019 1.89899 4.63389 0.71374  0.52988  0.25701  18 DA A OP1   
350 O OP2   . DA A 18 ? 3.37337 1.99814 4.59976 0.75961  0.57591  0.23394  18 DA A OP2   
351 O "O5'" . DA A 18 ? 3.33466 2.14132 4.88578 0.59981  0.47491  0.18220  18 DA A "O5'" 
352 C "C5'" . DA A 18 ? 3.26976 2.22092 4.88717 0.51747  0.34812  0.14708  18 DA A "C5'" 
353 C "C4'" . DA A 18 ? 3.37503 2.39009 5.05884 0.45230  0.32385  0.10167  18 DA A "C4'" 
354 O "O4'" . DA A 18 ? 3.37835 2.43205 4.90417 0.45694  0.24510  0.08326  18 DA A "O4'" 
355 C "C3'" . DA A 18 ? 3.55105 2.47234 5.27436 0.46869  0.44550  0.09904  18 DA A "C3'" 
356 O "O3'" . DA A 18 ? 3.64650 2.65153 5.49424 0.38188  0.41344  0.05277  18 DA A "O3'" 
357 C "C2'" . DA A 18 ? 3.55047 2.40011 5.05978 0.54274  0.46313  0.11202  18 DA A "C2'" 
358 C "C1'" . DA A 18 ? 3.47824 2.45106 4.92036 0.49823  0.32073  0.08309  18 DA A "C1'" 
359 N N9    . DA A 18 ? 3.41378 2.36472 4.64136 0.56343  0.28973  0.09896  18 DA A N9    
360 C C8    . DA A 18 ? 3.36823 2.23041 4.45842 0.65191  0.34087  0.14024  18 DA A C8    
361 N N7    . DA A 18 ? 3.35606 2.23741 4.26299 0.68986  0.28963  0.14199  18 DA A N7    
362 C C5    . DA A 18 ? 3.42426 2.41007 4.35333 0.62234  0.19900  0.10031  18 DA A C5    
363 C C6    . DA A 18 ? 3.52071 2.57864 4.31441 0.61850  0.11192  0.08058  18 DA A C6    
364 N N6    . DA A 18 ? 3.63079 2.67363 4.23274 0.68526  0.10057  0.09994  18 DA A N6    
365 N N1    . DA A 18 ? 3.47908 2.63122 4.34305 0.54122  0.03667  0.03885  18 DA A N1    
366 C C2    . DA A 18 ? 3.49606 2.67271 4.55078 0.47156  0.04741  0.01722  18 DA A C2    
367 N N3    . DA A 18 ? 3.41338 2.53802 4.61006 0.46540  0.12400  0.03084  18 DA A N3    
368 C C4    . DA A 18 ? 3.39158 2.41865 4.51563 0.54449  0.19797  0.07373  18 DA A C4    
369 P P     . DT A 19 ? 3.64401 2.58737 5.60721 0.35515  0.52808  0.03332  19 DT A P     
370 O OP1   . DT A 19 ? 3.39759 2.38063 5.56817 0.30441  0.55710  0.03056  19 DT A OP1   
371 O OP2   . DT A 19 ? 3.39562 2.18742 5.22444 0.44207  0.64263  0.05976  19 DT A OP2   
372 O "O5'" . DT A 19 ? 3.69335 2.73690 5.67663 0.27495  0.44791  -0.02033 19 DT A "O5'" 
373 C "C5'" . DT A 19 ? 3.56537 2.69825 5.43847 0.26590  0.31903  -0.03114 19 DT A "C5'" 
374 C "C4'" . DT A 19 ? 3.73241 2.82173 5.44794 0.29822  0.32576  -0.04029 19 DT A "C4'" 
375 O "O4'" . DT A 19 ? 3.43827 2.49387 4.95695 0.38126  0.29738  -0.00646 19 DT A "O4'" 
376 C "C3'" . DT A 19 ? 3.83600 2.79172 5.53877 0.33686  0.46890  -0.03358 19 DT A "C3'" 
377 O "O3'" . DT A 19 ? 3.88522 2.87059 5.70459 0.25341  0.48705  -0.08203 19 DT A "O3'" 
378 C "C2'" . DT A 19 ? 3.58351 2.47450 5.06389 0.42674  0.47840  -0.00775 19 DT A "C2'" 
379 C "C1'" . DT A 19 ? 3.44170 2.43523 4.82896 0.42669  0.34115  -0.00555 19 DT A "C1'" 
380 N N1    . DT A 19 ? 3.39709 2.32607 4.58844 0.52930  0.35865  0.03687  19 DT A N1    
381 C C2    . DT A 19 ? 3.49261 2.46721 4.52557 0.55158  0.28834  0.03150  19 DT A C2    
382 O O2    . DT A 19 ? 3.52830 2.59204 4.57545 0.49030  0.20748  -0.00587 19 DT A O2    
383 N N3    . DT A 19 ? 3.45611 2.37549 4.31269 0.64667  0.31310  0.07060  19 DT A N3    
384 C C4    . DT A 19 ? 3.39293 2.20960 4.21356 0.72181  0.40320  0.11418  19 DT A C4    
385 O O4    . DT A 19 ? 3.39571 2.17553 4.04955 0.80376  0.41799  0.14584  19 DT A O4    
386 C C5    . DT A 19 ? 3.42801 2.18994 4.42094 0.69577  0.47845  0.11889  19 DT A C5    
387 C C7    . DT A 19 ? 3.55112 2.19745 4.52302 0.77183  0.58129  0.16517  19 DT A C7    
388 C C6    . DT A 19 ? 3.32501 2.14746 4.49462 0.60168  0.45386  0.08025  19 DT A C6    
389 P P     . DC A 20 ? 3.69823 2.74620 5.44860 0.21078  0.41457  -0.12192 20 DC A P     
390 O OP1   . DC A 20 ? 3.59053 2.75263 5.25817 0.20350  0.26809  -0.12422 20 DC A OP1   
391 O OP2   . DC A 20 ? 3.67416 2.75162 5.59385 0.11352  0.44653  -0.17059 20 DC A OP2   
392 O "O5'" . DC A 20 ? 3.57318 2.48703 5.14841 0.30323  0.51042  -0.09602 20 DC A "O5'" 
393 C "C5'" . DC A 20 ? 3.85191 2.77282 5.35840 0.28444  0.49811  -0.12375 20 DC A "C5'" 
394 C "C4'" . DC A 20 ? 3.66934 2.71892 5.09317 0.26013  0.34578  -0.14053 20 DC A "C4'" 
395 O "O4'" . DC A 20 ? 3.52591 2.58949 4.82893 0.33052  0.29344  -0.10120 20 DC A "O4'" 
396 C "C3'" . DC A 20 ? 3.73524 2.77375 5.02954 0.27891  0.33968  -0.15125 20 DC A "C3'" 
397 O "O3'" . DC A 20 ? 3.65340 2.82858 4.94894 0.20947  0.20010  -0.18837 20 DC A "O3'" 
398 C "C2'" . DC A 20 ? 3.56393 2.53466 4.66353 0.40181  0.37093  -0.09724 20 DC A "C2'" 
399 C "C1'" . DC A 20 ? 3.56169 2.58544 4.66830 0.41269  0.30221  -0.07713 20 DC A "C1'" 
400 N N1    . DC A 20 ? 3.54968 2.46787 4.55988 0.51912  0.38864  -0.02224 20 DC A N1    
401 C C2    . DC A 20 ? 3.48590 2.39045 4.29578 0.61072  0.37645  0.01156  20 DC A C2    
402 O O2    . DC A 20 ? 3.55022 2.53081 4.26360 0.60417  0.29451  -0.00347 20 DC A O2    
403 N N3    . DC A 20 ? 3.44268 2.25359 4.16966 0.70487  0.45726  0.06023  20 DC A N3    
404 C C4    . DC A 20 ? 3.48170 2.20970 4.31643 0.71044  0.54675  0.07602  20 DC A C4    
405 N N4    . DC A 20 ? 3.55004 2.18430 4.29529 0.80498  0.62552  0.12447  20 DC A N4    
406 C C5    . DC A 20 ? 3.49971 2.24162 4.53920 0.61859  0.56095  0.04251  20 DC A C5    
407 C C6    . DC A 20 ? 3.51969 2.36025 4.63909 0.52554  0.47998  -0.00611 20 DC A C6    
408 P P     . DA A 21 ? 3.67494 2.86839 4.92804 0.17191  0.18456  -0.22429 21 DA A P     
409 O OP1   . DA A 21 ? 3.60030 2.94234 4.90612 0.08102  0.04073  -0.26728 21 DA A OP1   
410 O OP2   . DA A 21 ? 3.77759 2.86537 5.11279 0.15267  0.31759  -0.23835 21 DA A OP2   
411 O "O5'" . DA A 21 ? 3.45210 2.60260 4.48367 0.28036  0.19315  -0.18464 21 DA A "O5'" 
412 C "C5'" . DA A 21 ? 3.48002 2.49254 4.42900 0.36422  0.33066  -0.15207 21 DA A "C5'" 
413 C "C4'" . DA A 21 ? 3.49006 2.49474 4.23006 0.46715  0.31952  -0.11260 21 DA A "C4'" 
414 O "O4'" . DA A 21 ? 3.47218 2.42734 4.14014 0.55575  0.35764  -0.06277 21 DA A "O4'" 
415 C "C3'" . DA A 21 ? 3.66333 2.56160 4.31063 0.53010  0.43345  -0.09487 21 DA A "C3'" 
416 O "O3'" . DA A 21 ? 3.65977 2.60170 4.12759 0.60031  0.38583  -0.07135 21 DA A "O3'" 
417 C "C2'" . DA A 21 ? 3.60351 2.36605 4.24680 0.60925  0.57031  -0.05034 21 DA A "C2'" 
418 C "C1'" . DA A 21 ? 3.57302 2.39650 4.14574 0.65478  0.49458  -0.02131 21 DA A "C1'" 
419 N N9    . DA A 21 ? 3.51016 2.24555 4.11935 0.70044  0.57907  0.01180  21 DA A N9    
420 C C8    . DA A 21 ? 3.50269 2.18701 4.27976 0.64769  0.63938  -0.00231 21 DA A C8    
421 N N7    . DA A 21 ? 3.50892 2.11568 4.27655 0.71130  0.71017  0.03732  21 DA A N7    
422 C C5    . DA A 21 ? 3.54199 2.15116 4.11950 0.81080  0.69312  0.07872  21 DA A C5    
423 C C6    . DA A 21 ? 3.56733 2.11656 4.03736 0.91151  0.74214  0.13064  21 DA A C6    
424 N N6    . DA A 21 ? 3.58932 2.05153 4.13261 0.93160  0.82421  0.15241  21 DA A N6    
425 N N1    . DA A 21 ? 3.56125 2.14765 3.84416 0.99038  0.70396  0.15859  21 DA A N1    
426 C C2    . DA A 21 ? 3.55100 2.22719 3.76377 0.97042  0.62356  0.13728  21 DA A C2    
427 N N3    . DA A 21 ? 3.55357 2.28488 3.85361 0.88110  0.57335  0.09062  21 DA A N3    
428 C C4    . DA A 21 ? 3.58540 2.27862 4.06704 0.80367  0.61174  0.06277  21 DA A C4    
429 P P     . DC B 1  ? 2.91839 1.34830 3.70027 0.34484  0.51392  0.28646  1  DC B P     
430 O OP1   . DC B 1  ? 2.72752 1.20623 3.54930 0.18316  0.39791  0.12604  1  DC B OP1   
431 O OP2   . DC B 1  ? 2.97576 1.37114 3.64076 0.37263  0.52817  0.29775  1  DC B OP2   
432 O "O5'" . DC B 1  ? 3.09549 1.57255 4.01472 0.39605  0.65077  0.39113  1  DC B "O5'" 
433 C "C5'" . DC B 1  ? 3.31533 1.78624 4.25459 0.43530  0.75246  0.45993  1  DC B "C5'" 
434 C "C4'" . DC B 1  ? 3.59603 2.07541 4.44933 0.61153  0.84459  0.63915  1  DC B "C4'" 
435 O "O4'" . DC B 1  ? 3.39328 1.92159 4.21669 0.69884  0.82476  0.71331  1  DC B "O4'" 
436 C "C3'" . DC B 1  ? 3.60937 2.04766 4.26283 0.69262  0.82505  0.67555  1  DC B "C3'" 
437 O "O3'" . DC B 1  ? 3.85202 2.30368 4.50596 0.76355  0.94278  0.77895  1  DC B "O3'" 
438 C "C2'" . DC B 1  ? 3.52725 2.13072 3.97860 0.77605  0.73122  0.72069  1  DC B "C2'" 
439 C "C1'" . DC B 1  ? 3.45353 2.07173 4.06040 0.82746  0.80191  0.81247  1  DC B "C1'" 
440 N N1    . DC B 1  ? 3.51796 2.28966 4.02084 0.83285  0.68027  0.79040  1  DC B N1    
441 C C2    . DC B 1  ? 3.75379 2.68238 4.05808 0.95183  0.64368  0.88982  1  DC B C2    
442 O O2    . DC B 1  ? 3.92331 2.86356 4.12789 1.05246  0.71272  0.99283  1  DC B O2    
443 N N3    . DC B 1  ? 3.94009 3.00858 4.16540 0.95316  0.53131  0.87070  1  DC B N3    
444 C C4    . DC B 1  ? 4.02403 3.08217 4.35926 0.84346  0.46185  0.75997  1  DC B C4    
445 N N4    . DC B 1  ? 4.26266 3.46824 4.52167 0.85035  0.35386  0.75020  1  DC B N4    
446 C C5    . DC B 1  ? 3.79788 2.69832 4.32836 0.72385  0.50135  0.65786  1  DC B C5    
447 C C6    . DC B 1  ? 3.49742 2.25805 4.10559 0.72218  0.60736  0.67599  1  DC B C6    
448 P P     . DC B 2  ? 3.46214 1.86518 4.16675 0.66954  0.96503  0.69822  2  DC B P     
449 O OP1   . DC B 2  ? 3.52162 1.95988 4.29545 0.74191  1.11119  0.82347  2  DC B OP1   
450 O OP2   . DC B 2  ? 3.34273 1.74872 4.17440 0.49885  0.88006  0.53637  2  DC B OP2   
451 O "O5'" . DC B 2  ? 3.53796 1.87259 4.02501 0.69887  0.88115  0.65062  2  DC B "O5'" 
452 C "C5'" . DC B 2  ? 3.79275 2.10192 4.17370 0.77232  0.94366  0.70732  2  DC B "C5'" 
453 C "C4'" . DC B 2  ? 3.92127 2.38493 4.01286 0.88192  0.87474  0.75528  2  DC B "C4'" 
454 O "O4'" . DC B 2  ? 3.78225 2.36589 3.80771 0.89071  0.77682  0.75014  2  DC B "O4'" 
455 C "C3'" . DC B 2  ? 3.94136 2.44161 3.83668 0.82379  0.74009  0.61954  2  DC B "C3'" 
456 O "O3'" . DC B 2  ? 4.04064 2.67636 3.67656 0.94680  0.71372  0.68758  2  DC B "O3'" 
457 C "C2'" . DC B 2  ? 4.00656 2.55340 3.89710 0.71293  0.58126  0.48855  2  DC B "C2'" 
458 C "C1'" . DC B 2  ? 3.95393 2.62087 3.79386 0.82190  0.59805  0.61135  2  DC B "C1'" 
459 N N1    . DC B 2  ? 3.86179 2.58051 3.74756 0.74922  0.49378  0.54223  2  DC B N1    
460 C C2    . DC B 2  ? 3.97424 2.85770 3.70062 0.81736  0.40662  0.58295  2  DC B C2    
461 O O2    . DC B 2  ? 4.17356 3.15401 3.71699 0.94094  0.41977  0.67853  2  DC B O2    
462 N N3    . DC B 2  ? 3.85763 2.79372 3.63550 0.74712  0.31049  0.51833  2  DC B N3    
463 C C4    . DC B 2  ? 3.66772 2.50082 3.63322 0.61763  0.30105  0.41636  2  DC B C4    
464 N N4    . DC B 2  ? 3.59705 2.49328 3.60373 0.55458  0.20927  0.35722  2  DC B N4    
465 C C5    . DC B 2  ? 3.41002 2.07422 3.53042 0.54661  0.38434  0.37065  2  DC B C5    
466 C C6    . DC B 2  ? 3.52265 2.13528 3.60193 0.61529  0.47807  0.43721  2  DC B C6    
467 P P     . DA B 3  ? 4.01435 2.63308 3.55847 1.05206  0.82998  0.77882  3  DA B P     
468 O OP1   . DA B 3  ? 4.38128 2.92811 4.12082 1.12729  1.02038  0.94304  3  DA B OP1   
469 O OP2   . DA B 3  ? 3.94388 2.48894 3.46068 0.95807  0.77308  0.63814  3  DA B OP2   
470 O "O5'" . DA B 3  ? 4.18388 2.98267 3.42045 1.18167  0.76440  0.83880  3  DA B "O5'" 
471 C "C5'" . DA B 3  ? 4.24639 3.17361 3.40360 1.22556  0.69010  0.88034  3  DA B "C5'" 
472 C "C4'" . DA B 3  ? 4.56372 3.64916 3.40621 1.29318  0.56161  0.85449  3  DA B "C4'" 
473 O "O4'" . DA B 3  ? 4.55414 3.69108 3.33968 1.18450  0.37303  0.70137  3  DA B "O4'" 
474 C "C3'" . DA B 3  ? 4.68164 3.76294 3.34802 1.32227  0.55576  0.80835  3  DA B "C3'" 
475 O "O3'" . DA B 3  ? 5.06746 4.30999 3.44175 1.43422  0.47920  0.84354  3  DA B "O3'" 
476 C "C2'" . DA B 3  ? 4.62194 3.63145 3.32951 1.15826  0.42273  0.60559  3  DA B "C2'" 
477 C "C1'" . DA B 3  ? 4.71482 3.78418 3.46620 1.08269  0.29483  0.54636  3  DA B "C1'" 
478 N N9    . DA B 3  ? 3.98733 2.93908 2.97608 0.93489  0.28152  0.45153  3  DA B N9    
479 C C8    . DA B 3  ? 3.78614 2.58158 2.96338 0.85516  0.36325  0.40966  3  DA B C8    
480 N N7    . DA B 3  ? 3.58688 2.31005 2.95187 0.72770  0.32503  0.32620  3  DA B N7    
481 C C5    . DA B 3  ? 3.68428 2.52730 2.98182 0.72770  0.21779  0.31798  3  DA B C5    
482 C C6    . DA B 3  ? 3.57173 2.42369 2.98508 0.62734  0.13616  0.24822  3  DA B C6    
483 N N6    . DA B 3  ? 3.31339 2.04519 2.93653 0.50131  0.14802  0.16634  3  DA B N6    
484 N N1    . DA B 3  ? 3.71007 2.70567 3.01316 0.66338  0.04093  0.26704  3  DA B N1    
485 C C2    . DA B 3  ? 3.91800 3.03571 3.00799 0.78892  0.02399  0.34742  3  DA B C2    
486 N N3    . DA B 3  ? 4.03239 3.15570 2.98881 0.89114  0.09215  0.41481  3  DA B N3    
487 C C4    . DA B 3  ? 3.91987 2.90206 2.99187 0.85411  0.19022  0.39628  3  DA B C4    
488 P P     . DC B 4  ? 4.92918 4.23384 3.03968 1.42011  0.33065  0.70334  4  DC B P     
489 O OP1   . DC B 4  ? 5.04085 4.49861 2.90184 1.57405  0.32440  0.80916  4  DC B OP1   
490 O OP2   . DC B 4  ? 4.74804 3.93316 2.90201 1.37153  0.38280  0.62977  4  DC B OP2   
491 O "O5'" . DC B 4  ? 5.00675 4.35358 3.10667 1.29198  0.12608  0.54597  4  DC B "O5'" 
492 C "C5'" . DC B 4  ? 4.79877 4.28040 2.82003 1.33018  0.03809  0.58728  4  DC B "C5'" 
493 C "C4'" . DC B 4  ? 4.85671 4.36729 2.88409 1.19574  -0.15292 0.42818  4  DC B "C4'" 
494 O "O4'" . DC B 4  ? 4.82516 4.20316 3.11478 1.05779  -0.12681 0.35945  4  DC B "O4'" 
495 C "C3'" . DC B 4  ? 4.82825 4.36451 2.66704 1.14580  -0.30694 0.27200  4  DC B "C3'" 
496 O "O3'" . DC B 4  ? 4.80662 4.46649 2.53579 1.11157  -0.49046 0.20218  4  DC B "O3'" 
497 C "C2'" . DC B 4  ? 4.57137 3.95391 2.59922 0.99703  -0.30509 0.14870  4  DC B "C2'" 
498 C "C1'" . DC B 4  ? 4.47569 3.82396 2.73735 0.92900  -0.27276 0.18126  4  DC B "C1'" 
499 N N1    . DC B 4  ? 3.94186 3.12880 2.44384 0.80706  -0.21132 0.11715  4  DC B N1    
500 C C2    . DC B 4  ? 3.77846 2.93367 2.45517 0.67957  -0.27370 0.04505  4  DC B C2    
501 O O2    . DC B 4  ? 3.78644 3.05244 2.41852 0.67184  -0.37715 0.03883  4  DC B O2    
502 N N3    . DC B 4  ? 3.57897 2.58573 2.46900 0.56988  -0.21754 -0.01428 4  DC B N3    
503 C C4    . DC B 4  ? 3.52771 2.42206 2.46612 0.58238  -0.10798 -0.00264 4  DC B C4    
504 N N4    . DC B 4  ? 3.33466 2.08605 2.48789 0.47282  -0.05884 -0.06029 4  DC B N4    
505 C C5    . DC B 4  ? 3.71745 2.64506 2.48689 0.71138  -0.04066 0.07289  4  DC B C5    
506 C C6    . DC B 4  ? 3.92455 2.99822 2.47563 0.82011  -0.09477 0.12908  4  DC B C6    
507 P P     . DA B 5  ? 5.12028 4.86800 2.58965 1.11565  -0.65856 0.08329  5  DA B P     
508 O OP1   . DA B 5  ? 5.17412 5.06686 2.55144 1.21684  -0.62321 0.17772  5  DA B OP1   
509 O OP2   . DA B 5  ? 5.16196 4.78789 2.63627 1.05347  -0.65159 -0.02750 5  DA B OP2   
510 O "O5'" . DA B 5  ? 4.84339 4.65872 2.51190 0.91995  -0.79943 -0.04395 5  DA B "O5'" 
511 C "C5'" . DA B 5  ? 4.78346 4.73748 2.51208 0.89990  -0.84157 0.00242  5  DA B "C5'" 
512 C "C4'" . DA B 5  ? 4.38475 4.34362 2.31265 0.74385  -0.91347 -0.06781 5  DA B "C4'" 
513 O "O4'" . DA B 5  ? 4.39173 4.19486 2.35953 0.73823  -0.89224 -0.09500 5  DA B "O4'" 
514 C "C3'" . DA B 5  ? 4.06251 4.06524 2.13837 0.55614  -0.97372 -0.18161 5  DA B "C3'" 
515 O "O3'" . DA B 5  ? 3.94714 4.00167 2.19131 0.44156  -1.00303 -0.19512 5  DA B "O3'" 
516 C "C2'" . DA B 5  ? 4.10092 3.96664 2.20676 0.52034  -0.95032 -0.26136 5  DA B "C2'" 
517 C "C1'" . DA B 5  ? 4.12700 3.87731 2.23281 0.57584  -0.93058 -0.23017 5  DA B "C1'" 
518 N N9    . DA B 5  ? 4.27127 3.83234 2.29841 0.61905  -0.89173 -0.26216 5  DA B N9    
519 C C8    . DA B 5  ? 4.37069 3.87338 2.25416 0.69492  -0.84225 -0.26450 5  DA B C8    
520 N N7    . DA B 5  ? 4.36767 3.72442 2.41132 0.64851  -0.72438 -0.27201 5  DA B N7    
521 C C5    . DA B 5  ? 4.23531 3.54102 2.50169 0.54373  -0.71634 -0.28584 5  DA B C5    
522 C C6    . DA B 5  ? 4.18327 3.34333 2.68962 0.45222  -0.62133 -0.30351 5  DA B C6    
523 N N6    . DA B 5  ? 4.21172 3.24748 2.78352 0.45178  -0.51125 -0.30438 5  DA B N6    
524 N N1    . DA B 5  ? 4.11622 3.26622 2.79528 0.36291  -0.64249 -0.31911 5  DA B N1    
525 C C2    . DA B 5  ? 4.13840 3.41828 2.75794 0.36576  -0.74921 -0.31417 5  DA B C2    
526 N N3    . DA B 5  ? 3.98511 3.40892 2.39429 0.44477  -0.84729 -0.29507 5  DA B N3    
527 C C4    . DA B 5  ? 4.12535 3.55235 2.36103 0.53177  -0.82652 -0.28364 5  DA B C4    
528 P P     . DC B 6  ? 4.44560 4.63879 2.80577 0.29654  -1.03747 -0.20867 6  DC B P     
529 O OP1   . DC B 6  ? 4.67869 4.95368 2.91499 0.37468  -1.06871 -0.13500 6  DC B OP1   
530 O OP2   . DC B 6  ? 4.21877 4.39829 2.64499 0.20015  -1.02644 -0.28575 6  DC B OP2   
531 O "O5'" . DC B 6  ? 4.15337 4.37283 2.68816 0.20828  -1.03177 -0.21306 6  DC B "O5'" 
532 C "C5'" . DC B 6  ? 4.08813 4.18924 2.64369 0.25835  -1.01536 -0.22575 6  DC B "C5'" 
533 C "C4'" . DC B 6  ? 3.83343 3.88387 2.55886 0.13048  -0.97556 -0.30929 6  DC B "C4'" 
534 O "O4'" . DC B 6  ? 3.89066 3.78634 2.55016 0.17853  -0.96125 -0.35072 6  DC B "O4'" 
535 C "C3'" . DC B 6  ? 3.61868 3.73147 2.42301 0.04106  -0.97611 -0.35615 6  DC B "C3'" 
536 O "O3'" . DC B 6  ? 3.31284 3.39101 2.27201 -0.02538 -0.96568 -0.39732 6  DC B "O3'" 
537 C "C2'" . DC B 6  ? 3.51967 3.54998 2.27991 0.05029  -0.95719 -0.39993 6  DC B "C2'" 
538 C "C1'" . DC B 6  ? 3.53778 3.46643 2.33386 0.05661  -0.91440 -0.40607 6  DC B "C1'" 
539 N N1    . DC B 6  ? 3.63431 3.42458 2.35157 0.10392  -0.90424 -0.44491 6  DC B N1    
540 C C2    . DC B 6  ? 3.56258 3.22102 2.38645 0.06021  -0.86803 -0.48687 6  DC B C2    
541 O O2    . DC B 6  ? 3.56534 3.23866 2.55276 -0.01621 -0.83676 -0.48880 6  DC B O2    
542 N N3    . DC B 6  ? 3.70061 3.22318 2.45167 0.09904  -0.85611 -0.52138 6  DC B N3    
543 C C4    . DC B 6  ? 4.00647 3.52661 2.56887 0.19267  -0.87436 -0.51643 6  DC B C4    
544 N N4    . DC B 6  ? 4.12918 3.50578 2.61210 0.23452  -0.85047 -0.55344 6  DC B N4    
545 C C5    . DC B 6  ? 4.22365 3.88843 2.67739 0.24414  -0.90562 -0.46998 6  DC B C5    
546 C C6    . DC B 6  ? 3.95012 3.74112 2.49482 0.18835  -0.92235 -0.43621 6  DC B C6    
547 P P     . DA B 7  ? 3.68167 3.76683 2.70347 -0.06678 -1.00234 -0.43687 7  DA B P     
548 O OP1   . DA B 7  ? 3.76378 3.95492 2.77406 -0.06470 -1.04091 -0.40402 7  DA B OP1   
549 O OP2   . DA B 7  ? 3.71366 3.77493 2.66407 -0.04943 -1.02670 -0.46741 7  DA B OP2   
550 O "O5'" . DA B 7  ? 3.56569 3.55969 2.74488 -0.12461 -0.96043 -0.46431 7  DA B "O5'" 
551 C "C5'" . DA B 7  ? 3.48352 3.37576 2.71077 -0.13603 -0.91050 -0.47997 7  DA B "C5'" 
552 C "C4'" . DA B 7  ? 3.35277 3.17899 2.62570 -0.15793 -0.91039 -0.50855 7  DA B "C4'" 
553 O "O4'" . DA B 7  ? 3.31343 3.06666 2.57547 -0.14947 -0.87622 -0.52299 7  DA B "O4'" 
554 C "C3'" . DA B 7  ? 3.55990 3.42859 2.75877 -0.14109 -0.96429 -0.52597 7  DA B "C3'" 
555 O "O3'" . DA B 7  ? 3.47146 3.39467 2.69903 -0.16008 -0.99898 -0.52035 7  DA B "O3'" 
556 C "C2'" . DA B 7  ? 3.60402 3.39169 2.84515 -0.15446 -0.95052 -0.55007 7  DA B "C2'" 
557 C "C1'" . DA B 7  ? 3.45228 3.18496 2.69292 -0.14587 -0.89931 -0.54765 7  DA B "C1'" 
558 N N9    . DA B 7  ? 3.50711 3.24373 2.62351 -0.10207 -0.90618 -0.56244 7  DA B N9    
559 C C8    . DA B 7  ? 3.75908 3.55964 2.74814 -0.06045 -0.95209 -0.56691 7  DA B C8    
560 N N7    . DA B 7  ? 3.99618 3.78184 2.87623 -0.01844 -0.94171 -0.57455 7  DA B N7    
561 C C5    . DA B 7  ? 3.77922 3.48390 2.72723 -0.03984 -0.88571 -0.58105 7  DA B C5    
562 C C6    . DA B 7  ? 3.88857 3.53553 2.77806 -0.01771 -0.84403 -0.59323 7  DA B C6    
563 N N6    . DA B 7  ? 4.12034 3.78757 2.84785 0.04207  -0.85082 -0.59484 7  DA B N6    
564 N N1    . DA B 7  ? 3.73267 3.29826 2.73353 -0.05737 -0.78946 -0.60050 7  DA B N1    
565 C C2    . DA B 7  ? 3.62717 3.18120 2.77528 -0.10703 -0.78052 -0.58706 7  DA B C2    
566 N N3    . DA B 7  ? 3.44998 3.05406 2.64932 -0.12430 -0.81390 -0.57123 7  DA B N3    
567 C C4    . DA B 7  ? 3.55672 3.23201 2.65493 -0.09218 -0.86544 -0.57262 7  DA B C4    
568 P P     . DG C 1  ? 3.35940 2.80409 3.22191 0.40151  -1.20772 -0.70135 8  DG C P     
569 O OP1   . DG C 1  ? 3.62821 2.78395 3.33632 0.44881  -1.12175 -0.64069 8  DG C OP1   
570 O OP2   . DG C 1  ? 3.28232 2.82725 3.00622 0.40975  -1.35968 -0.80218 8  DG C OP2   
571 O "O5'" . DG C 1  ? 3.10623 2.81840 3.35326 0.33888  -1.24632 -0.71954 8  DG C "O5'" 
572 C "C5'" . DG C 1  ? 3.11213 2.84214 3.57332 0.30889  -1.11411 -0.63513 8  DG C "C5'" 
573 C "C4'" . DG C 1  ? 3.06208 2.81958 3.73033 0.29283  -1.11730 -0.62949 8  DG C "C4'" 
574 O "O4'" . DG C 1  ? 3.32193 2.78512 3.78384 0.34692  -1.06153 -0.58957 8  DG C "O4'" 
575 C "C3'" . DG C 1  ? 3.03619 2.86426 3.98284 0.25159  -0.99417 -0.55208 8  DG C "C3'" 
576 O "O3'" . DG C 1  ? 2.78758 2.92083 4.00369 0.19095  -1.04442 -0.58317 8  DG C "O3'" 
577 C "C2'" . DG C 1  ? 3.06961 2.81731 4.10687 0.25823  -0.98827 -0.54243 8  DG C "C2'" 
578 C "C1'" . DG C 1  ? 3.32813 2.77645 4.00691 0.32735  -0.98635 -0.53771 8  DG C "C1'" 
579 N N9    . DG C 1  ? 3.59149 2.74924 4.12277 0.36259  -0.81900 -0.43330 8  DG C N9    
580 C C8    . DG C 1  ? 3.84855 2.73694 4.03620 0.41943  -0.76894 -0.40265 8  DG C C8    
581 N N7    . DG C 1  ? 4.05348 2.71854 4.17487 0.43853  -0.61376 -0.30744 8  DG C N7    
582 C C5    . DG C 1  ? 3.92700 2.71623 4.36975 0.39274  -0.55647 -0.27232 8  DG C C5    
583 C C6    . DG C 1  ? 4.04736 2.70123 4.58040 0.38751  -0.39550 -0.17592 8  DG C C6    
584 O O6    . DG C 1  ? 4.29774 2.68813 4.63622 0.42223  -0.26828 -0.10050 8  DG C O6    
585 N N1    . DG C 1  ? 3.84705 2.70651 4.73693 0.33397  -0.38880 -0.17281 8  DG C N1    
586 C C2    . DG C 1  ? 3.56976 2.72984 4.69798 0.29003  -0.52134 -0.25255 8  DG C C2    
587 N N2    . DG C 1  ? 3.43276 2.75742 4.89351 0.24085  -0.48942 -0.23508 8  DG C N2    
588 N N3    . DG C 1  ? 3.45221 2.74439 4.49818 0.29288  -0.67319 -0.34390 8  DG C N3    
589 C C4    . DG C 1  ? 3.64239 2.73529 4.34221 0.34587  -0.68167 -0.34853 8  DG C C4    
590 P P     . DG C 2  ? 2.76938 2.97164 3.97252 0.17425  -0.98526 -0.54943 9  DG C P     
591 O OP1   . DG C 2  ? 2.55967 2.92680 3.68898 0.16454  -1.13318 -0.64221 9  DG C OP1   
592 O OP2   . DG C 2  ? 3.04415 2.95568 4.01243 0.22142  -0.83867 -0.46560 9  DG C OP2   
593 O "O5'" . DG C 2  ? 2.59431 3.01529 4.16575 0.11150  -0.92754 -0.50830 9  DG C "O5'" 
594 C "C5'" . DG C 2  ? 2.36440 2.93994 4.20241 0.07494  -0.97464 -0.53328 9  DG C "C5'" 
595 C "C4'" . DG C 2  ? 2.58646 3.01902 4.53667 0.07836  -0.82663 -0.44316 9  DG C "C4'" 
596 O "O4'" . DG C 2  ? 2.84603 2.98982 4.55440 0.13533  -0.79267 -0.42522 9  DG C "O4'" 
597 C "C3'" . DG C 2  ? 2.72001 3.06953 4.69740 0.07589  -0.65999 -0.34348 9  DG C "C3'" 
598 O "O3'" . DG C 2  ? 2.51943 3.13820 4.82042 0.01407  -0.65289 -0.33244 9  DG C "O3'" 
599 C "C2'" . DG C 2  ? 2.97851 3.08907 4.93207 0.10265  -0.53263 -0.27059 9  DG C "C2'" 
600 C "C1'" . DG C 2  ? 3.00823 2.95293 4.71459 0.14987  -0.61787 -0.32152 9  DG C "C1'" 
601 N N9    . DG C 2  ? 3.26931 2.92171 4.62423 0.20980  -0.55106 -0.28513 9  DG C N9    
602 C C8    . DG C 2  ? 3.29316 2.87865 4.37035 0.24545  -0.63319 -0.33635 9  DG C C8    
603 N N7    . DG C 2  ? 3.51958 2.82799 4.31039 0.29651  -0.54631 -0.28820 9  DG C N7    
604 C C5    . DG C 2  ? 3.62605 2.80795 4.50996 0.29365  -0.39236 -0.19724 9  DG C C5    
605 C C6    . DG C 2  ? 3.86912 2.75874 4.55039 0.33354  -0.24432 -0.11433 9  DG C C6    
606 O O6    . DG C 2  ? 4.05312 2.72781 4.41502 0.38229  -0.22121 -0.10478 9  DG C O6    
607 N N1    . DG C 2  ? 3.89266 2.75090 4.77719 0.31113  -0.11360 -0.03829 9  DG C N1    
608 C C2    . DG C 2  ? 3.72863 2.81324 4.96928 0.25769  -0.12791 -0.04355 9  DG C C2    
609 N N2    . DG C 2  ? 3.96447 2.98182 5.36116 0.24263  0.01088  0.03450  9  DG C N2    
610 N N3    . DG C 2  ? 3.48938 2.84900 4.91846 0.22037  -0.26761 -0.12103 9  DG C N3    
611 C C4    . DG C 2  ? 3.45654 2.84859 4.69202 0.24047  -0.39307 -0.19434 9  DG C C4    
612 P P     . DC C 3  ? 2.41846 3.06942 4.76320 -0.00070 -0.54700 -0.26620 10 DC C P     
613 O OP1   . DC C 3  ? 2.17298 3.11523 4.87487 -0.06570 -0.56676 -0.26658 10 DC C OP1   
614 O OP2   . DC C 3  ? 2.66673 3.24837 4.73688 0.02946  -0.58563 -0.29236 10 DC C OP2   
615 O "O5'" . DC C 3  ? 2.69707 3.09332 5.00449 0.02674  -0.35610 -0.16109 10 DC C "O5'" 
616 C "C5'" . DC C 3  ? 2.74594 3.16753 5.29761 0.00238  -0.28818 -0.12071 10 DC C "C5'" 
617 C "C4'" . DC C 3  ? 3.10198 3.24158 5.54382 0.03720  -0.11118 -0.02715 10 DC C "C4'" 
618 O "O4'" . DC C 3  ? 3.22874 3.11156 5.36728 0.09212  -0.12105 -0.03808 10 DC C "O4'" 
619 C "C3'" . DC C 3  ? 3.26272 3.30613 5.59782 0.05157  0.00539  0.03474  10 DC C "C3'" 
620 O "O3'" . DC C 3  ? 3.16404 3.37366 5.79468 0.00636  0.07963  0.08202  10 DC C "O3'" 
621 C "C2'" . DC C 3  ? 3.41947 3.13282 5.53459 0.10057  0.13947  0.09966  10 DC C "C2'" 
622 C "C1'" . DC C 3  ? 3.41959 3.03724 5.35125 0.13132  0.02957  0.03950  10 DC C "C1'" 
623 N N1    . DC C 3  ? 3.45526 2.91470 5.02802 0.18047  -0.01744 0.00820  10 DC C N1    
624 C C2    . DC C 3  ? 3.72618 2.89753 5.04237 0.22621  0.11180  0.07206  10 DC C C2    
625 O O2    . DC C 3  ? 3.82355 2.88287 5.21926 0.22338  0.26102  0.15149  10 DC C O2    
626 N N3    . DC C 3  ? 3.79318 2.81924 4.78326 0.27084  0.07129  0.04386  10 DC C N3    
627 C C4    . DC C 3  ? 3.63034 2.78848 4.54916 0.27126  -0.09107 -0.04477 10 DC C C4    
628 N N4    . DC C 3  ? 3.75474 2.75940 4.34764 0.31688  -0.12496 -0.07078 10 DC C N4    
629 C C5    . DC C 3  ? 3.41271 2.86674 4.59133 0.22399  -0.22436 -0.11187 10 DC C C5    
630 C C6    . DC C 3  ? 3.33725 2.93301 4.83572 0.17966  -0.18231 -0.08230 10 DC C C6    
631 P P     . DT C 4  ? 3.14503 3.36189 5.75377 0.00479  0.16466  0.12930  11 DT C P     
632 O OP1   . DT C 4  ? 2.75350 3.24033 5.70987 -0.05272 0.16300  0.14212  11 DT C OP1   
633 O OP2   . DT C 4  ? 3.33935 3.50218 5.66317 0.03559  0.08370  0.08074  11 DT C OP2   
634 O "O5'" . DT C 4  ? 3.41778 3.34908 5.91333 0.03926  0.36023  0.22303  11 DT C "O5'" 
635 C "C5'" . DT C 4  ? 3.47201 3.36188 5.96701 0.04133  0.47811  0.28236  11 DT C "C5'" 
636 C "C4'" . DT C 4  ? 3.76075 3.37448 6.14876 0.07297  0.65665  0.36305  11 DT C "C4'" 
637 O "O4'" . DT C 4  ? 3.77606 3.19803 5.96640 0.10708  0.63635  0.34767  11 DT C "O4'" 
638 C "C3'" . DT C 4  ? 3.82352 3.25208 5.97649 0.10870  0.75903  0.40277  11 DT C "C3'" 
639 O "O3'" . DT C 4  ? 3.80882 3.31773 6.17103 0.08310  0.87065  0.46104  11 DT C "O3'" 
640 C "C2'" . DT C 4  ? 3.96643 3.08304 5.88262 0.15327  0.86196  0.44311  11 DT C "C2'" 
641 C "C1'" . DT C 4  ? 3.98146 3.11439 5.85374 0.15798  0.73201  0.38420  11 DT C "C1'" 
642 N N1    . DT C 4  ? 3.98369 3.06497 5.56783 0.19149  0.60760  0.31707  11 DT C N1    
643 C C2    . DT C 4  ? 4.22544 3.03217 5.46837 0.24368  0.66891  0.33689  11 DT C C2    
644 O O2    . DT C 4  ? 4.56223 3.16363 5.72234 0.26310  0.82324  0.40754  11 DT C O2    
645 N N3    . DT C 4  ? 4.07236 2.85630 5.07283 0.27149  0.54287  0.26922  11 DT C N3    
646 C C4    . DT C 4  ? 3.97147 2.97474 5.03648 0.25202  0.36686  0.18432  11 DT C C4    
647 O O4    . DT C 4  ? 4.06167 3.02588 4.89524 0.27974  0.26353  0.12560  11 DT C O4    
648 C C5    . DT C 4  ? 3.76226 3.04693 5.18690 0.19573  0.31300  0.16801  11 DT C C5    
649 C C7    . DT C 4  ? 3.58499 3.12643 5.10737 0.16762  0.12695  0.07662  11 DT C C7    
650 C C6    . DT C 4  ? 3.77688 3.08644 5.43988 0.16897  0.43341  0.23463  11 DT C C6    
651 P P     . DG C 5  ? 4.12737 3.45527 6.54835 0.09046  1.07760  0.55444  12 DG C P     
652 O OP1   . DG C 5  ? 4.41015 3.67994 6.92519 0.08405  1.10500  0.57022  12 DG C OP1   
653 O OP2   . DG C 5  ? 4.01017 3.49311 6.67190 0.05875  1.14149  0.59142  12 DG C OP2   
654 O "O5'" . DG C 5  ? 4.23244 3.26183 6.28481 0.14551  1.17111  0.58059  12 DG C "O5'" 
655 C "C5'" . DG C 5  ? 4.47453 3.23375 6.37880 0.17522  1.30321  0.63371  12 DG C "C5'" 
656 C "C4'" . DG C 5  ? 4.64425 3.16158 6.15556 0.22773  1.31946  0.62623  12 DG C "C4'" 
657 O "O4'" . DG C 5  ? 4.42334 2.97948 5.77247 0.24258  1.14802  0.54882  12 DG C "O4'" 
658 C "C3'" . DG C 5  ? 4.54211 3.05782 5.97165 0.23705  1.36627  0.63569  12 DG C "C3'" 
659 O "O3'" . DG C 5  ? 4.88811 3.15687 6.16261 0.26510  1.53921  0.69953  12 DG C "O3'" 
660 C "C2'" . DG C 5  ? 4.38156 2.90588 5.55964 0.26185  1.21962  0.56219  12 DG C "C2'" 
661 C "C1'" . DG C 5  ? 4.42166 2.88256 5.49046 0.27641  1.12492  0.52453  12 DG C "C1'" 
662 N N9    . DG C 5  ? 4.30611 2.91225 5.31022 0.27550  0.93436  0.43760  12 DG C N9    
663 C C8    . DG C 5  ? 4.13944 3.02979 5.38705 0.23384  0.79883  0.38548  12 DG C C8    
664 N N7    . DG C 5  ? 4.12921 3.08661 5.23786 0.24363  0.64488  0.30881  12 DG C N7    
665 C C5    . DG C 5  ? 4.36268 3.06413 5.11487 0.29630  0.67949  0.31104  12 DG C C5    
666 C C6    . DG C 5  ? 4.33824 2.97919 4.80845 0.32963  0.56414  0.24559  12 DG C C6    
667 O O6    . DG C 5  ? 4.25493 3.06215 4.73550 0.31843  0.40416  0.16888  12 DG C O6    
668 N N1    . DG C 5  ? 4.43719 2.79134 4.58525 0.38011  0.65336  0.27532  12 DG C N1    
669 C C2    . DG C 5  ? 4.73328 2.88664 4.83806 0.39465  0.83312  0.35742  12 DG C C2    
670 N N2    . DG C 5  ? 5.05482 2.94420 4.82715 0.44296  0.89761  0.37442  12 DG C N2    
671 N N3    . DG C 5  ? 4.62994 2.83914 4.99890 0.36314  0.94299  0.41745  12 DG C N3    
672 C C4    . DG C 5  ? 4.46642 2.95084 5.14982 0.31569  0.85668  0.39032  12 DG C C4    
673 P P     . DC C 6  ? 4.77993 3.02634 6.01586 0.27207  1.63352  0.72651  13 DC C P     
674 O OP1   . DC C 6  ? 5.11008 3.17424 6.35671 0.27937  1.83167  0.80424  13 DC C OP1   
675 O OP2   . DC C 6  ? 4.44291 2.98085 5.93977 0.23296  1.54564  0.69906  13 DC C OP2   
676 O "O5'" . DC C 6  ? 4.62440 2.71705 5.47278 0.31812  1.57364  0.68289  13 DC C "O5'" 
677 C "C5'" . DC C 6  ? 4.81391 2.66626 5.36276 0.35821  1.57849  0.67932  13 DC C "C5'" 
678 C "C4'" . DC C 6  ? 4.97022 2.72175 5.18806 0.39695  1.51360  0.63328  13 DC C "C4'" 
679 O "O4'" . DC C 6  ? 4.94610 2.84232 5.13711 0.39388  1.31967  0.55484  13 DC C "O4'" 
680 C "C3'" . DC C 6  ? 4.82068 2.63449 5.04605 0.39428  1.55055  0.63404  13 DC C "C3'" 
681 O "O3'" . DC C 6  ? 5.09409 2.66817 4.98338 0.43879  1.62325  0.64163  13 DC C "O3'" 
682 C "C2'" . DC C 6  ? 4.57324 2.63445 4.87854 0.37447  1.36597  0.55968  13 DC C "C2'" 
683 C "C1'" . DC C 6  ? 4.73533 2.73883 4.86367 0.39502  1.24308  0.50939  13 DC C "C1'" 
684 N N1    . DC C 6  ? 4.70078 2.96086 4.97409 0.36688  1.05704  0.43819  13 DC C N1    
685 C C2    . DC C 6  ? 4.68446 2.95511 4.73715 0.38828  0.91635  0.36449  13 DC C C2    
686 O O2    . DC C 6  ? 4.59776 2.66488 4.33970 0.43116  0.94690  0.36028  13 DC C O2    
687 N N3    . DC C 6  ? 4.51417 3.02038 4.69908 0.36078  0.74873  0.29722  13 DC C N3    
688 C C4    . DC C 6  ? 4.36848 3.09358 4.88758 0.31364  0.71921  0.30232  13 DC C C4    
689 N N4    . DC C 6  ? 4.24131 3.19756 4.87676 0.28600  0.55232  0.23209  13 DC C N4    
690 C C5    . DC C 6  ? 4.26932 2.98888 5.01953 0.29170  0.86014  0.37785  13 DC C C5    
691 C C6    . DC C 6  ? 4.43881 2.92294 5.05658 0.31956  1.02546  0.44314  13 DC C C6    
692 P P     . DT C 7  ? 5.32840 2.83921 5.21163 0.44305  1.77071  0.68427  14 DT C P     
693 O OP1   . DT C 7  ? 5.59295 2.84233 5.33947 0.46581  1.94687  0.74822  14 DT C OP1   
694 O OP2   . DT C 7  ? 5.07275 2.83912 5.31407 0.39790  1.76324  0.69400  14 DT C OP2   
695 O "O5'" . DT C 7  ? 5.15190 2.61965 4.75070 0.47392  1.69210  0.62791  14 DT C "O5'" 
696 C "C5'" . DT C 7  ? 5.30460 2.54222 4.53093 0.52027  1.67933  0.60730  14 DT C "C5'" 
697 C "C4'" . DT C 7  ? 5.31581 2.60180 4.35054 0.53810  1.55101  0.53601  14 DT C "C4'" 
698 O "O4'" . DT C 7  ? 5.27405 2.69986 4.32965 0.53028  1.36830  0.47268  14 DT C "O4'" 
699 C "C3'" . DT C 7  ? 5.24094 2.70985 4.43816 0.51414  1.53919  0.52367  14 DT C "C3'" 
700 O "O3'" . DT C 7  ? 5.43119 2.74412 4.50064 0.53449  1.68272  0.55866  14 DT C "O3'" 
701 C "C2'" . DT C 7  ? 5.10542 2.68323 4.17360 0.52095  1.35564  0.43960  14 DT C "C2'" 
702 C "C1'" . DT C 7  ? 5.03824 2.63300 4.09311 0.52184  1.24441  0.41022  14 DT C "C1'" 
703 N N1    . DT C 7  ? 4.84009 2.72849 4.20486 0.47542  1.11291  0.37743  14 DT C N1    
704 C C2    . DT C 7  ? 4.78563 2.78156 4.09096 0.47530  0.93394  0.30211  14 DT C C2    
705 O O2    . DT C 7  ? 4.84352 2.71236 3.86017 0.51193  0.86976  0.25906  14 DT C O2    
706 N N3    . DT C 7  ? 4.61549 2.87891 4.22046 0.42923  0.83319  0.27825  14 DT C N3    
707 C C4    . DT C 7  ? 4.48286 2.91102 4.42726 0.38558  0.88930  0.32208  14 DT C C4    
708 O O4    . DT C 7  ? 4.29351 2.96034 4.48670 0.34517  0.79018  0.29585  14 DT C O4    
709 C C5    . DT C 7  ? 4.49273 2.79672 4.48150 0.39007  1.07276  0.39928  14 DT C C5    
710 C C7    . DT C 7  ? 4.32659 2.79395 4.67670 0.34598  1.14434  0.45016  14 DT C C7    
711 C C6    . DT C 7  ? 4.67531 2.71990 4.37824 0.43358  1.17523  0.42216  14 DT C C6    
712 O OP3   . DC D 1  ? 4.29134 3.94119 5.38212 -0.16308 -1.20829 -0.28855 1  DC D OP3   
713 P P     . DC D 1  ? 4.37122 3.76416 5.33226 -0.07461 -1.14620 -0.23153 1  DC D P     
714 O OP1   . DC D 1  ? 4.68193 4.00790 5.33062 -0.16938 -1.23157 -0.19063 1  DC D OP1   
715 O OP2   . DC D 1  ? 3.82961 3.27066 5.02448 -0.03658 -0.99572 -0.32208 1  DC D OP2   
716 O "O5'" . DC D 1  ? 4.21513 3.36653 5.14499 0.08366  -1.15671 -0.11443 1  DC D "O5'" 
717 C "C5'" . DC D 1  ? 4.38267 3.54411 5.30017 0.10576  -1.26392 -0.05070 1  DC D "C5'" 
718 C "C4'" . DC D 1  ? 4.35719 3.43145 5.47562 0.25867  -1.20136 -0.02571 1  DC D "C4'" 
719 O "O4'" . DC D 1  ? 4.36931 3.15157 5.32996 0.37104  -1.20122 0.08124  1  DC D "O4'" 
720 C "C3'" . DC D 1  ? 3.93135 3.07623 5.33047 0.31325  -1.04532 -0.12001 1  DC D "C3'" 
721 O "O3'" . DC D 1  ? 3.92112 3.14282 5.55891 0.38912  -1.02099 -0.13930 1  DC D "O3'" 
722 C "C2'" . DC D 1  ? 3.95840 2.84329 5.26166 0.41241  -0.97253 -0.06114 1  DC D "C2'" 
723 C "C1'" . DC D 1  ? 4.25922 2.96447 5.40836 0.48359  -1.06635 0.05481  1  DC D "C1'" 
724 N N1    . DC D 1  ? 4.15057 2.58922 5.13736 0.56181  -1.02752 0.13152  1  DC D N1    
725 C C2    . DC D 1  ? 4.09182 2.35114 5.11219 0.69258  -1.00781 0.19748  1  DC D C2    
726 O O2    . DC D 1  ? 4.05775 2.38060 5.23370 0.74368  -1.03511 0.19572  1  DC D O2    
727 N N3    . DC D 1  ? 4.00116 2.06656 4.85823 0.73986  -0.93964 0.25613  1  DC D N3    
728 C C4    . DC D 1  ? 3.97456 1.97390 4.67520 0.68584  -0.91978 0.25830  1  DC D C4    
729 N N4    . DC D 1  ? 4.04420 1.97619 4.55915 0.69664  -0.79595 0.30485  1  DC D N4    
730 C C5    . DC D 1  ? 3.98724 2.14014 4.67317 0.56884  -0.95187 0.19233  1  DC D C5    
731 C C6    . DC D 1  ? 4.02268 2.40420 4.85347 0.50610  -0.99527 0.12631  1  DC D C6    
732 P P     . DT D 2  ? 3.84268 3.07178 5.76445 0.48679  -0.86455 -0.20714 2  DT D P     
733 O OP1   . DT D 2  ? 3.76825 3.27551 5.92594 0.42240  -0.84296 -0.31191 2  DT D OP1   
734 O OP2   . DT D 2  ? 3.71742 2.82618 5.62222 0.51129  -0.75600 -0.22341 2  DT D OP2   
735 O "O5'" . DT D 2  ? 4.20553 3.26301 6.15868 0.63078  -0.87357 -0.12651 2  DT D "O5'" 
736 C "C5'" . DT D 2  ? 3.99738 3.14319 6.21734 0.70331  -0.80976 -0.17516 2  DT D "C5'" 
737 C "C4'" . DT D 2  ? 3.85969 2.80223 6.14339 0.83786  -0.71008 -0.14654 2  DT D "C4'" 
738 O "O4'" . DT D 2  ? 3.77384 2.46786 5.80561 0.87351  -0.74374 -0.04670 2  DT D "O4'" 
739 C "C3'" . DT D 2  ? 3.76588 2.72846 6.18307 0.84171  -0.56249 -0.21925 2  DT D "C3'" 
740 O "O3'" . DT D 2  ? 3.74787 2.90834 6.43770 0.84079  -0.49030 -0.31474 2  DT D "O3'" 
741 C "C2'" . DT D 2  ? 3.74800 2.56663 5.89728 0.87473  -0.46155 -0.13558 2  DT D "C2'" 
742 C "C1'" . DT D 2  ? 3.83040 2.48078 5.74183 0.88476  -0.57112 -0.03884 2  DT D "C1'" 
743 N N1    . DT D 2  ? 3.85875 2.39102 5.55524 0.84538  -0.54901 -0.00363 2  DT D N1    
744 C C2    . DT D 2  ? 3.90155 2.32322 5.36114 0.86814  -0.44436 0.05528  2  DT D C2    
745 O O2    . DT D 2  ? 3.85630 2.26090 5.26642 0.91767  -0.37737 0.07564  2  DT D O2    
746 N N3    . DT D 2  ? 3.83499 2.16643 5.11369 0.83031  -0.42736 0.08399  2  DT D N3    
747 C C4    . DT D 2  ? 3.67917 2.00994 4.97990 0.76991  -0.50651 0.05973  2  DT D C4    
748 O O4    . DT D 2  ? 3.53851 1.78571 4.66129 0.73760  -0.48353 0.08896  2  DT D O4    
749 C C5    . DT D 2  ? 3.62619 2.06199 5.17183 0.74633  -0.62298 -0.00943 2  DT D C5    
750 C C7    . DT D 2  ? 3.55772 2.09513 5.02876 0.62807  -0.67975 -0.05316 2  DT D C7    
751 C C6    . DT D 2  ? 3.68901 2.22746 5.42684 0.78680  -0.63596 -0.03765 2  DT D C6    
752 P P     . DG D 3  ? 3.83862 3.03770 6.55737 0.89236  -0.42175 -0.30113 3  DG D P     
753 O OP1   . DG D 3  ? 4.01061 3.12462 6.63896 0.94758  -0.52806 -0.22217 3  DG D OP1   
754 O OP2   . DG D 3  ? 3.87911 3.29509 6.88249 0.86249  -0.36342 -0.41428 3  DG D OP2   
755 O "O5'" . DG D 3  ? 3.51572 2.60249 6.00968 0.89896  -0.28641 -0.25443 3  DG D "O5'" 
756 C "C5'" . DG D 3  ? 3.78913 2.78572 6.13114 0.95538  -0.25574 -0.19368 3  DG D "C5'" 
757 C "C4'" . DG D 3  ? 3.67558 2.57269 5.80022 0.95310  -0.15627 -0.15902 3  DG D "C4'" 
758 O "O4'" . DG D 3  ? 3.64819 2.43083 5.59297 0.93027  -0.17780 -0.11424 3  DG D "O4'" 
759 C "C3'" . DG D 3  ? 3.60308 2.60514 5.83008 0.91158  -0.05983 -0.21886 3  DG D "C3'" 
760 O "O3'" . DG D 3  ? 3.53727 2.47595 5.61217 0.93459  0.00710  -0.18974 3  DG D "O3'" 
761 C "C2'" . DG D 3  ? 3.68104 2.66835 5.87400 0.85939  -0.05555 -0.22547 3  DG D "C2'" 
762 C "C1'" . DG D 3  ? 3.51999 2.33010 5.44840 0.88758  -0.09995 -0.14074 3  DG D "C1'" 
763 N N9    . DG D 3  ? 3.43344 2.19654 5.30031 0.84774  -0.13415 -0.13093 3  DG D N9    
764 C C8    . DG D 3  ? 3.39869 2.23904 5.43786 0.80578  -0.19639 -0.18312 3  DG D C8    
765 N N7    . DG D 3  ? 3.36377 2.12653 5.28249 0.77276  -0.21841 -0.16214 3  DG D N7    
766 C C5    . DG D 3  ? 3.44590 2.08094 5.09895 0.79630  -0.15971 -0.09004 3  DG D C5    
767 C C6    . DG D 3  ? 3.49610 2.01248 4.92111 0.77884  -0.14789 -0.04105 3  DG D C6    
768 O O6    . DG D 3  ? 3.45708 1.94955 4.86297 0.73566  -0.18715 -0.04592 3  DG D O6    
769 N N1    . DG D 3  ? 3.59661 2.01709 4.79819 0.81436  -0.09116 0.00961  3  DG D N1    
770 C C2    . DG D 3  ? 3.61631 2.05031 4.82077 0.85740  -0.05872 0.00902  3  DG D C2    
771 N N2    . DG D 3  ? 3.80191 2.13791 4.78828 0.88137  -0.02844 0.04364  3  DG D N2    
772 N N3    . DG D 3  ? 3.44723 1.98601 4.85835 0.87277  -0.06483 -0.03040 3  DG D N3    
773 C C4    . DG D 3  ? 3.40651 2.04294 5.03164 0.84172  -0.11284 -0.07651 3  DG D C4    
774 P P     . DA D 4  ? 3.61511 2.64205 5.76787 0.89740  0.09418  -0.23265 4  DA D P     
775 O OP1   . DA D 4  ? 3.61331 2.69924 5.85977 0.92608  0.11205  -0.25642 4  DA D OP1   
776 O OP2   . DA D 4  ? 3.49581 2.63156 5.81267 0.83433  0.11405  -0.28733 4  DA D OP2   
777 O "O5'" . DA D 4  ? 3.65095 2.55074 5.55214 0.90254  0.12385  -0.17792 4  DA D "O5'" 
778 C "C5'" . DA D 4  ? 3.67818 2.43864 5.39621 0.94891  0.09332  -0.12082 4  DA D "C5'" 
779 C "C4'" . DA D 4  ? 3.77577 2.45715 5.39532 0.92494  0.12302  -0.08566 4  DA D "C4'" 
780 O "O4'" . DA D 4  ? 3.70448 2.32026 5.18089 0.90655  0.09499  -0.06011 4  DA D "O4'" 
781 C "C3'" . DA D 4  ? 3.53163 2.29704 5.29526 0.87472  0.19442  -0.10951 4  DA D "C3'" 
782 O "O3'" . DA D 4  ? 3.59009 2.29051 5.29613 0.87195  0.22346  -0.07444 4  DA D "O3'" 
783 C "C2'" . DA D 4  ? 3.36493 2.16518 5.13092 0.82863  0.19972  -0.11986 4  DA D "C2'" 
784 C "C1'" . DA D 4  ? 3.43802 2.11811 4.98970 0.85121  0.13927  -0.07861 4  DA D "C1'" 
785 N N9    . DA D 4  ? 3.40574 2.11783 4.95026 0.82974  0.11256  -0.09969 4  DA D N9    
786 C C8    . DA D 4  ? 3.38238 2.20505 5.13820 0.81756  0.10086  -0.14957 4  DA D C8    
787 N N7    . DA D 4  ? 3.16633 2.01742 4.99098 0.78102  0.07831  -0.16975 4  DA D N7    
788 C C5    . DA D 4  ? 3.21189 1.95470 4.82554 0.77320  0.07952  -0.12231 4  DA D C5    
789 C C6    . DA D 4  ? 3.18337 1.89351 4.74615 0.73812  0.06148  -0.11654 4  DA D C6    
790 N N6    . DA D 4  ? 3.12502 1.91349 4.86442 0.70080  0.03299  -0.16769 4  DA D N6    
791 N N1    . DA D 4  ? 3.36978 1.96772 4.69913 0.73945  0.06746  -0.06551 4  DA D N1    
792 C C2    . DA D 4  ? 3.46457 1.99909 4.65797 0.76883  0.08392  -0.03159 4  DA D C2    
793 N N3    . DA D 4  ? 3.40620 1.97278 4.69354 0.79525  0.10328  -0.03708 4  DA D N3    
794 C C4    . DA D 4  ? 3.36355 2.02129 4.79289 0.80392  0.09806  -0.08044 4  DA D C4    
795 P P     . DT D 5  ? 3.71052 2.47715 5.54244 0.81774  0.30034  -0.07978 5  DT D P     
796 O OP1   . DT D 5  ? 3.77140 2.49307 5.59123 0.83238  0.32617  -0.05760 5  DT D OP1   
797 O OP2   . DT D 5  ? 3.72752 2.62013 5.74766 0.78506  0.33198  -0.13129 5  DT D OP2   
798 O "O5'" . DT D 5  ? 3.57198 2.29619 5.29833 0.78476  0.30113  -0.04758 5  DT D "O5'" 
799 C "C5'" . DT D 5  ? 3.56995 2.17516 5.10689 0.80195  0.27281  0.00100  5  DT D "C5'" 
800 C "C4'" . DT D 5  ? 3.53302 2.12447 5.00642 0.76181  0.28588  0.02520  5  DT D "C4'" 
801 O "O4'" . DT D 5  ? 3.45890 2.06140 4.89711 0.75547  0.24710  0.00648  5  DT D "O4'" 
802 C "C3'" . DT D 5  ? 3.43823 2.11765 5.06164 0.71162  0.36101  0.02217  5  DT D "C3'" 
803 O "O3'" . DT D 5  ? 3.44750 2.07781 4.97780 0.69074  0.38137  0.06807  5  DT D "O3'" 
804 C "C2'" . DT D 5  ? 3.16854 1.93068 4.88699 0.68397  0.36072  -0.01623 5  DT D "C2'" 
805 C "C1'" . DT D 5  ? 3.32902 2.01274 4.87296 0.70682  0.29006  -0.00816 5  DT D "C1'" 
806 N N1    . DT D 5  ? 3.23947 1.98844 4.85030 0.69763  0.26751  -0.05421 5  DT D N1    
807 C C2    . DT D 5  ? 3.16065 1.90224 4.71132 0.67267  0.25121  -0.05566 5  DT D C2    
808 O O2    . DT D 5  ? 3.19595 1.87736 4.63410 0.65980  0.25222  -0.01848 5  DT D O2    
809 N N3    . DT D 5  ? 3.07851 1.89159 4.71091 0.66036  0.23463  -0.10592 5  DT D N3    
810 C C4    . DT D 5  ? 3.06665 1.95982 4.83134 0.67034  0.23194  -0.15254 5  DT D C4    
811 O O4    . DT D 5  ? 3.03806 2.00722 4.91383 0.64964  0.22139  -0.20162 5  DT D O4    
812 C C5    . DT D 5  ? 3.18789 2.08208 5.00364 0.69916  0.24796  -0.14514 5  DT D C5    
813 C C7    . DT D 5  ? 3.14900 2.13090 5.10691 0.71182  0.24644  -0.19392 5  DT D C7    
814 C C6    . DT D 5  ? 3.24339 2.06431 4.98092 0.71134  0.26496  -0.09774 5  DT D C6    
815 P P     . DG D 6  ? 3.54947 2.24026 5.20061 0.64752  0.46293  0.08646  6  DG D P     
816 O OP1   . DG D 6  ? 3.51875 2.14939 5.10010 0.65764  0.48211  0.12376  6  DG D OP1   
817 O OP2   . DG D 6  ? 3.42659 2.22184 5.28171 0.62676  0.50227  0.04564  6  DG D OP2   
818 O "O5'" . DG D 6  ? 3.32839 2.01698 4.91858 0.61560  0.46666  0.10946  6  DG D "O5'" 
819 C "C5'" . DG D 6  ? 3.51444 2.10699 4.90592 0.62575  0.42854  0.14679  6  DG D "C5'" 
820 C "C4'" . DG D 6  ? 3.31410 1.90649 4.64465 0.60695  0.40142  0.14358  6  DG D "C4'" 
821 O "O4'" . DG D 6  ? 3.22277 1.85108 4.60599 0.61594  0.36588  0.09565  6  DG D "O4'" 
822 C "C3'" . DG D 6  ? 3.14122 1.80524 4.56968 0.56330  0.45856  0.15467  6  DG D "C3'" 
823 O "O3'" . DG D 6  ? 3.15879 1.77195 4.44269 0.55272  0.43308  0.18003  6  DG D "O3'" 
824 C "C2'" . DG D 6  ? 3.00480 1.76473 4.60441 0.54721  0.46801  0.10262  6  DG D "C2'" 
825 C "C1'" . DG D 6  ? 3.11255 1.82811 4.61848 0.57822  0.39625  0.07254  6  DG D "C1'" 
826 N N9    . DG D 6  ? 3.11260 1.91257 4.77557 0.57682  0.39757  0.01627  6  DG D N9    
827 C C8    . DG D 6  ? 3.26734 2.11889 5.06541 0.58385  0.42455  -0.00572 6  DG D C8    
828 N N7    . DG D 6  ? 3.31973 2.24748 5.24073 0.57715  0.41857  -0.05945 6  DG D N7    
829 C C5    . DG D 6  ? 3.05155 1.98041 4.92048 0.56492  0.38679  -0.07565 6  DG D C5    
830 C C6    . DG D 6  ? 2.97367 1.97597 4.93220 0.54965  0.36995  -0.13387 6  DG D C6    
831 O O6    . DG D 6  ? 3.08130 2.16646 5.18648 0.54350  0.37987  -0.18319 6  DG D O6    
832 N N1    . DG D 6  ? 2.94368 1.91904 4.80611 0.53756  0.33945  -0.13568 6  DG D N1    
833 C C2    . DG D 6  ? 2.99694 1.88049 4.68931 0.54070  0.32513  -0.08492 6  DG D C2    
834 N N2    . DG D 6  ? 3.20122 2.06667 4.81555 0.52507  0.29517  -0.09724 6  DG D N2    
835 N N3    . DG D 6  ? 2.95237 1.76972 4.55925 0.55409  0.34041  -0.02962 6  DG D N3    
836 C C4    . DG D 6  ? 3.00290 1.84956 4.70888 0.56535  0.37216  -0.02905 6  DG D C4    
837 P P     . DT D 7  ? 3.32156 1.98157 4.65140 0.51463  0.48604  0.20792  7  DT D P     
838 O OP1   . DT D 7  ? 3.35556 1.96051 4.52925 0.50958  0.43860  0.21640  7  DT D OP1   
839 O OP2   . DT D 7  ? 3.59846 2.26139 4.95217 0.50836  0.54285  0.24838  7  DT D OP2   
840 O "O5'" . DT D 7  ? 3.00477 1.77830 4.55455 0.48914  0.52341  0.16793  7  DT D "O5'" 
841 C "C5'" . DT D 7  ? 2.98736 1.81280 4.60296 0.45742  0.55232  0.17299  7  DT D "C5'" 
842 C "C4'" . DT D 7  ? 2.88291 1.70915 4.46016 0.45279  0.50494  0.13662  7  DT D "C4'" 
843 O "O4'" . DT D 7  ? 2.92032 1.72708 4.47212 0.47700  0.45555  0.09586  7  DT D "O4'" 
844 C "C3'" . DT D 7  ? 2.75054 1.68077 4.51981 0.41747  0.53959  0.10247  7  DT D "C3'" 
845 O "O3'" . DT D 7  ? 2.69717 1.63351 4.45044 0.39734  0.56378  0.13530  7  DT D "O3'" 
846 C "C2'" . DT D 7  ? 2.74188 1.67440 4.48534 0.42097  0.48608  0.04817  7  DT D "C2'" 
847 C "C1'" . DT D 7  ? 2.89621 1.77294 4.55587 0.45781  0.44648  0.04099  7  DT D "C1'" 
848 N N1    . DT D 7  ? 2.87987 1.84168 4.73098 0.45428  0.46781  -0.00722 7  DT D N1    
849 C C2    . DT D 7  ? 2.93368 1.97111 4.89973 0.43545  0.45700  -0.07110 7  DT D C2    
850 O O2    . DT D 7  ? 3.38293 2.42347 5.30882 0.42197  0.43201  -0.09280 7  DT D O2    
851 N N3    . DT D 7  ? 2.83866 1.95200 4.97326 0.42919  0.47875  -0.11268 7  DT D N3    
852 C C4    . DT D 7  ? 2.86370 1.97849 5.05513 0.44127  0.50713  -0.09687 7  DT D C4    
853 O O4    . DT D 7  ? 3.23710 2.41874 5.57418 0.43256  0.52364  -0.13857 7  DT D O4    
854 C C5    . DT D 7  ? 2.87799 1.91303 4.94810 0.46119  0.51786  -0.03165 7  DT D C5    
855 C C7    . DT D 7  ? 3.08537 2.11832 5.21024 0.47264  0.55055  -0.01501 7  DT D C7    
856 C C6    . DT D 7  ? 2.85362 1.81950 4.76350 0.46588  0.49869  0.00912  7  DT D C6    
# 
